data_4WNV
#
_entry.id   4WNV
#
_cell.length_a   57.569
_cell.length_b   192.699
_cell.length_c   249.588
_cell.angle_alpha   90.000
_cell.angle_beta   90.000
_cell.angle_gamma   90.000
#
_symmetry.space_group_name_H-M   'P 21 21 21'
#
loop_
_entity.id
_entity.type
_entity.pdbx_description
1 polymer 'Cytochrome P450 2D6'
2 non-polymer 'PROTOPORPHYRIN IX CONTAINING FE'
3 non-polymer Quinine
4 non-polymer GLYCEROL
5 non-polymer 'ZINC ION'
6 non-polymer 'SODIUM ION'
7 water water
#
_entity_poly.entity_id   1
_entity_poly.type   'polypeptide(L)'
_entity_poly.pdbx_seq_one_letter_code
;MAKKTSSKGKLPPGPLPLPGLGNLLHVDFQNTPYCFDQLRRRFGDVFSLQLAWTPVVVLNGLAAVREALVTHGEDTADRP
PVPITQILGFGPRSQGVFLARYGPAWREQRRFSVSTLRNLGLGKKSLEQWVTEEAACLCAAFANHSGRPFRPNGLLDKAV
SNVIASLTCGRRFEYDDPRFLRLLDLAQEGLKEESGFLREVLNAVPVLLHIPALAGKVLRFQKAFLTQLDELLTEHRMTW
DPAQPPRDLTEAFLAEMEKAKGNPESSFNDENLRIVVADLFSAGMVTTSTTLAWGLLLMILHPDVQRRVQQEIDDVIGQV
RRPEMGDQAHMPYTTAVIHEVQRFGDIVPLGVTHMTSRDIEVQGFRIPKGTTLITNLSSVLKDEAVWEKPFRFHPEHFLD
AQGHFVKPEAFLPFSAGRRACLGEPLARMELFLFFTSLLQHFSFSVPTGQPRPSHHGVFAFLVSPSPYELCAVPRHHHH
;
_entity_poly.pdbx_strand_id   A,B,C,D
#
# COMPACT_ATOMS: atom_id res chain seq x y z
N GLY A 9 -13.53 44.44 -2.80
CA GLY A 9 -12.32 43.73 -2.41
C GLY A 9 -11.10 44.16 -3.19
N LYS A 10 -10.02 43.39 -3.06
CA LYS A 10 -8.79 43.69 -3.80
C LYS A 10 -8.75 42.93 -5.14
N LEU A 11 -8.32 43.64 -6.18
CA LEU A 11 -8.16 43.04 -7.50
C LEU A 11 -7.05 42.00 -7.46
N PRO A 12 -7.20 40.93 -8.25
CA PRO A 12 -6.20 39.85 -8.32
C PRO A 12 -4.83 40.36 -8.80
N PRO A 13 -3.74 39.85 -8.18
CA PRO A 13 -2.39 40.29 -8.54
C PRO A 13 -2.02 39.89 -9.96
N GLY A 14 -0.88 40.38 -10.43
CA GLY A 14 -0.38 40.05 -11.75
C GLY A 14 0.80 40.93 -12.14
N PRO A 15 1.36 40.67 -13.32
CA PRO A 15 2.49 41.45 -13.83
C PRO A 15 2.10 42.91 -14.08
N LEU A 16 3.00 43.84 -13.80
CA LEU A 16 2.70 45.26 -14.01
C LEU A 16 2.43 45.55 -15.49
N PRO A 17 1.25 46.13 -15.79
CA PRO A 17 0.87 46.42 -17.18
C PRO A 17 1.63 47.61 -17.76
N LEU A 18 2.10 47.45 -19.00
CA LEU A 18 2.67 48.55 -19.79
C LEU A 18 1.62 49.65 -20.01
N PRO A 19 2.07 50.90 -20.23
CA PRO A 19 1.15 52.03 -20.42
C PRO A 19 0.03 51.81 -21.43
N GLY A 20 0.34 51.31 -22.63
CA GLY A 20 -0.65 51.15 -23.66
C GLY A 20 -0.87 49.70 -24.07
N LEU A 21 0.21 48.92 -24.01
CA LEU A 21 0.15 47.51 -24.36
C LEU A 21 -0.40 46.69 -23.19
N GLY A 22 -0.16 47.19 -21.98
CA GLY A 22 -0.57 46.48 -20.77
C GLY A 22 0.26 45.25 -20.50
N ASN A 23 -0.39 44.09 -20.44
CA ASN A 23 0.27 42.84 -20.11
C ASN A 23 0.55 42.01 -21.35
N LEU A 24 0.45 42.64 -22.51
CA LEU A 24 0.67 41.93 -23.77
C LEU A 24 2.11 41.40 -23.90
N LEU A 25 3.02 42.02 -23.15
CA LEU A 25 4.41 41.56 -23.10
C LEU A 25 4.52 40.12 -22.63
N PHE A 29 1.61 33.10 -28.50
CA PHE A 29 0.42 32.28 -28.73
C PHE A 29 0.74 30.80 -28.61
N GLN A 30 1.72 30.33 -29.38
CA GLN A 30 2.10 28.92 -29.42
C GLN A 30 2.59 28.40 -28.07
N ASN A 31 3.03 29.30 -27.21
CA ASN A 31 3.54 28.89 -25.91
C ASN A 31 2.73 29.41 -24.73
N THR A 32 1.49 29.83 -25.00
CA THR A 32 0.64 30.43 -23.96
C THR A 32 0.36 29.55 -22.74
N PRO A 33 -0.01 28.26 -22.93
CA PRO A 33 -0.28 27.49 -21.70
C PRO A 33 0.93 27.40 -20.76
N TYR A 34 2.15 27.34 -21.31
CA TYR A 34 3.35 27.33 -20.49
C TYR A 34 3.51 28.65 -19.72
N CYS A 35 3.39 29.76 -20.44
CA CYS A 35 3.44 31.10 -19.86
C CYS A 35 2.47 31.28 -18.69
N PHE A 36 1.26 30.73 -18.81
CA PHE A 36 0.27 30.84 -17.76
C PHE A 36 0.65 30.03 -16.52
N ASP A 37 1.26 28.86 -16.73
CA ASP A 37 1.73 28.04 -15.61
C ASP A 37 2.81 28.78 -14.81
N GLN A 38 3.61 29.58 -15.51
CA GLN A 38 4.66 30.39 -14.87
C GLN A 38 4.07 31.53 -14.02
N LEU A 39 3.07 32.22 -14.56
CA LEU A 39 2.36 33.28 -13.83
C LEU A 39 1.64 32.76 -12.58
N ARG A 40 1.09 31.56 -12.65
CA ARG A 40 0.40 30.98 -11.48
C ARG A 40 1.39 30.75 -10.34
N ARG A 41 2.52 30.11 -10.63
CA ARG A 41 3.56 29.88 -9.62
C ARG A 41 4.11 31.20 -9.12
N ARG A 42 4.05 32.22 -9.97
CA ARG A 42 4.53 33.53 -9.59
C ARG A 42 3.49 34.36 -8.82
N PHE A 43 2.25 34.41 -9.30
CA PHE A 43 1.26 35.34 -8.71
C PHE A 43 0.08 34.68 -8.01
N GLY A 44 -0.10 33.38 -8.22
CA GLY A 44 -1.14 32.66 -7.51
C GLY A 44 -2.25 32.16 -8.40
N ASP A 45 -3.22 31.50 -7.80
CA ASP A 45 -4.27 30.81 -8.54
C ASP A 45 -5.24 31.74 -9.24
N VAL A 46 -5.31 33.00 -8.81
CA VAL A 46 -6.18 33.96 -9.46
C VAL A 46 -5.43 35.23 -9.79
N PHE A 47 -5.06 35.39 -11.06
CA PHE A 47 -4.28 36.56 -11.44
C PHE A 47 -4.85 37.31 -12.64
N SER A 48 -4.43 38.57 -12.78
CA SER A 48 -4.97 39.51 -13.75
C SER A 48 -4.02 39.73 -14.91
N LEU A 49 -4.61 39.89 -16.09
CA LEU A 49 -3.86 40.23 -17.29
C LEU A 49 -4.65 41.24 -18.10
N GLN A 50 -3.96 42.14 -18.79
CA GLN A 50 -4.63 43.03 -19.72
C GLN A 50 -4.23 42.67 -21.15
N LEU A 51 -4.77 41.55 -21.63
CA LEU A 51 -4.54 41.11 -23.01
C LEU A 51 -5.31 41.99 -23.99
N ALA A 52 -4.56 42.66 -24.87
CA ALA A 52 -5.12 43.63 -25.82
C ALA A 52 -5.79 44.78 -25.07
N TRP A 53 -7.06 44.99 -25.35
CA TRP A 53 -7.82 46.05 -24.72
C TRP A 53 -8.84 45.47 -23.76
N THR A 54 -8.74 44.16 -23.54
CA THR A 54 -9.67 43.44 -22.68
C THR A 54 -9.02 43.15 -21.31
N PRO A 55 -9.80 43.36 -20.23
CA PRO A 55 -9.37 43.00 -18.87
C PRO A 55 -9.69 41.52 -18.62
N VAL A 56 -8.68 40.77 -18.21
CA VAL A 56 -8.80 39.32 -18.09
C VAL A 56 -8.41 38.84 -16.70
N VAL A 57 -9.17 37.87 -16.17
CA VAL A 57 -8.74 37.18 -14.96
C VAL A 57 -8.57 35.69 -15.24
N VAL A 58 -7.39 35.15 -14.96
CA VAL A 58 -7.13 33.72 -15.17
C VAL A 58 -7.38 32.93 -13.89
N LEU A 59 -8.09 31.81 -14.02
CA LEU A 59 -8.46 30.98 -12.87
C LEU A 59 -7.74 29.66 -12.95
N ASN A 60 -7.03 29.31 -11.88
CA ASN A 60 -6.23 28.09 -11.86
C ASN A 60 -6.60 27.21 -10.67
N GLY A 61 -6.64 25.91 -10.89
CA GLY A 61 -7.00 24.99 -9.84
C GLY A 61 -8.50 24.77 -9.78
N LEU A 62 -8.90 23.61 -9.22
CA LEU A 62 -10.29 23.22 -9.17
C LEU A 62 -11.11 24.22 -8.34
N ALA A 63 -10.54 24.66 -7.23
CA ALA A 63 -11.28 25.51 -6.29
C ALA A 63 -11.63 26.84 -6.93
N ALA A 64 -10.66 27.50 -7.55
CA ALA A 64 -10.91 28.77 -8.23
C ALA A 64 -11.93 28.63 -9.37
N VAL A 65 -11.75 27.59 -10.20
CA VAL A 65 -12.65 27.33 -11.30
C VAL A 65 -14.08 27.03 -10.83
N ARG A 66 -14.20 26.18 -9.80
CA ARG A 66 -15.52 25.82 -9.29
C ARG A 66 -16.23 27.02 -8.73
N GLU A 67 -15.50 27.81 -7.94
CA GLU A 67 -16.08 28.98 -7.29
C GLU A 67 -16.64 29.93 -8.35
N ALA A 68 -15.87 30.16 -9.41
CA ALA A 68 -16.36 31.01 -10.51
C ALA A 68 -17.53 30.37 -11.25
N LEU A 69 -17.39 29.11 -11.63
CA LEU A 69 -18.37 28.53 -12.55
C LEU A 69 -19.56 27.87 -11.85
N VAL A 70 -19.39 27.39 -10.62
CA VAL A 70 -20.50 26.72 -9.96
C VAL A 70 -21.12 27.63 -8.90
N THR A 71 -20.38 27.93 -7.85
CA THR A 71 -20.85 28.85 -6.84
C THR A 71 -21.39 30.16 -7.45
N HIS A 72 -20.62 30.85 -8.28
CA HIS A 72 -21.16 32.05 -8.93
C HIS A 72 -21.58 31.78 -10.39
N GLY A 73 -22.01 30.55 -10.65
CA GLY A 73 -22.50 30.13 -11.96
C GLY A 73 -23.43 31.08 -12.71
N GLU A 74 -24.28 31.81 -11.98
CA GLU A 74 -25.26 32.67 -12.63
C GLU A 74 -24.65 33.95 -13.16
N ASP A 75 -23.57 34.38 -12.52
CA ASP A 75 -22.85 35.59 -12.90
C ASP A 75 -21.63 35.37 -13.81
N THR A 76 -21.33 34.11 -14.13
CA THR A 76 -20.20 33.82 -14.99
C THR A 76 -20.56 32.99 -16.21
N ALA A 77 -21.85 32.95 -16.57
CA ALA A 77 -22.31 32.08 -17.65
C ALA A 77 -22.36 32.79 -19.00
N ASP A 78 -22.05 34.07 -19.01
CA ASP A 78 -22.03 34.87 -20.24
C ASP A 78 -20.72 34.65 -21.03
N ARG A 79 -20.76 34.98 -22.32
CA ARG A 79 -19.59 34.99 -23.19
C ARG A 79 -19.21 36.43 -23.49
N PRO A 80 -17.92 36.66 -23.78
CA PRO A 80 -17.53 37.98 -24.27
C PRO A 80 -18.19 38.28 -25.62
N PRO A 81 -18.68 39.50 -25.81
CA PRO A 81 -19.30 39.80 -27.11
C PRO A 81 -18.29 39.60 -28.24
N VAL A 82 -18.75 39.14 -29.39
CA VAL A 82 -17.87 38.96 -30.55
C VAL A 82 -18.52 39.62 -31.77
N PRO A 83 -18.24 40.92 -31.96
CA PRO A 83 -18.81 41.73 -33.05
C PRO A 83 -18.69 41.12 -34.43
N ILE A 84 -17.55 40.50 -34.77
CA ILE A 84 -17.37 39.97 -36.13
C ILE A 84 -18.36 38.84 -36.50
N THR A 85 -18.94 38.17 -35.52
CA THR A 85 -19.91 37.12 -35.80
C THR A 85 -21.12 37.64 -36.58
N GLN A 86 -21.27 38.97 -36.66
CA GLN A 86 -22.31 39.59 -37.49
C GLN A 86 -22.19 39.15 -38.93
N ILE A 87 -20.95 38.88 -39.34
CA ILE A 87 -20.65 38.42 -40.69
C ILE A 87 -21.24 37.03 -40.91
N LEU A 88 -21.51 36.31 -39.82
CA LEU A 88 -22.01 34.94 -39.93
C LEU A 88 -23.52 34.85 -39.73
N GLY A 89 -24.19 35.99 -39.72
CA GLY A 89 -25.64 36.01 -39.57
C GLY A 89 -26.15 36.03 -38.14
N PHE A 90 -25.26 36.32 -37.19
CA PHE A 90 -25.64 36.44 -35.78
C PHE A 90 -26.55 37.62 -35.54
N GLY A 91 -27.56 37.42 -34.69
CA GLY A 91 -28.46 38.48 -34.30
C GLY A 91 -29.05 38.06 -32.97
N PRO A 92 -29.88 38.91 -32.35
CA PRO A 92 -30.37 38.72 -30.98
C PRO A 92 -31.10 37.38 -30.75
N ARG A 93 -31.94 36.98 -31.71
CA ARG A 93 -32.64 35.69 -31.60
C ARG A 93 -31.94 34.60 -32.44
N SER A 94 -30.67 34.81 -32.77
CA SER A 94 -29.92 33.82 -33.54
C SER A 94 -28.43 33.83 -33.20
N GLN A 95 -28.07 33.27 -32.05
CA GLN A 95 -26.70 33.34 -31.54
C GLN A 95 -26.10 31.96 -31.39
N GLY A 96 -26.77 30.96 -31.97
CA GLY A 96 -26.39 29.58 -31.79
C GLY A 96 -26.43 29.20 -30.32
N VAL A 97 -25.48 28.37 -29.90
CA VAL A 97 -25.32 27.98 -28.50
C VAL A 97 -23.95 28.41 -27.99
N PHE A 98 -22.89 28.04 -28.72
CA PHE A 98 -21.52 28.15 -28.22
C PHE A 98 -21.13 29.56 -27.82
N LEU A 99 -21.30 30.53 -28.71
CA LEU A 99 -20.98 31.91 -28.38
C LEU A 99 -22.19 32.75 -27.99
N ALA A 100 -23.36 32.11 -27.87
CA ALA A 100 -24.57 32.84 -27.50
C ALA A 100 -24.39 33.59 -26.19
N ARG A 101 -24.77 34.86 -26.15
CA ARG A 101 -24.80 35.59 -24.86
C ARG A 101 -25.71 34.86 -23.86
N TYR A 102 -25.37 34.91 -22.58
CA TYR A 102 -26.21 34.31 -21.56
C TYR A 102 -27.56 35.00 -21.52
N GLY A 103 -28.63 34.22 -21.70
CA GLY A 103 -29.99 34.75 -21.70
C GLY A 103 -30.91 33.76 -22.40
N PRO A 104 -32.08 34.22 -22.86
CA PRO A 104 -33.08 33.26 -23.33
C PRO A 104 -32.72 32.57 -24.66
N ALA A 105 -32.14 33.30 -25.60
CA ALA A 105 -31.74 32.72 -26.86
C ALA A 105 -30.73 31.57 -26.64
N TRP A 106 -29.76 31.75 -25.74
CA TRP A 106 -28.86 30.66 -25.36
C TRP A 106 -29.59 29.52 -24.65
N ARG A 107 -30.41 29.84 -23.65
CA ARG A 107 -31.03 28.78 -22.85
C ARG A 107 -31.99 27.89 -23.67
N GLU A 108 -32.83 28.49 -24.50
CA GLU A 108 -33.72 27.72 -25.36
C GLU A 108 -32.93 26.75 -26.28
N GLN A 109 -31.89 27.23 -26.94
CA GLN A 109 -31.10 26.34 -27.80
C GLN A 109 -30.27 25.34 -27.01
N ARG A 110 -29.78 25.75 -25.84
CA ARG A 110 -29.05 24.86 -24.95
C ARG A 110 -29.94 23.70 -24.51
N ARG A 111 -31.16 24.02 -24.08
CA ARG A 111 -32.09 23.00 -23.63
C ARG A 111 -32.52 22.09 -24.78
N PHE A 112 -32.71 22.68 -25.96
CA PHE A 112 -33.08 21.92 -27.16
C PHE A 112 -31.98 20.90 -27.52
N SER A 113 -30.72 21.31 -27.62
CA SER A 113 -29.67 20.30 -27.93
C SER A 113 -29.50 19.26 -26.84
N VAL A 114 -29.48 19.69 -25.57
CA VAL A 114 -29.29 18.78 -24.44
C VAL A 114 -30.34 17.70 -24.53
N SER A 115 -31.57 18.14 -24.74
CA SER A 115 -32.73 17.28 -24.77
C SER A 115 -32.82 16.40 -26.01
N THR A 116 -32.50 16.98 -27.16
CA THR A 116 -32.46 16.22 -28.40
C THR A 116 -31.39 15.14 -28.35
N LEU A 117 -30.22 15.47 -27.79
CA LEU A 117 -29.17 14.46 -27.62
C LEU A 117 -29.68 13.34 -26.71
N ARG A 118 -30.40 13.73 -25.67
CA ARG A 118 -30.95 12.77 -24.73
C ARG A 118 -31.92 11.82 -25.43
N ASN A 119 -32.83 12.38 -26.21
CA ASN A 119 -33.90 11.59 -26.81
C ASN A 119 -33.36 10.65 -27.89
N LEU A 120 -32.39 11.13 -28.66
CA LEU A 120 -31.75 10.31 -29.69
C LEU A 120 -30.88 9.23 -29.07
N GLY A 121 -30.52 9.42 -27.80
CA GLY A 121 -29.72 8.43 -27.08
C GLY A 121 -30.56 7.38 -26.38
N LEU A 122 -31.89 7.52 -26.46
CA LEU A 122 -32.82 6.58 -25.83
C LEU A 122 -33.67 5.92 -26.89
N GLY A 123 -34.57 5.03 -26.45
CA GLY A 123 -35.46 4.31 -27.35
C GLY A 123 -34.74 3.26 -28.16
N LYS A 124 -34.62 3.48 -29.46
CA LYS A 124 -33.91 2.55 -30.33
C LYS A 124 -32.41 2.87 -30.35
N LYS A 125 -31.99 3.86 -29.56
CA LYS A 125 -30.59 4.20 -29.35
C LYS A 125 -29.87 4.56 -30.66
N SER A 126 -30.43 5.52 -31.39
CA SER A 126 -29.95 5.80 -32.75
C SER A 126 -28.52 6.32 -32.75
N LEU A 127 -28.15 7.11 -31.75
CA LEU A 127 -26.80 7.63 -31.67
C LEU A 127 -25.80 6.51 -31.53
N GLU A 128 -26.04 5.63 -30.56
CA GLU A 128 -25.12 4.53 -30.31
C GLU A 128 -25.01 3.66 -31.58
N GLN A 129 -26.13 3.47 -32.27
CA GLN A 129 -26.15 2.70 -33.51
C GLN A 129 -25.30 3.39 -34.58
N TRP A 130 -25.47 4.69 -34.74
CA TRP A 130 -24.68 5.48 -35.69
C TRP A 130 -23.19 5.43 -35.37
N VAL A 131 -22.84 5.54 -34.10
CA VAL A 131 -21.47 5.46 -33.68
C VAL A 131 -20.90 4.07 -33.96
N THR A 132 -21.64 3.05 -33.54
CA THR A 132 -21.22 1.69 -33.74
C THR A 132 -20.95 1.37 -35.22
N GLU A 133 -21.82 1.84 -36.11
CA GLU A 133 -21.61 1.62 -37.54
C GLU A 133 -20.41 2.42 -38.02
N GLU A 134 -20.22 3.61 -37.47
CA GLU A 134 -19.12 4.44 -37.93
C GLU A 134 -17.78 3.81 -37.53
N ALA A 135 -17.74 3.20 -36.35
CA ALA A 135 -16.56 2.46 -35.91
C ALA A 135 -16.22 1.33 -36.86
N ALA A 136 -17.23 0.59 -37.33
CA ALA A 136 -16.96 -0.50 -38.26
C ALA A 136 -16.35 0.07 -39.53
N CYS A 137 -16.90 1.19 -40.02
CA CYS A 137 -16.33 1.88 -41.17
C CYS A 137 -14.90 2.35 -40.90
N LEU A 138 -14.63 2.80 -39.68
CA LEU A 138 -13.31 3.31 -39.35
C LEU A 138 -12.33 2.16 -39.29
N CYS A 139 -12.72 1.06 -38.66
CA CYS A 139 -11.93 -0.18 -38.67
C CYS A 139 -11.57 -0.61 -40.09
N ALA A 140 -12.53 -0.61 -41.01
CA ALA A 140 -12.28 -1.08 -42.38
C ALA A 140 -11.27 -0.16 -43.05
N ALA A 141 -11.45 1.14 -42.88
CA ALA A 141 -10.52 2.11 -43.46
C ALA A 141 -9.09 1.96 -42.88
N PHE A 142 -8.97 1.58 -41.60
CA PHE A 142 -7.67 1.27 -41.01
C PHE A 142 -7.05 0.00 -41.60
N ALA A 143 -7.87 -1.04 -41.76
CA ALA A 143 -7.39 -2.32 -42.30
C ALA A 143 -6.85 -2.19 -43.72
N ASN A 144 -7.37 -1.23 -44.48
CA ASN A 144 -6.88 -1.00 -45.84
C ASN A 144 -5.47 -0.39 -45.89
N HIS A 145 -4.93 -0.01 -44.73
CA HIS A 145 -3.56 0.50 -44.66
C HIS A 145 -2.59 -0.59 -44.20
N SER A 146 -3.09 -1.82 -44.07
CA SER A 146 -2.33 -2.93 -43.49
C SER A 146 -0.94 -3.05 -44.08
N GLY A 147 0.07 -2.99 -43.22
CA GLY A 147 1.44 -3.18 -43.67
C GLY A 147 2.14 -1.86 -43.92
N ARG A 148 1.38 -0.77 -43.86
CA ARG A 148 1.95 0.54 -44.18
C ARG A 148 1.74 1.55 -43.07
N PRO A 149 2.81 2.28 -42.73
CA PRO A 149 2.69 3.37 -41.77
C PRO A 149 1.74 4.42 -42.33
N PHE A 150 0.94 5.05 -41.49
CA PHE A 150 0.08 6.13 -41.96
C PHE A 150 -0.28 7.05 -40.80
N ARG A 151 -0.60 8.30 -41.14
CA ARG A 151 -1.17 9.24 -40.18
C ARG A 151 -2.64 8.95 -40.02
N PRO A 152 -3.08 8.70 -38.76
CA PRO A 152 -4.48 8.33 -38.48
C PRO A 152 -5.43 9.51 -38.42
N ASN A 153 -4.90 10.73 -38.38
CA ASN A 153 -5.68 11.92 -38.06
C ASN A 153 -6.84 12.15 -39.00
N GLY A 154 -6.62 11.87 -40.27
CA GLY A 154 -7.59 12.19 -41.30
C GLY A 154 -8.82 11.32 -41.18
N LEU A 155 -8.58 10.04 -40.96
CA LEU A 155 -9.63 9.05 -40.84
C LEU A 155 -10.46 9.25 -39.56
N LEU A 156 -9.78 9.62 -38.47
CA LEU A 156 -10.47 9.92 -37.21
C LEU A 156 -11.39 11.14 -37.38
N ASP A 157 -10.90 12.16 -38.07
CA ASP A 157 -11.70 13.33 -38.40
C ASP A 157 -12.99 12.94 -39.14
N LYS A 158 -12.84 12.07 -40.13
CA LYS A 158 -13.98 11.65 -40.95
C LYS A 158 -14.99 10.84 -40.13
N ALA A 159 -14.52 9.88 -39.35
CA ALA A 159 -15.43 9.09 -38.54
C ALA A 159 -16.21 9.94 -37.53
N VAL A 160 -15.56 10.93 -36.95
CA VAL A 160 -16.12 11.77 -35.91
C VAL A 160 -17.04 12.81 -36.54
N SER A 161 -16.68 13.24 -37.74
CA SER A 161 -17.51 14.17 -38.47
C SER A 161 -18.82 13.49 -38.91
N ASN A 162 -18.75 12.23 -39.33
CA ASN A 162 -19.97 11.51 -39.68
C ASN A 162 -20.94 11.31 -38.50
N VAL A 163 -20.42 11.23 -37.28
CA VAL A 163 -21.28 11.07 -36.12
C VAL A 163 -22.09 12.35 -35.89
N ILE A 164 -21.45 13.50 -36.05
CA ILE A 164 -22.18 14.76 -35.99
C ILE A 164 -23.16 14.87 -37.18
N ALA A 165 -22.71 14.46 -38.36
CA ALA A 165 -23.57 14.41 -39.54
C ALA A 165 -24.80 13.53 -39.27
N SER A 166 -24.60 12.41 -38.59
CA SER A 166 -25.72 11.54 -38.26
C SER A 166 -26.67 12.22 -37.29
N LEU A 167 -26.12 12.76 -36.20
CA LEU A 167 -26.89 13.51 -35.21
C LEU A 167 -27.70 14.62 -35.88
N THR A 168 -27.05 15.41 -36.73
CA THR A 168 -27.64 16.63 -37.24
C THR A 168 -28.50 16.40 -38.49
N CYS A 169 -28.03 15.63 -39.46
CA CYS A 169 -28.76 15.47 -40.71
C CYS A 169 -29.23 14.03 -40.97
N GLY A 170 -28.99 13.12 -40.04
CA GLY A 170 -29.44 11.74 -40.19
C GLY A 170 -28.78 10.98 -41.34
N ARG A 171 -27.55 11.35 -41.68
CA ARG A 171 -26.81 10.62 -42.68
C ARG A 171 -25.34 10.61 -42.37
N ARG A 172 -24.63 9.71 -43.01
CA ARG A 172 -23.18 9.79 -43.03
C ARG A 172 -22.74 10.11 -44.46
N PHE A 173 -21.45 10.38 -44.61
CA PHE A 173 -20.84 10.60 -45.92
C PHE A 173 -19.72 9.59 -46.11
N GLU A 174 -19.56 9.12 -47.34
CA GLU A 174 -18.43 8.28 -47.73
C GLU A 174 -17.11 8.99 -47.49
N TYR A 175 -16.08 8.21 -47.17
CA TYR A 175 -14.77 8.75 -46.84
C TYR A 175 -14.06 9.48 -47.99
N ASP A 176 -14.51 9.28 -49.22
CA ASP A 176 -13.93 9.97 -50.37
C ASP A 176 -14.94 10.91 -51.03
N ASP A 177 -16.02 11.23 -50.33
CA ASP A 177 -17.02 12.12 -50.90
C ASP A 177 -16.45 13.54 -50.97
N PRO A 178 -16.48 14.16 -52.16
CA PRO A 178 -16.01 15.53 -52.44
C PRO A 178 -16.49 16.60 -51.46
N ARG A 179 -17.80 16.70 -51.24
CA ARG A 179 -18.36 17.74 -50.37
C ARG A 179 -17.98 17.52 -48.91
N PHE A 180 -17.98 16.26 -48.50
CA PHE A 180 -17.56 15.88 -47.17
C PHE A 180 -16.13 16.35 -46.93
N LEU A 181 -15.23 16.04 -47.86
CA LEU A 181 -13.83 16.45 -47.75
C LEU A 181 -13.64 17.98 -47.70
N ARG A 182 -14.33 18.71 -48.57
CA ARG A 182 -14.22 20.17 -48.55
C ARG A 182 -14.74 20.73 -47.23
N LEU A 183 -15.86 20.19 -46.78
CA LEU A 183 -16.43 20.53 -45.48
C LEU A 183 -15.40 20.40 -44.36
N LEU A 184 -14.68 19.28 -44.32
CA LEU A 184 -13.70 19.05 -43.24
C LEU A 184 -12.53 20.00 -43.41
N ASP A 185 -12.14 20.23 -44.65
CA ASP A 185 -11.01 21.10 -44.96
C ASP A 185 -11.31 22.52 -44.52
N LEU A 186 -12.50 23.00 -44.88
CA LEU A 186 -12.93 24.34 -44.51
C LEU A 186 -13.05 24.50 -43.00
N ALA A 187 -13.49 23.46 -42.31
CA ALA A 187 -13.59 23.49 -40.85
C ALA A 187 -12.22 23.66 -40.15
N GLN A 188 -11.19 22.95 -40.63
CA GLN A 188 -9.87 23.07 -40.01
C GLN A 188 -9.15 24.36 -40.42
N GLU A 189 -9.42 24.86 -41.63
CA GLU A 189 -8.95 26.19 -42.00
C GLU A 189 -9.64 27.24 -41.13
N GLY A 190 -10.93 27.05 -40.92
CA GLY A 190 -11.71 27.97 -40.13
C GLY A 190 -11.19 28.07 -38.70
N LEU A 191 -10.65 26.96 -38.19
CA LEU A 191 -10.14 26.92 -36.83
C LEU A 191 -8.93 27.86 -36.72
N LYS A 192 -7.97 27.72 -37.63
CA LYS A 192 -6.86 28.66 -37.77
C LYS A 192 -7.27 30.14 -37.80
N GLU A 193 -8.45 30.45 -38.34
CA GLU A 193 -8.99 31.82 -38.36
C GLU A 193 -9.42 32.32 -36.98
N GLU A 194 -9.40 31.42 -36.00
CA GLU A 194 -9.75 31.79 -34.63
C GLU A 194 -8.57 32.52 -34.00
N SER A 195 -7.40 32.33 -34.59
CA SER A 195 -6.17 32.94 -34.11
C SER A 195 -5.71 34.04 -35.06
N GLY A 196 -5.03 35.04 -34.52
CA GLY A 196 -4.56 36.13 -35.34
C GLY A 196 -4.97 37.45 -34.75
N PHE A 197 -4.17 38.47 -35.03
CA PHE A 197 -4.38 39.79 -34.46
C PHE A 197 -5.63 40.46 -35.07
N LEU A 198 -5.95 40.08 -36.30
CA LEU A 198 -7.04 40.71 -37.03
C LEU A 198 -8.36 40.73 -36.26
N ARG A 199 -8.81 39.57 -35.80
CA ARG A 199 -10.10 39.49 -35.13
C ARG A 199 -10.10 40.32 -33.86
N GLU A 200 -8.92 40.55 -33.29
CA GLU A 200 -8.79 41.36 -32.08
C GLU A 200 -9.16 42.81 -32.35
N VAL A 201 -8.50 43.39 -33.35
CA VAL A 201 -8.76 44.77 -33.75
C VAL A 201 -10.20 44.94 -34.22
N LEU A 202 -10.68 43.97 -34.98
CA LEU A 202 -12.01 44.04 -35.55
C LEU A 202 -13.10 43.96 -34.48
N ASN A 203 -12.92 43.09 -33.49
CA ASN A 203 -13.88 43.00 -32.39
C ASN A 203 -13.82 44.24 -31.49
N ALA A 204 -12.62 44.80 -31.30
CA ALA A 204 -12.45 46.02 -30.52
C ALA A 204 -13.03 47.24 -31.24
N VAL A 205 -12.73 47.38 -32.53
CA VAL A 205 -13.25 48.49 -33.30
C VAL A 205 -14.13 48.00 -34.45
N PRO A 206 -15.38 47.61 -34.14
CA PRO A 206 -16.25 46.94 -35.11
C PRO A 206 -16.56 47.80 -36.34
N VAL A 207 -16.39 49.12 -36.26
CA VAL A 207 -16.66 49.96 -37.41
C VAL A 207 -15.68 49.66 -38.55
N LEU A 208 -14.53 49.09 -38.21
CA LEU A 208 -13.53 48.77 -39.23
C LEU A 208 -14.04 47.70 -40.20
N LEU A 209 -15.13 47.04 -39.81
CA LEU A 209 -15.76 46.01 -40.64
C LEU A 209 -16.43 46.57 -41.89
N HIS A 210 -16.62 47.90 -41.96
CA HIS A 210 -17.21 48.52 -43.15
C HIS A 210 -16.22 48.53 -44.32
N ILE A 211 -14.97 48.16 -44.04
CA ILE A 211 -13.98 47.99 -45.09
C ILE A 211 -14.03 46.56 -45.62
N PRO A 212 -14.58 46.40 -46.85
CA PRO A 212 -14.82 45.06 -47.43
C PRO A 212 -13.54 44.20 -47.50
N ALA A 213 -12.39 44.85 -47.63
CA ALA A 213 -11.10 44.16 -47.65
C ALA A 213 -10.88 43.36 -46.37
N LEU A 214 -11.14 43.99 -45.23
CA LEU A 214 -10.92 43.37 -43.93
C LEU A 214 -12.06 42.42 -43.52
N ALA A 215 -13.28 42.75 -43.97
CA ALA A 215 -14.47 41.99 -43.59
C ALA A 215 -14.52 40.64 -44.32
N GLY A 216 -14.17 40.66 -45.60
CA GLY A 216 -14.14 39.44 -46.39
C GLY A 216 -12.90 38.56 -46.16
N LYS A 217 -12.13 38.89 -45.12
CA LYS A 217 -10.89 38.16 -44.83
C LYS A 217 -10.92 37.54 -43.44
N VAL A 218 -11.61 38.20 -42.52
CA VAL A 218 -11.58 37.79 -41.12
C VAL A 218 -12.24 36.43 -40.90
N LEU A 219 -13.27 36.13 -41.66
CA LEU A 219 -13.98 34.87 -41.45
C LEU A 219 -14.26 34.17 -42.76
N ARG A 220 -13.38 34.33 -43.75
CA ARG A 220 -13.65 33.78 -45.07
C ARG A 220 -13.81 32.27 -45.05
N PHE A 221 -13.09 31.57 -44.18
CA PHE A 221 -13.22 30.12 -44.15
C PHE A 221 -14.46 29.69 -43.39
N GLN A 222 -14.73 30.31 -42.26
CA GLN A 222 -15.93 29.98 -41.50
C GLN A 222 -17.18 30.31 -42.30
N LYS A 223 -17.10 31.39 -43.08
CA LYS A 223 -18.23 31.79 -43.92
C LYS A 223 -18.41 30.78 -45.03
N ALA A 224 -17.31 30.28 -45.58
CA ALA A 224 -17.38 29.24 -46.61
C ALA A 224 -17.82 27.94 -46.01
N PHE A 225 -17.40 27.69 -44.78
CA PHE A 225 -17.83 26.51 -44.06
C PHE A 225 -19.35 26.53 -43.95
N LEU A 226 -19.91 27.64 -43.48
CA LEU A 226 -21.36 27.78 -43.41
C LEU A 226 -22.09 27.64 -44.76
N THR A 227 -21.48 28.11 -45.83
CA THR A 227 -22.06 28.02 -47.16
C THR A 227 -22.25 26.57 -47.58
N GLN A 228 -21.21 25.77 -47.36
CA GLN A 228 -21.26 24.33 -47.59
C GLN A 228 -22.33 23.65 -46.72
N LEU A 229 -22.48 24.08 -45.47
CA LEU A 229 -23.55 23.56 -44.60
C LEU A 229 -24.95 23.82 -45.13
N ASP A 230 -25.20 25.05 -45.57
CA ASP A 230 -26.50 25.44 -46.13
C ASP A 230 -26.94 24.51 -47.24
N GLU A 231 -26.00 24.13 -48.07
CA GLU A 231 -26.25 23.25 -49.20
C GLU A 231 -26.73 21.90 -48.70
N LEU A 232 -26.13 21.44 -47.61
CA LEU A 232 -26.54 20.18 -47.00
C LEU A 232 -27.87 20.31 -46.27
N LEU A 233 -28.10 21.45 -45.63
CA LEU A 233 -29.38 21.70 -44.96
C LEU A 233 -30.50 21.81 -46.01
N THR A 234 -30.21 22.45 -47.14
CA THR A 234 -31.21 22.61 -48.19
C THR A 234 -31.68 21.26 -48.74
N GLU A 235 -30.73 20.38 -49.02
CA GLU A 235 -31.04 19.01 -49.39
C GLU A 235 -31.81 18.27 -48.31
N HIS A 236 -31.41 18.44 -47.06
CA HIS A 236 -32.04 17.68 -45.99
C HIS A 236 -33.48 18.13 -45.83
N ARG A 237 -33.74 19.39 -46.12
CA ARG A 237 -35.07 19.95 -45.97
C ARG A 237 -36.06 19.37 -46.97
N MET A 238 -35.56 18.96 -48.13
CA MET A 238 -36.38 18.35 -49.15
C MET A 238 -36.81 16.93 -48.76
N THR A 239 -35.93 16.20 -48.08
CA THR A 239 -36.20 14.80 -47.79
C THR A 239 -36.93 14.60 -46.46
N TRP A 240 -36.99 15.66 -45.64
CA TRP A 240 -37.62 15.61 -44.33
C TRP A 240 -39.09 15.19 -44.44
N ASP A 241 -39.46 14.20 -43.63
CA ASP A 241 -40.83 13.75 -43.56
C ASP A 241 -41.46 14.22 -42.24
N PRO A 242 -42.16 15.37 -42.26
CA PRO A 242 -42.72 15.93 -41.02
C PRO A 242 -43.88 15.08 -40.49
N ALA A 243 -44.33 14.08 -41.25
CA ALA A 243 -45.45 13.22 -40.81
C ALA A 243 -44.91 12.11 -39.92
N GLN A 244 -43.59 12.02 -39.85
CA GLN A 244 -42.92 11.02 -39.03
C GLN A 244 -42.16 11.71 -37.92
N PRO A 245 -41.91 11.00 -36.81
CA PRO A 245 -41.13 11.59 -35.72
C PRO A 245 -39.76 12.00 -36.22
N PRO A 246 -39.25 13.15 -35.76
CA PRO A 246 -37.91 13.64 -36.11
C PRO A 246 -36.85 12.55 -36.00
N ARG A 247 -36.08 12.35 -37.07
CA ARG A 247 -35.01 11.34 -37.09
C ARG A 247 -33.73 11.88 -36.48
N ASP A 248 -33.59 13.19 -36.51
CA ASP A 248 -32.32 13.83 -36.21
C ASP A 248 -32.58 15.24 -35.69
N LEU A 249 -31.51 15.95 -35.36
CA LEU A 249 -31.63 17.19 -34.62
C LEU A 249 -32.20 18.31 -35.52
N THR A 250 -31.75 18.34 -36.77
CA THR A 250 -32.26 19.30 -37.75
C THR A 250 -33.79 19.18 -37.93
N GLU A 251 -34.33 17.97 -37.81
CA GLU A 251 -35.75 17.76 -38.05
C GLU A 251 -36.54 18.15 -36.82
N ALA A 252 -35.99 17.84 -35.65
CA ALA A 252 -36.55 18.34 -34.41
C ALA A 252 -36.59 19.87 -34.46
N PHE A 253 -35.52 20.47 -34.96
CA PHE A 253 -35.41 21.94 -35.02
C PHE A 253 -36.44 22.47 -35.98
N LEU A 254 -36.53 21.81 -37.14
CA LEU A 254 -37.44 22.24 -38.18
C LEU A 254 -38.89 22.20 -37.68
N ALA A 255 -39.21 21.14 -36.95
CA ALA A 255 -40.53 20.97 -36.37
C ALA A 255 -40.81 22.09 -35.36
N GLU A 256 -39.79 22.42 -34.56
CA GLU A 256 -39.90 23.51 -33.62
C GLU A 256 -40.10 24.82 -34.37
N MET A 257 -39.44 24.94 -35.52
CA MET A 257 -39.54 26.18 -36.28
C MET A 257 -40.95 26.41 -36.81
N GLU A 258 -41.61 25.33 -37.23
CA GLU A 258 -43.00 25.40 -37.68
C GLU A 258 -43.93 25.92 -36.58
N LYS A 259 -43.90 25.29 -35.41
CA LYS A 259 -44.75 25.70 -34.28
C LYS A 259 -44.51 27.15 -33.90
N ALA A 260 -43.29 27.62 -34.12
CA ALA A 260 -42.84 28.95 -33.67
C ALA A 260 -43.11 30.03 -34.70
N LYS A 261 -43.63 29.64 -35.87
CA LYS A 261 -44.02 30.59 -36.90
C LYS A 261 -45.03 31.61 -36.36
N GLY A 262 -44.71 32.90 -36.50
CA GLY A 262 -45.49 33.97 -35.92
C GLY A 262 -44.99 34.49 -34.57
N ASN A 263 -44.01 33.81 -33.96
CA ASN A 263 -43.42 34.26 -32.70
C ASN A 263 -42.01 34.82 -32.90
N PRO A 264 -41.89 36.15 -32.89
CA PRO A 264 -40.57 36.80 -33.00
C PRO A 264 -39.68 36.67 -31.74
N GLU A 265 -40.15 35.99 -30.69
CA GLU A 265 -39.32 35.75 -29.49
C GLU A 265 -38.57 34.43 -29.57
N SER A 266 -38.98 33.59 -30.52
CA SER A 266 -38.40 32.26 -30.63
C SER A 266 -36.99 32.36 -31.20
N SER A 267 -36.11 31.49 -30.72
CA SER A 267 -34.79 31.34 -31.33
C SER A 267 -34.82 30.22 -32.39
N PHE A 268 -36.00 29.69 -32.68
CA PHE A 268 -36.10 28.68 -33.74
C PHE A 268 -36.46 29.36 -35.06
N ASN A 269 -35.43 29.64 -35.85
CA ASN A 269 -35.56 30.31 -37.14
C ASN A 269 -34.41 29.84 -38.04
N ASP A 270 -34.51 30.16 -39.33
CA ASP A 270 -33.54 29.70 -40.33
C ASP A 270 -32.13 30.21 -40.07
N GLU A 271 -32.02 31.45 -39.63
CA GLU A 271 -30.72 32.05 -39.34
C GLU A 271 -30.05 31.33 -38.18
N ASN A 272 -30.86 30.86 -37.23
CA ASN A 272 -30.26 30.20 -36.08
C ASN A 272 -29.95 28.73 -36.34
N LEU A 273 -30.71 28.11 -37.22
CA LEU A 273 -30.50 26.68 -37.53
C LEU A 273 -29.08 26.39 -38.07
N ARG A 274 -28.63 27.20 -39.03
CA ARG A 274 -27.31 27.01 -39.61
C ARG A 274 -26.20 27.29 -38.56
N ILE A 275 -26.39 28.31 -37.74
CA ILE A 275 -25.46 28.54 -36.63
C ILE A 275 -25.46 27.38 -35.61
N VAL A 276 -26.63 26.83 -35.27
CA VAL A 276 -26.65 25.77 -34.27
C VAL A 276 -25.99 24.48 -34.80
N VAL A 277 -26.25 24.14 -36.05
CA VAL A 277 -25.65 22.97 -36.65
C VAL A 277 -24.14 23.15 -36.79
N ALA A 278 -23.71 24.33 -37.26
CA ALA A 278 -22.28 24.63 -37.35
C ALA A 278 -21.59 24.58 -35.99
N ASP A 279 -22.27 25.04 -34.94
CA ASP A 279 -21.74 24.96 -33.59
C ASP A 279 -21.47 23.51 -33.17
N LEU A 280 -22.39 22.61 -33.45
CA LEU A 280 -22.23 21.22 -33.01
C LEU A 280 -21.06 20.52 -33.75
N PHE A 281 -20.97 20.75 -35.06
CA PHE A 281 -19.82 20.35 -35.87
C PHE A 281 -18.49 20.91 -35.36
N SER A 282 -18.44 22.23 -35.16
CA SER A 282 -17.23 22.90 -34.71
C SER A 282 -16.79 22.39 -33.36
N ALA A 283 -17.76 22.24 -32.48
CA ALA A 283 -17.50 21.85 -31.11
C ALA A 283 -17.23 20.36 -31.00
N GLY A 284 -17.87 19.57 -31.87
CA GLY A 284 -17.78 18.12 -31.76
C GLY A 284 -16.76 17.40 -32.62
N MET A 285 -16.24 18.05 -33.64
CA MET A 285 -15.29 17.39 -34.54
C MET A 285 -13.86 17.33 -33.99
N VAL A 286 -13.19 18.47 -34.01
CA VAL A 286 -11.78 18.58 -33.70
C VAL A 286 -11.46 18.10 -32.28
N THR A 287 -12.40 18.28 -31.34
CA THR A 287 -12.20 17.79 -29.98
C THR A 287 -12.14 16.26 -29.92
N THR A 288 -13.23 15.59 -30.31
CA THR A 288 -13.25 14.14 -30.22
C THR A 288 -12.16 13.50 -31.09
N SER A 289 -11.84 14.13 -32.20
CA SER A 289 -10.84 13.56 -33.09
C SER A 289 -9.43 13.70 -32.54
N THR A 290 -9.10 14.90 -32.09
CA THR A 290 -7.81 15.20 -31.49
C THR A 290 -7.60 14.29 -30.29
N THR A 291 -8.64 14.12 -29.48
CA THR A 291 -8.55 13.22 -28.33
C THR A 291 -8.24 11.79 -28.77
N LEU A 292 -8.96 11.28 -29.78
CA LEU A 292 -8.66 9.95 -30.29
C LEU A 292 -7.24 9.89 -30.84
N ALA A 293 -6.79 10.96 -31.49
CA ALA A 293 -5.41 11.01 -31.99
C ALA A 293 -4.39 10.96 -30.83
N TRP A 294 -4.72 11.59 -29.70
CA TRP A 294 -3.88 11.47 -28.50
C TRP A 294 -3.87 10.03 -28.01
N GLY A 295 -5.04 9.42 -28.07
CA GLY A 295 -5.22 8.07 -27.58
C GLY A 295 -4.35 7.07 -28.31
N LEU A 296 -4.32 7.14 -29.63
CA LEU A 296 -3.53 6.17 -30.39
C LEU A 296 -2.02 6.42 -30.21
N LEU A 297 -1.63 7.69 -30.14
CA LEU A 297 -0.26 8.05 -29.86
C LEU A 297 0.19 7.46 -28.53
N LEU A 298 -0.61 7.65 -27.49
CA LEU A 298 -0.24 7.17 -26.17
C LEU A 298 -0.24 5.65 -26.11
N MET A 299 -0.94 5.01 -27.04
CA MET A 299 -0.98 3.56 -27.06
C MET A 299 0.27 2.99 -27.73
N ILE A 300 0.86 3.73 -28.68
CA ILE A 300 2.09 3.21 -29.28
C ILE A 300 3.29 3.65 -28.45
N LEU A 301 3.15 4.73 -27.69
CA LEU A 301 4.22 5.14 -26.78
C LEU A 301 4.22 4.25 -25.54
N HIS A 302 3.06 3.67 -25.24
CA HIS A 302 2.95 2.83 -24.06
C HIS A 302 2.28 1.52 -24.40
N PRO A 303 2.97 0.65 -25.13
CA PRO A 303 2.36 -0.58 -25.64
C PRO A 303 1.88 -1.52 -24.53
N ASP A 304 2.48 -1.44 -23.34
CA ASP A 304 2.07 -2.28 -22.24
C ASP A 304 0.65 -1.94 -21.80
N VAL A 305 0.31 -0.65 -21.79
CA VAL A 305 -1.04 -0.21 -21.49
C VAL A 305 -1.98 -0.70 -22.58
N GLN A 306 -1.56 -0.58 -23.84
CA GLN A 306 -2.32 -1.07 -24.98
C GLN A 306 -2.70 -2.53 -24.79
N ARG A 307 -1.71 -3.36 -24.45
CA ARG A 307 -1.93 -4.80 -24.30
C ARG A 307 -2.89 -5.09 -23.16
N ARG A 308 -2.76 -4.34 -22.06
CA ARG A 308 -3.68 -4.53 -20.95
C ARG A 308 -5.10 -4.19 -21.39
N VAL A 309 -5.28 -3.13 -22.18
CA VAL A 309 -6.62 -2.80 -22.66
C VAL A 309 -7.16 -3.93 -23.51
N GLN A 310 -6.31 -4.46 -24.38
CA GLN A 310 -6.69 -5.54 -25.28
C GLN A 310 -6.99 -6.83 -24.53
N GLN A 311 -6.35 -7.03 -23.39
CA GLN A 311 -6.68 -8.19 -22.59
C GLN A 311 -8.08 -8.00 -22.04
N GLU A 312 -8.32 -6.86 -21.40
CA GLU A 312 -9.63 -6.59 -20.82
C GLU A 312 -10.73 -6.70 -21.88
N ILE A 313 -10.43 -6.28 -23.11
CA ILE A 313 -11.39 -6.36 -24.21
C ILE A 313 -11.73 -7.83 -24.55
N ASP A 314 -10.72 -8.69 -24.60
CA ASP A 314 -10.95 -10.10 -24.92
C ASP A 314 -11.76 -10.76 -23.81
N ASP A 315 -11.45 -10.45 -22.56
CA ASP A 315 -12.11 -11.10 -21.44
C ASP A 315 -13.56 -10.66 -21.28
N VAL A 316 -13.88 -9.44 -21.68
CA VAL A 316 -15.22 -8.91 -21.51
C VAL A 316 -16.03 -8.97 -22.82
N ILE A 317 -15.41 -8.61 -23.94
CA ILE A 317 -16.13 -8.49 -25.20
C ILE A 317 -15.85 -9.67 -26.14
N GLY A 318 -14.57 -9.94 -26.42
CA GLY A 318 -14.19 -10.97 -27.37
C GLY A 318 -13.54 -10.33 -28.56
N GLN A 319 -13.11 -11.13 -29.55
CA GLN A 319 -12.43 -10.58 -30.73
C GLN A 319 -13.38 -10.37 -31.93
N VAL A 320 -14.64 -10.80 -31.81
CA VAL A 320 -15.59 -10.69 -32.94
C VAL A 320 -16.72 -9.70 -32.70
N ARG A 321 -17.45 -9.88 -31.60
CA ARG A 321 -18.60 -9.03 -31.29
C ARG A 321 -18.21 -7.56 -31.22
N ARG A 322 -19.11 -6.69 -31.66
CA ARG A 322 -18.89 -5.26 -31.59
C ARG A 322 -19.05 -4.76 -30.15
N PRO A 323 -18.14 -3.87 -29.72
CA PRO A 323 -18.26 -3.20 -28.42
C PRO A 323 -19.58 -2.45 -28.32
N GLU A 324 -20.19 -2.46 -27.14
CA GLU A 324 -21.42 -1.74 -26.87
C GLU A 324 -21.19 -0.90 -25.62
N MET A 325 -22.09 0.05 -25.34
CA MET A 325 -21.89 0.93 -24.20
C MET A 325 -22.09 0.21 -22.86
N GLY A 326 -22.90 -0.84 -22.87
CA GLY A 326 -23.13 -1.63 -21.66
C GLY A 326 -21.87 -2.34 -21.17
N ASP A 327 -20.91 -2.51 -22.08
CA ASP A 327 -19.60 -3.06 -21.75
C ASP A 327 -18.76 -2.13 -20.87
N GLN A 328 -18.95 -0.82 -21.04
CA GLN A 328 -18.15 0.18 -20.35
C GLN A 328 -18.13 -0.02 -18.84
N ALA A 329 -19.27 -0.37 -18.27
CA ALA A 329 -19.37 -0.59 -16.82
C ALA A 329 -18.62 -1.84 -16.33
N HIS A 330 -18.16 -2.66 -17.27
CA HIS A 330 -17.41 -3.88 -16.92
C HIS A 330 -15.97 -3.79 -17.43
N MET A 331 -15.53 -2.60 -17.79
CA MET A 331 -14.18 -2.40 -18.29
C MET A 331 -13.50 -1.21 -17.60
N PRO A 332 -13.17 -1.37 -16.31
CA PRO A 332 -12.65 -0.25 -15.55
C PRO A 332 -11.29 0.23 -16.04
N TYR A 333 -10.49 -0.70 -16.59
CA TYR A 333 -9.14 -0.35 -17.00
C TYR A 333 -9.16 0.47 -18.28
N THR A 334 -9.97 0.05 -19.25
CA THR A 334 -10.16 0.80 -20.50
C THR A 334 -10.73 2.18 -20.21
N THR A 335 -11.63 2.27 -19.23
CA THR A 335 -12.25 3.54 -18.84
C THR A 335 -11.19 4.46 -18.24
N ALA A 336 -10.37 3.90 -17.35
CA ALA A 336 -9.25 4.64 -16.78
C ALA A 336 -8.38 5.21 -17.86
N VAL A 337 -7.96 4.34 -18.79
CA VAL A 337 -7.07 4.73 -19.89
C VAL A 337 -7.66 5.86 -20.71
N ILE A 338 -8.93 5.71 -21.10
CA ILE A 338 -9.59 6.74 -21.87
C ILE A 338 -9.65 8.05 -21.08
N HIS A 339 -10.01 7.98 -19.79
CA HIS A 339 -9.97 9.18 -18.95
C HIS A 339 -8.56 9.73 -18.86
N GLU A 340 -7.56 8.85 -18.74
CA GLU A 340 -6.17 9.31 -18.70
C GLU A 340 -5.73 9.93 -20.03
N VAL A 341 -6.25 9.42 -21.14
CA VAL A 341 -5.95 10.01 -22.44
C VAL A 341 -6.45 11.45 -22.50
N GLN A 342 -7.67 11.67 -22.01
CA GLN A 342 -8.22 13.02 -21.94
C GLN A 342 -7.45 13.93 -20.99
N ARG A 343 -7.08 13.41 -19.82
CA ARG A 343 -6.42 14.22 -18.80
C ARG A 343 -5.04 14.62 -19.29
N PHE A 344 -4.29 13.65 -19.80
CA PHE A 344 -2.93 13.90 -20.29
C PHE A 344 -2.96 14.70 -21.58
N GLY A 345 -3.87 14.36 -22.48
CA GLY A 345 -4.02 15.07 -23.74
C GLY A 345 -4.43 16.54 -23.58
N ASP A 346 -5.36 16.84 -22.67
CA ASP A 346 -5.52 18.22 -22.19
C ASP A 346 -5.74 19.14 -23.38
N ILE A 347 -6.68 18.74 -24.23
CA ILE A 347 -6.75 19.29 -25.58
C ILE A 347 -7.32 20.70 -25.64
N VAL A 348 -7.99 21.13 -24.56
CA VAL A 348 -8.50 22.50 -24.46
C VAL A 348 -7.98 23.17 -23.18
N PRO A 349 -6.67 23.44 -23.14
CA PRO A 349 -5.97 23.79 -21.89
C PRO A 349 -6.54 25.04 -21.22
N LEU A 350 -7.02 25.97 -22.02
CA LEU A 350 -7.52 27.26 -21.54
C LEU A 350 -9.05 27.36 -21.69
N GLY A 351 -9.68 26.23 -22.00
CA GLY A 351 -11.13 26.18 -22.23
C GLY A 351 -11.68 27.21 -23.20
N VAL A 352 -12.88 27.71 -22.90
CA VAL A 352 -13.51 28.77 -23.70
C VAL A 352 -13.84 29.92 -22.77
N THR A 353 -13.62 31.14 -23.22
CA THR A 353 -13.74 32.29 -22.30
C THR A 353 -15.18 32.50 -21.83
N HIS A 354 -15.31 32.89 -20.56
CA HIS A 354 -16.58 33.31 -20.01
C HIS A 354 -16.47 34.81 -19.78
N MET A 355 -17.60 35.47 -19.52
CA MET A 355 -17.54 36.85 -19.07
C MET A 355 -18.43 37.05 -17.85
N THR A 356 -17.96 37.87 -16.90
CA THR A 356 -18.77 38.17 -15.72
C THR A 356 -19.90 39.13 -16.10
N SER A 357 -21.11 38.80 -15.68
CA SER A 357 -22.24 39.68 -15.88
C SER A 357 -22.57 40.40 -14.57
N ARG A 358 -21.60 40.40 -13.65
CA ARG A 358 -21.78 40.96 -12.32
C ARG A 358 -20.49 40.87 -11.51
N ASP A 359 -20.19 41.89 -10.71
CA ASP A 359 -19.04 41.81 -9.81
C ASP A 359 -19.17 40.57 -8.93
N ILE A 360 -18.08 39.82 -8.79
CA ILE A 360 -18.09 38.63 -7.95
C ILE A 360 -16.81 38.51 -7.17
N GLU A 361 -16.78 37.56 -6.26
CA GLU A 361 -15.62 37.29 -5.43
C GLU A 361 -15.10 35.87 -5.67
N VAL A 362 -13.81 35.74 -5.94
CA VAL A 362 -13.19 34.43 -6.14
C VAL A 362 -11.87 34.36 -5.39
N GLN A 363 -11.72 33.39 -4.49
CA GLN A 363 -10.53 33.28 -3.66
C GLN A 363 -10.20 34.59 -2.93
N GLY A 364 -11.23 35.33 -2.54
CA GLY A 364 -11.04 36.57 -1.81
C GLY A 364 -10.92 37.82 -2.68
N PHE A 365 -10.64 37.62 -3.96
CA PHE A 365 -10.40 38.75 -4.85
C PHE A 365 -11.69 39.23 -5.50
N ARG A 366 -11.72 40.51 -5.85
CA ARG A 366 -12.86 41.08 -6.55
C ARG A 366 -12.69 40.94 -8.06
N ILE A 367 -13.74 40.44 -8.72
CA ILE A 367 -13.78 40.39 -10.17
C ILE A 367 -14.87 41.36 -10.65
N PRO A 368 -14.47 42.47 -11.28
CA PRO A 368 -15.46 43.41 -11.80
C PRO A 368 -16.39 42.76 -12.85
N LYS A 369 -17.58 43.33 -12.97
CA LYS A 369 -18.51 43.01 -14.04
C LYS A 369 -17.87 43.31 -15.39
N GLY A 370 -18.09 42.44 -16.36
CA GLY A 370 -17.55 42.63 -17.69
C GLY A 370 -16.12 42.17 -17.84
N THR A 371 -15.63 41.41 -16.86
CA THR A 371 -14.30 40.83 -16.94
C THR A 371 -14.32 39.53 -17.73
N THR A 372 -13.38 39.38 -18.66
CA THR A 372 -13.23 38.11 -19.36
C THR A 372 -12.55 37.12 -18.43
N LEU A 373 -13.21 36.00 -18.18
CA LEU A 373 -12.62 34.93 -17.38
C LEU A 373 -12.00 33.85 -18.27
N ILE A 374 -10.73 33.53 -18.03
CA ILE A 374 -10.12 32.35 -18.62
C ILE A 374 -10.05 31.21 -17.59
N THR A 375 -10.79 30.13 -17.81
CA THR A 375 -10.69 28.97 -16.95
C THR A 375 -9.51 28.09 -17.40
N ASN A 376 -8.40 28.10 -16.64
CA ASN A 376 -7.26 27.26 -17.03
C ASN A 376 -7.48 25.80 -16.66
N LEU A 377 -8.23 25.10 -17.50
CA LEU A 377 -8.51 23.67 -17.31
C LEU A 377 -7.26 22.81 -17.19
N SER A 378 -6.27 23.08 -18.04
CA SER A 378 -4.96 22.44 -17.92
C SER A 378 -4.42 22.44 -16.48
N SER A 379 -4.53 23.58 -15.83
CA SER A 379 -4.08 23.69 -14.44
C SER A 379 -4.90 22.81 -13.51
N VAL A 380 -6.07 22.36 -13.95
CA VAL A 380 -6.84 21.44 -13.12
C VAL A 380 -6.42 19.97 -13.39
N LEU A 381 -6.34 19.63 -14.68
CA LEU A 381 -6.01 18.30 -15.15
C LEU A 381 -4.60 17.91 -14.80
N LYS A 382 -3.72 18.91 -14.70
CA LYS A 382 -2.32 18.66 -14.40
C LYS A 382 -1.90 19.14 -13.01
N ASP A 383 -2.87 19.40 -12.12
CA ASP A 383 -2.56 19.91 -10.77
C ASP A 383 -1.67 18.96 -9.97
N GLU A 384 -0.45 19.39 -9.67
CA GLU A 384 0.46 18.59 -8.83
C GLU A 384 -0.01 18.28 -7.40
N ALA A 385 -0.98 19.03 -6.91
CA ALA A 385 -1.50 18.79 -5.56
C ALA A 385 -2.48 17.63 -5.58
N VAL A 386 -3.06 17.36 -6.74
CA VAL A 386 -4.16 16.42 -6.86
C VAL A 386 -3.77 15.09 -7.52
N TRP A 387 -2.96 15.17 -8.56
CA TRP A 387 -2.61 13.95 -9.31
C TRP A 387 -1.23 13.42 -8.90
N GLU A 388 -1.13 12.09 -8.90
CA GLU A 388 0.07 11.39 -8.44
C GLU A 388 1.27 11.76 -9.31
N LYS A 389 1.11 11.69 -10.63
CA LYS A 389 2.20 12.10 -11.50
C LYS A 389 1.63 12.76 -12.74
N PRO A 390 1.21 14.03 -12.61
CA PRO A 390 0.43 14.77 -13.60
C PRO A 390 1.08 14.91 -14.97
N PHE A 391 2.40 14.85 -15.03
CA PHE A 391 3.08 15.05 -16.30
C PHE A 391 3.45 13.73 -16.93
N ARG A 392 2.95 12.64 -16.37
CA ARG A 392 3.17 11.34 -17.00
C ARG A 392 1.83 10.73 -17.41
N PHE A 393 1.87 9.87 -18.41
CA PHE A 393 0.67 9.12 -18.79
C PHE A 393 0.56 7.96 -17.84
N HIS A 394 -0.50 7.94 -17.05
CA HIS A 394 -0.58 7.09 -15.85
C HIS A 394 -2.04 6.74 -15.59
N PRO A 395 -2.54 5.69 -16.25
CA PRO A 395 -3.92 5.22 -16.16
C PRO A 395 -4.35 4.98 -14.73
N GLU A 396 -3.41 4.70 -13.84
CA GLU A 396 -3.72 4.51 -12.42
C GLU A 396 -4.14 5.82 -11.75
N HIS A 397 -4.14 6.92 -12.49
CA HIS A 397 -4.77 8.14 -11.99
C HIS A 397 -6.28 7.94 -11.79
N PHE A 398 -6.83 6.90 -12.41
CA PHE A 398 -8.27 6.64 -12.36
C PHE A 398 -8.59 5.25 -11.83
N LEU A 399 -7.61 4.63 -11.17
CA LEU A 399 -7.78 3.31 -10.56
C LEU A 399 -7.33 3.33 -9.10
N ASP A 400 -8.01 2.53 -8.27
CA ASP A 400 -7.50 2.30 -6.94
C ASP A 400 -6.73 0.99 -6.93
N ALA A 401 -6.20 0.61 -5.78
CA ALA A 401 -5.32 -0.55 -5.66
C ALA A 401 -6.03 -1.84 -6.02
N GLN A 402 -7.36 -1.82 -5.91
CA GLN A 402 -8.17 -2.99 -6.18
C GLN A 402 -8.58 -3.07 -7.65
N GLY A 403 -8.26 -2.04 -8.41
CA GLY A 403 -8.57 -2.04 -9.83
C GLY A 403 -9.89 -1.38 -10.18
N HIS A 404 -10.56 -0.81 -9.18
CA HIS A 404 -11.82 -0.10 -9.41
C HIS A 404 -11.59 1.25 -10.08
N PHE A 405 -12.44 1.57 -11.04
CA PHE A 405 -12.36 2.87 -11.69
C PHE A 405 -12.82 3.96 -10.72
N VAL A 406 -12.05 5.05 -10.64
CA VAL A 406 -12.42 6.19 -9.78
C VAL A 406 -12.23 7.49 -10.55
N LYS A 407 -13.21 8.37 -10.52
CA LYS A 407 -13.08 9.64 -11.22
C LYS A 407 -12.90 10.80 -10.24
N PRO A 408 -11.67 11.29 -10.08
CA PRO A 408 -11.48 12.42 -9.17
C PRO A 408 -12.24 13.65 -9.64
N GLU A 409 -12.49 14.55 -8.71
CA GLU A 409 -13.25 15.76 -9.02
C GLU A 409 -12.47 16.68 -9.97
N ALA A 410 -11.15 16.53 -9.99
CA ALA A 410 -10.30 17.37 -10.82
C ALA A 410 -10.30 16.94 -12.28
N PHE A 411 -11.05 15.89 -12.59
CA PHE A 411 -11.25 15.54 -13.99
C PHE A 411 -12.31 16.47 -14.60
N LEU A 412 -11.84 17.58 -15.18
CA LEU A 412 -12.71 18.57 -15.79
C LEU A 412 -12.37 18.88 -17.25
N PRO A 413 -12.22 17.85 -18.09
CA PRO A 413 -11.85 18.28 -19.44
C PRO A 413 -13.02 18.95 -20.19
N PHE A 414 -14.23 18.87 -19.63
CA PHE A 414 -15.41 19.47 -20.25
C PHE A 414 -15.83 20.76 -19.56
N SER A 415 -14.97 21.29 -18.69
CA SER A 415 -15.28 22.45 -17.83
C SER A 415 -16.39 22.15 -16.84
N ALA A 416 -17.13 23.17 -16.43
CA ALA A 416 -18.10 23.04 -15.32
C ALA A 416 -19.15 24.13 -15.37
N GLY A 417 -20.25 23.94 -14.65
CA GLY A 417 -21.30 24.94 -14.57
C GLY A 417 -22.25 24.94 -15.78
N ARG A 418 -22.98 26.04 -15.96
CA ARG A 418 -24.04 26.13 -16.97
C ARG A 418 -23.57 25.99 -18.40
N ARG A 419 -22.31 26.33 -18.67
CA ARG A 419 -21.77 26.28 -20.03
C ARG A 419 -20.91 25.05 -20.30
N ALA A 420 -20.71 24.21 -19.30
CA ALA A 420 -19.91 22.99 -19.47
C ALA A 420 -20.37 22.23 -20.72
N CYS A 421 -19.43 21.56 -21.40
CA CYS A 421 -19.70 20.92 -22.69
C CYS A 421 -21.07 20.22 -22.72
N LEU A 422 -21.97 20.63 -23.62
CA LEU A 422 -23.24 19.91 -23.71
C LEU A 422 -23.05 18.57 -24.43
N GLY A 423 -21.89 18.40 -25.07
CA GLY A 423 -21.65 17.22 -25.88
C GLY A 423 -21.06 16.06 -25.11
N GLU A 424 -20.82 16.25 -23.82
CA GLU A 424 -20.05 15.27 -23.06
C GLU A 424 -20.61 13.83 -23.16
N PRO A 425 -21.94 13.64 -23.03
CA PRO A 425 -22.42 12.25 -23.15
C PRO A 425 -22.12 11.63 -24.50
N LEU A 426 -22.26 12.40 -25.59
CA LEU A 426 -21.92 11.88 -26.91
C LEU A 426 -20.42 11.61 -27.03
N ALA A 427 -19.62 12.55 -26.51
CA ALA A 427 -18.17 12.40 -26.55
C ALA A 427 -17.71 11.14 -25.83
N ARG A 428 -18.33 10.82 -24.70
CA ARG A 428 -17.94 9.66 -23.92
C ARG A 428 -18.23 8.43 -24.74
N MET A 429 -19.39 8.46 -25.36
CA MET A 429 -19.84 7.36 -26.19
C MET A 429 -18.85 7.15 -27.35
N GLU A 430 -18.53 8.22 -28.06
CA GLU A 430 -17.62 8.10 -29.19
C GLU A 430 -16.24 7.61 -28.76
N LEU A 431 -15.71 8.17 -27.66
CA LEU A 431 -14.39 7.79 -27.21
C LEU A 431 -14.36 6.31 -26.84
N PHE A 432 -15.38 5.81 -26.18
CA PHE A 432 -15.36 4.42 -25.75
C PHE A 432 -15.56 3.47 -26.92
N LEU A 433 -16.46 3.81 -27.83
CA LEU A 433 -16.78 2.90 -28.90
C LEU A 433 -15.67 2.92 -29.97
N PHE A 434 -15.18 4.10 -30.34
CA PHE A 434 -14.12 4.14 -31.34
C PHE A 434 -12.82 3.55 -30.77
N PHE A 435 -12.52 3.85 -29.51
CA PHE A 435 -11.24 3.47 -28.94
C PHE A 435 -11.21 1.98 -28.72
N THR A 436 -12.26 1.44 -28.09
CA THR A 436 -12.25 0.01 -27.86
C THR A 436 -12.41 -0.78 -29.16
N SER A 437 -13.15 -0.26 -30.14
CA SER A 437 -13.27 -0.99 -31.43
C SER A 437 -11.94 -1.06 -32.15
N LEU A 438 -11.22 0.05 -32.21
CA LEU A 438 -9.92 0.04 -32.87
C LEU A 438 -8.95 -0.95 -32.20
N LEU A 439 -8.86 -0.91 -30.87
CA LEU A 439 -7.88 -1.72 -30.16
C LEU A 439 -8.30 -3.18 -30.15
N GLN A 440 -9.58 -3.42 -30.38
CA GLN A 440 -10.07 -4.78 -30.46
C GLN A 440 -9.50 -5.52 -31.67
N HIS A 441 -9.37 -4.82 -32.79
CA HIS A 441 -9.04 -5.47 -34.06
C HIS A 441 -7.62 -5.18 -34.52
N PHE A 442 -6.98 -4.18 -33.94
CA PHE A 442 -5.63 -3.83 -34.36
C PHE A 442 -4.64 -3.71 -33.21
N SER A 443 -3.40 -4.08 -33.50
CA SER A 443 -2.28 -3.81 -32.60
C SER A 443 -1.55 -2.60 -33.17
N PHE A 444 -1.24 -1.62 -32.34
CA PHE A 444 -0.65 -0.38 -32.87
C PHE A 444 0.79 -0.22 -32.39
N SER A 445 1.66 0.33 -33.25
CA SER A 445 3.06 0.54 -32.92
C SER A 445 3.71 1.68 -33.73
N VAL A 446 4.84 2.19 -33.22
CA VAL A 446 5.68 3.12 -33.97
C VAL A 446 6.35 2.37 -35.14
N PRO A 447 6.35 2.97 -36.33
CA PRO A 447 7.02 2.30 -37.45
C PRO A 447 8.51 2.20 -37.13
N THR A 448 9.15 1.10 -37.53
CA THR A 448 10.55 0.93 -37.22
C THR A 448 11.35 1.97 -38.01
N GLY A 449 12.49 2.39 -37.46
CA GLY A 449 13.35 3.33 -38.16
C GLY A 449 12.72 4.70 -38.26
N GLN A 450 11.71 4.90 -37.42
CA GLN A 450 11.17 6.22 -37.19
C GLN A 450 11.45 6.61 -35.74
N PRO A 451 11.68 7.90 -35.50
CA PRO A 451 11.93 8.39 -34.14
C PRO A 451 10.70 8.24 -33.24
N ARG A 452 10.93 7.90 -31.97
CA ARG A 452 9.88 7.88 -30.97
C ARG A 452 9.20 9.26 -30.96
N PRO A 453 7.90 9.28 -31.31
CA PRO A 453 7.15 10.54 -31.38
C PRO A 453 7.08 11.24 -30.03
N SER A 454 7.13 12.57 -30.06
CA SER A 454 7.02 13.39 -28.84
C SER A 454 5.68 13.22 -28.15
N HIS A 455 5.66 13.22 -26.82
CA HIS A 455 4.40 13.21 -26.09
C HIS A 455 3.95 14.64 -25.79
N HIS A 456 4.62 15.61 -26.37
CA HIS A 456 4.26 17.02 -26.18
C HIS A 456 3.45 17.50 -27.35
N GLY A 457 2.42 18.28 -27.06
CA GLY A 457 1.50 18.68 -28.10
C GLY A 457 1.84 20.03 -28.68
N VAL A 458 1.17 20.38 -29.76
CA VAL A 458 1.29 21.71 -30.32
C VAL A 458 0.05 22.50 -29.99
N PHE A 459 0.24 23.64 -29.33
CA PHE A 459 -0.87 24.49 -28.92
C PHE A 459 -1.35 25.43 -30.02
N ALA A 460 -2.67 25.41 -30.27
CA ALA A 460 -3.35 26.39 -31.10
C ALA A 460 -4.81 26.54 -30.67
N PHE A 461 -5.00 26.99 -29.42
CA PHE A 461 -6.29 26.93 -28.69
C PHE A 461 -6.57 25.50 -28.30
N LEU A 462 -6.72 24.64 -29.32
CA LEU A 462 -6.73 23.21 -29.13
C LEU A 462 -5.30 22.67 -29.13
N VAL A 463 -5.04 21.62 -28.34
CA VAL A 463 -3.71 21.03 -28.33
C VAL A 463 -3.73 19.66 -29.02
N SER A 464 -3.06 19.63 -30.18
CA SER A 464 -2.94 18.42 -30.98
C SER A 464 -1.67 17.69 -30.63
N PRO A 465 -1.73 16.36 -30.66
CA PRO A 465 -0.45 15.63 -30.60
C PRO A 465 0.46 16.02 -31.76
N SER A 466 1.76 15.97 -31.50
CA SER A 466 2.78 16.15 -32.53
C SER A 466 2.52 15.17 -33.67
N PRO A 467 2.80 15.58 -34.91
CA PRO A 467 2.50 14.68 -36.04
C PRO A 467 3.25 13.36 -35.92
N TYR A 468 2.53 12.25 -36.02
CA TYR A 468 3.15 10.95 -35.94
C TYR A 468 2.51 10.01 -36.97
N GLU A 469 3.20 8.91 -37.27
CA GLU A 469 2.61 7.80 -38.02
C GLU A 469 2.53 6.56 -37.14
N LEU A 470 1.59 5.67 -37.42
CA LEU A 470 1.59 4.38 -36.74
C LEU A 470 1.46 3.23 -37.73
N CYS A 471 1.72 2.03 -37.23
CA CYS A 471 1.39 0.81 -37.96
C CYS A 471 0.15 0.20 -37.29
N ALA A 472 -0.82 -0.21 -38.09
CA ALA A 472 -1.99 -0.89 -37.54
C ALA A 472 -2.03 -2.31 -38.10
N VAL A 473 -1.67 -3.26 -37.24
CA VAL A 473 -1.62 -4.68 -37.57
C VAL A 473 -2.84 -5.41 -37.03
N PRO A 474 -3.54 -6.15 -37.89
CA PRO A 474 -4.69 -6.93 -37.43
C PRO A 474 -4.35 -7.96 -36.34
N ARG A 475 -5.28 -8.19 -35.42
CA ARG A 475 -5.05 -9.13 -34.32
C ARG A 475 -5.53 -10.57 -34.61
N LYS B 10 -6.40 -22.18 45.90
CA LYS B 10 -5.10 -21.55 45.74
C LYS B 10 -4.37 -22.17 44.56
N LEU B 11 -4.38 -23.50 44.49
CA LEU B 11 -3.69 -24.23 43.43
C LEU B 11 -4.39 -24.06 42.07
N PRO B 12 -3.61 -24.11 40.97
CA PRO B 12 -4.20 -23.98 39.63
C PRO B 12 -5.21 -25.08 39.38
N PRO B 13 -6.32 -24.75 38.72
CA PRO B 13 -7.41 -25.70 38.50
C PRO B 13 -7.02 -26.78 37.49
N GLY B 14 -7.87 -27.79 37.29
CA GLY B 14 -7.58 -28.84 36.34
C GLY B 14 -8.55 -30.00 36.51
N PRO B 15 -8.57 -30.94 35.56
CA PRO B 15 -9.44 -32.12 35.64
C PRO B 15 -9.17 -32.96 36.89
N LEU B 16 -10.15 -33.74 37.32
CA LEU B 16 -10.01 -34.56 38.52
C LEU B 16 -9.69 -36.02 38.18
N PRO B 17 -8.69 -36.61 38.89
CA PRO B 17 -8.30 -38.03 38.75
C PRO B 17 -9.05 -38.94 39.73
N PHE B 29 -1.98 -40.15 22.31
CA PHE B 29 -0.76 -39.39 22.54
C PHE B 29 -0.63 -38.21 21.58
N GLN B 30 -1.07 -38.43 20.34
CA GLN B 30 -0.96 -37.40 19.31
C GLN B 30 -1.84 -36.18 19.60
N ASN B 31 -2.77 -36.31 20.53
CA ASN B 31 -3.72 -35.24 20.81
C ASN B 31 -3.31 -34.37 22.00
N THR B 32 -2.11 -34.58 22.53
CA THR B 32 -1.66 -33.86 23.73
C THR B 32 -1.78 -32.33 23.55
N PRO B 33 -1.24 -31.78 22.44
CA PRO B 33 -1.43 -30.33 22.28
C PRO B 33 -2.90 -29.94 22.18
N TYR B 34 -3.67 -30.70 21.42
CA TYR B 34 -5.12 -30.52 21.33
C TYR B 34 -5.73 -30.66 22.73
N CYS B 35 -5.35 -31.73 23.43
CA CYS B 35 -5.78 -31.98 24.79
C CYS B 35 -5.44 -30.79 25.72
N PHE B 36 -4.21 -30.31 25.64
CA PHE B 36 -3.77 -29.15 26.41
C PHE B 36 -4.55 -27.88 26.02
N ASP B 37 -4.92 -27.77 24.75
CA ASP B 37 -5.70 -26.63 24.26
C ASP B 37 -7.11 -26.68 24.85
N GLN B 38 -7.73 -27.85 24.81
CA GLN B 38 -9.08 -28.00 25.32
C GLN B 38 -9.10 -27.82 26.84
N LEU B 39 -8.04 -28.30 27.49
CA LEU B 39 -7.89 -28.10 28.92
C LEU B 39 -7.67 -26.62 29.19
N ARG B 40 -6.96 -25.97 28.28
CA ARG B 40 -6.66 -24.56 28.43
C ARG B 40 -7.95 -23.74 28.38
N ARG B 41 -8.88 -24.18 27.52
CA ARG B 41 -10.13 -23.47 27.31
C ARG B 41 -11.05 -23.53 28.53
N ARG B 42 -10.96 -24.60 29.29
CA ARG B 42 -11.83 -24.76 30.46
C ARG B 42 -11.21 -24.23 31.73
N PHE B 43 -9.88 -24.33 31.84
CA PHE B 43 -9.24 -24.03 33.12
C PHE B 43 -8.36 -22.79 33.11
N GLY B 44 -8.03 -22.28 31.92
CA GLY B 44 -7.18 -21.13 31.81
C GLY B 44 -5.75 -21.47 31.39
N ASP B 45 -4.88 -20.47 31.47
CA ASP B 45 -3.52 -20.56 30.96
C ASP B 45 -2.60 -21.37 31.84
N VAL B 46 -3.06 -21.66 33.04
CA VAL B 46 -2.26 -22.37 34.02
C VAL B 46 -3.12 -23.42 34.71
N PHE B 47 -2.95 -24.68 34.32
CA PHE B 47 -3.73 -25.73 34.96
C PHE B 47 -2.84 -26.85 35.51
N SER B 48 -3.45 -27.80 36.21
CA SER B 48 -2.69 -28.87 36.85
C SER B 48 -3.11 -30.25 36.35
N LEU B 49 -2.14 -31.17 36.34
CA LEU B 49 -2.37 -32.55 35.94
C LEU B 49 -1.66 -33.50 36.88
N GLN B 50 -2.15 -34.74 36.97
CA GLN B 50 -1.48 -35.76 37.76
C GLN B 50 -0.91 -36.86 36.88
N LEU B 51 0.15 -36.54 36.14
CA LEU B 51 0.75 -37.49 35.21
C LEU B 51 1.53 -38.58 35.94
N ALA B 52 1.01 -39.80 35.88
CA ALA B 52 1.48 -40.90 36.72
C ALA B 52 1.38 -40.48 38.19
N TRP B 53 2.50 -40.54 38.91
CA TRP B 53 2.53 -40.11 40.30
C TRP B 53 3.23 -38.75 40.42
N THR B 54 3.30 -38.03 39.31
CA THR B 54 3.90 -36.70 39.27
C THR B 54 2.84 -35.61 39.17
N PRO B 55 2.86 -34.64 40.12
CA PRO B 55 1.98 -33.48 40.02
C PRO B 55 2.57 -32.45 39.04
N VAL B 56 1.87 -32.23 37.94
CA VAL B 56 2.36 -31.37 36.88
C VAL B 56 1.55 -30.06 36.81
N VAL B 57 2.24 -28.97 36.49
CA VAL B 57 1.53 -27.73 36.18
C VAL B 57 1.91 -27.28 34.78
N VAL B 58 0.90 -27.12 33.91
CA VAL B 58 1.16 -26.77 32.51
C VAL B 58 0.98 -25.27 32.28
N LEU B 59 1.96 -24.67 31.61
CA LEU B 59 1.99 -23.25 31.36
C LEU B 59 1.71 -22.94 29.89
N ASN B 60 0.69 -22.12 29.62
CA ASN B 60 0.30 -21.80 28.25
C ASN B 60 0.27 -20.30 27.98
N GLY B 61 0.73 -19.89 26.80
CA GLY B 61 0.77 -18.49 26.43
C GLY B 61 2.03 -17.81 26.96
N LEU B 62 2.39 -16.68 26.38
CA LEU B 62 3.62 -15.99 26.77
C LEU B 62 3.61 -15.50 28.24
N ALA B 63 2.51 -14.88 28.67
CA ALA B 63 2.40 -14.32 30.02
C ALA B 63 2.75 -15.34 31.10
N ALA B 64 2.07 -16.48 31.09
CA ALA B 64 2.31 -17.54 32.07
C ALA B 64 3.73 -18.09 31.99
N VAL B 65 4.22 -18.31 30.77
CA VAL B 65 5.55 -18.87 30.57
C VAL B 65 6.60 -17.89 31.06
N ARG B 66 6.43 -16.61 30.71
CA ARG B 66 7.38 -15.60 31.18
C ARG B 66 7.30 -15.36 32.68
N GLU B 67 6.08 -15.36 33.23
CA GLU B 67 5.94 -15.10 34.66
C GLU B 67 6.65 -16.20 35.46
N ALA B 68 6.55 -17.43 34.98
CA ALA B 68 7.19 -18.56 35.64
C ALA B 68 8.72 -18.60 35.40
N LEU B 69 9.17 -18.40 34.17
CA LEU B 69 10.59 -18.59 33.86
C LEU B 69 11.43 -17.32 33.98
N VAL B 70 10.85 -16.15 33.79
CA VAL B 70 11.62 -14.92 33.88
C VAL B 70 11.37 -14.26 35.22
N THR B 71 10.14 -13.83 35.44
CA THR B 71 9.77 -13.13 36.67
C THR B 71 10.07 -13.96 37.92
N HIS B 72 9.74 -15.26 37.90
CA HIS B 72 10.15 -16.11 39.02
C HIS B 72 11.28 -17.03 38.59
N GLY B 73 12.14 -16.54 37.70
CA GLY B 73 13.22 -17.33 37.13
C GLY B 73 14.13 -18.07 38.11
N GLU B 74 14.45 -17.39 39.22
CA GLU B 74 15.31 -17.95 40.25
C GLU B 74 14.68 -19.18 40.86
N ASP B 75 13.35 -19.22 40.87
CA ASP B 75 12.63 -20.31 41.53
C ASP B 75 12.19 -21.42 40.56
N THR B 76 12.42 -21.23 39.26
CA THR B 76 11.94 -22.21 38.28
C THR B 76 13.04 -22.73 37.36
N ALA B 77 14.28 -22.65 37.81
CA ALA B 77 15.39 -23.06 36.96
C ALA B 77 15.93 -24.42 37.38
N ASP B 78 15.11 -25.21 38.03
CA ASP B 78 15.52 -26.52 38.48
C ASP B 78 14.99 -27.59 37.51
N ARG B 79 15.62 -28.76 37.50
CA ARG B 79 15.12 -29.88 36.72
C ARG B 79 14.56 -30.92 37.68
N PRO B 80 13.49 -31.62 37.25
CA PRO B 80 13.01 -32.74 38.07
C PRO B 80 14.07 -33.82 38.15
N PRO B 81 14.19 -34.48 39.31
CA PRO B 81 15.22 -35.52 39.40
C PRO B 81 14.97 -36.66 38.39
N VAL B 82 16.04 -37.24 37.84
CA VAL B 82 15.93 -38.34 36.89
C VAL B 82 16.85 -39.49 37.33
N PRO B 83 16.32 -40.39 38.19
CA PRO B 83 17.11 -41.42 38.86
C PRO B 83 17.89 -42.36 37.92
N ILE B 84 17.35 -42.67 36.74
CA ILE B 84 18.03 -43.61 35.87
C ILE B 84 19.33 -43.06 35.27
N THR B 85 19.52 -41.74 35.30
CA THR B 85 20.76 -41.18 34.76
C THR B 85 22.00 -41.67 35.52
N GLN B 86 21.82 -42.30 36.68
CA GLN B 86 22.94 -42.94 37.38
C GLN B 86 23.61 -43.97 36.50
N ILE B 87 22.84 -44.53 35.57
CA ILE B 87 23.37 -45.52 34.62
C ILE B 87 24.42 -44.90 33.70
N LEU B 88 24.32 -43.58 33.50
CA LEU B 88 25.23 -42.85 32.63
C LEU B 88 26.32 -42.07 33.39
N GLY B 89 26.47 -42.35 34.68
CA GLY B 89 27.52 -41.73 35.49
C GLY B 89 27.22 -40.37 36.12
N PHE B 90 25.95 -40.05 36.33
CA PHE B 90 25.58 -38.82 37.02
C PHE B 90 25.88 -38.86 38.51
N GLY B 91 26.32 -37.72 39.04
CA GLY B 91 26.60 -37.58 40.45
C GLY B 91 26.60 -36.10 40.77
N PRO B 92 26.73 -35.76 42.06
CA PRO B 92 26.55 -34.38 42.53
C PRO B 92 27.45 -33.36 41.83
N ARG B 93 28.73 -33.71 41.61
CA ARG B 93 29.66 -32.85 40.88
C ARG B 93 29.85 -33.33 39.42
N SER B 94 28.88 -34.11 38.93
CA SER B 94 28.88 -34.60 37.56
C SER B 94 27.46 -34.69 37.00
N GLN B 95 26.84 -33.53 36.75
CA GLN B 95 25.46 -33.51 36.32
C GLN B 95 25.28 -32.97 34.90
N GLY B 96 26.39 -32.80 34.18
CA GLY B 96 26.37 -32.12 32.89
C GLY B 96 25.73 -30.74 32.95
N VAL B 97 24.99 -30.39 31.91
CA VAL B 97 24.28 -29.13 31.86
C VAL B 97 22.78 -29.36 31.80
N PHE B 98 22.34 -30.12 30.80
CA PHE B 98 20.94 -30.23 30.43
C PHE B 98 20.02 -30.70 31.56
N LEU B 99 20.38 -31.81 32.22
CA LEU B 99 19.52 -32.27 33.30
C LEU B 99 20.04 -31.89 34.70
N ALA B 100 21.10 -31.08 34.74
CA ALA B 100 21.72 -30.68 36.00
C ALA B 100 20.75 -29.99 36.93
N ARG B 101 20.75 -30.38 38.21
CA ARG B 101 19.91 -29.71 39.18
C ARG B 101 20.32 -28.23 39.24
N TYR B 102 19.39 -27.35 39.54
CA TYR B 102 19.74 -25.96 39.76
C TYR B 102 20.67 -25.83 40.98
N GLY B 103 21.83 -25.21 40.79
CA GLY B 103 22.86 -25.14 41.81
C GLY B 103 24.24 -24.89 41.20
N PRO B 104 25.31 -25.01 42.00
CA PRO B 104 26.65 -24.63 41.52
C PRO B 104 27.19 -25.52 40.39
N ALA B 105 26.94 -26.82 40.47
CA ALA B 105 27.43 -27.72 39.42
C ALA B 105 26.78 -27.37 38.05
N TRP B 106 25.48 -27.08 38.02
CA TRP B 106 24.84 -26.63 36.77
C TRP B 106 25.35 -25.28 36.32
N ARG B 107 25.45 -24.34 37.25
CA ARG B 107 25.83 -22.96 36.96
C ARG B 107 27.26 -22.86 36.43
N GLU B 108 28.16 -23.64 37.01
CA GLU B 108 29.54 -23.64 36.56
C GLU B 108 29.65 -24.11 35.11
N GLN B 109 28.95 -25.19 34.78
CA GLN B 109 29.05 -25.77 33.44
C GLN B 109 28.30 -24.92 32.42
N ARG B 110 27.17 -24.37 32.85
CA ARG B 110 26.42 -23.42 32.06
C ARG B 110 27.30 -22.24 31.64
N ARG B 111 27.95 -21.61 32.62
CA ARG B 111 28.83 -20.48 32.36
C ARG B 111 30.05 -20.86 31.51
N PHE B 112 30.61 -22.05 31.75
CA PHE B 112 31.72 -22.55 30.93
C PHE B 112 31.29 -22.67 29.47
N SER B 113 30.17 -23.36 29.23
CA SER B 113 29.70 -23.57 27.86
C SER B 113 29.33 -22.27 27.16
N VAL B 114 28.57 -21.42 27.85
CA VAL B 114 28.20 -20.11 27.30
C VAL B 114 29.49 -19.36 26.90
N SER B 115 30.45 -19.27 27.82
CA SER B 115 31.70 -18.59 27.53
C SER B 115 32.53 -19.20 26.40
N THR B 116 32.69 -20.52 26.43
CA THR B 116 33.47 -21.22 25.43
C THR B 116 32.83 -21.02 24.05
N LEU B 117 31.52 -21.16 23.96
CA LEU B 117 30.79 -20.83 22.73
C LEU B 117 31.03 -19.39 22.27
N ARG B 118 30.99 -18.43 23.19
CA ARG B 118 31.26 -17.03 22.87
C ARG B 118 32.68 -16.80 22.37
N ASN B 119 33.66 -17.42 23.03
CA ASN B 119 35.06 -17.23 22.66
C ASN B 119 35.37 -17.84 21.30
N LEU B 120 34.82 -19.03 21.05
CA LEU B 120 35.14 -19.77 19.84
C LEU B 120 34.59 -19.07 18.60
N GLY B 121 33.62 -18.19 18.80
CA GLY B 121 33.01 -17.44 17.70
C GLY B 121 33.42 -15.97 17.71
N LEU B 122 34.47 -15.67 18.46
CA LEU B 122 35.07 -14.35 18.46
C LEU B 122 36.46 -14.43 17.88
N GLY B 123 37.06 -13.27 17.62
CA GLY B 123 38.41 -13.19 17.06
C GLY B 123 38.55 -13.87 15.70
N LYS B 124 39.27 -14.98 15.67
CA LYS B 124 39.48 -15.76 14.44
C LYS B 124 38.18 -16.36 13.90
N LYS B 125 37.15 -16.39 14.76
CA LYS B 125 35.82 -16.92 14.43
C LYS B 125 35.86 -18.35 13.86
N SER B 126 36.42 -19.27 14.64
CA SER B 126 36.52 -20.68 14.27
C SER B 126 35.14 -21.30 14.05
N LEU B 127 34.20 -20.99 14.94
CA LEU B 127 32.84 -21.49 14.82
C LEU B 127 32.28 -21.16 13.46
N GLU B 128 32.32 -19.88 13.08
CA GLU B 128 31.79 -19.50 11.78
C GLU B 128 32.55 -20.19 10.66
N GLN B 129 33.87 -20.29 10.81
CA GLN B 129 34.74 -20.97 9.84
C GLN B 129 34.36 -22.44 9.71
N TRP B 130 34.23 -23.13 10.84
CA TRP B 130 33.83 -24.53 10.86
C TRP B 130 32.49 -24.73 10.18
N VAL B 131 31.52 -23.89 10.52
CA VAL B 131 30.19 -23.99 9.92
C VAL B 131 30.20 -23.69 8.41
N THR B 132 30.89 -22.64 8.00
CA THR B 132 31.03 -22.30 6.59
C THR B 132 31.65 -23.42 5.76
N GLU B 133 32.69 -24.05 6.30
CA GLU B 133 33.36 -25.15 5.62
C GLU B 133 32.43 -26.36 5.55
N GLU B 134 31.65 -26.56 6.61
CA GLU B 134 30.74 -27.69 6.64
C GLU B 134 29.62 -27.49 5.61
N ALA B 135 29.12 -26.26 5.49
CA ALA B 135 28.09 -25.91 4.52
C ALA B 135 28.50 -26.27 3.10
N ALA B 136 29.76 -26.01 2.77
CA ALA B 136 30.32 -26.38 1.48
C ALA B 136 30.37 -27.90 1.32
N CYS B 137 30.76 -28.61 2.37
CA CYS B 137 30.74 -30.07 2.36
C CYS B 137 29.32 -30.58 2.13
N LEU B 138 28.36 -29.93 2.79
CA LEU B 138 26.96 -30.27 2.67
C LEU B 138 26.49 -30.04 1.25
N CYS B 139 26.85 -28.88 0.69
CA CYS B 139 26.50 -28.59 -0.69
C CYS B 139 27.07 -29.63 -1.67
N ALA B 140 28.34 -30.02 -1.52
CA ALA B 140 28.91 -31.04 -2.41
C ALA B 140 28.10 -32.34 -2.33
N ALA B 141 27.82 -32.78 -1.11
CA ALA B 141 27.05 -34.01 -0.90
C ALA B 141 25.64 -33.93 -1.52
N PHE B 142 25.04 -32.75 -1.56
CA PHE B 142 23.73 -32.57 -2.21
C PHE B 142 23.91 -32.70 -3.71
N ALA B 143 24.87 -31.95 -4.23
CA ALA B 143 25.21 -31.99 -5.65
C ALA B 143 25.42 -33.42 -6.14
N ASN B 144 25.99 -34.27 -5.29
CA ASN B 144 26.13 -35.68 -5.63
C ASN B 144 24.79 -36.35 -5.94
N HIS B 145 23.71 -35.79 -5.41
CA HIS B 145 22.35 -36.24 -5.72
C HIS B 145 21.72 -35.32 -6.78
N SER B 146 22.19 -35.42 -8.01
CA SER B 146 21.75 -34.50 -9.05
C SER B 146 20.49 -34.99 -9.76
N GLY B 147 19.38 -34.29 -9.52
CA GLY B 147 18.12 -34.60 -10.18
C GLY B 147 17.33 -35.71 -9.48
N ARG B 148 18.06 -36.76 -9.09
CA ARG B 148 17.49 -37.87 -8.34
C ARG B 148 16.81 -37.39 -7.05
N PRO B 149 15.59 -37.90 -6.80
CA PRO B 149 14.95 -37.58 -5.51
C PRO B 149 15.71 -38.25 -4.36
N PHE B 150 15.84 -37.54 -3.24
CA PHE B 150 16.48 -38.06 -2.04
C PHE B 150 15.95 -37.38 -0.78
N ARG B 151 15.96 -38.12 0.33
CA ARG B 151 15.67 -37.56 1.62
C ARG B 151 16.91 -36.84 2.09
N PRO B 152 16.80 -35.55 2.38
CA PRO B 152 17.95 -34.76 2.82
C PRO B 152 18.21 -34.89 4.31
N ASN B 153 17.36 -35.61 5.03
CA ASN B 153 17.46 -35.74 6.49
C ASN B 153 18.77 -36.31 6.96
N GLY B 154 19.29 -37.29 6.20
CA GLY B 154 20.50 -37.97 6.57
C GLY B 154 21.69 -37.05 6.48
N LEU B 155 21.74 -36.26 5.41
CA LEU B 155 22.87 -35.34 5.23
C LEU B 155 22.86 -34.19 6.23
N LEU B 156 21.66 -33.66 6.51
CA LEU B 156 21.53 -32.55 7.45
C LEU B 156 22.06 -32.94 8.83
N ASP B 157 21.67 -34.14 9.28
CA ASP B 157 22.25 -34.75 10.48
C ASP B 157 23.79 -34.76 10.49
N LYS B 158 24.41 -35.18 9.39
CA LYS B 158 25.88 -35.29 9.35
C LYS B 158 26.54 -33.93 9.45
N ALA B 159 26.03 -32.97 8.69
CA ALA B 159 26.57 -31.62 8.69
C ALA B 159 26.45 -30.94 10.06
N VAL B 160 25.29 -31.10 10.69
CA VAL B 160 25.01 -30.46 11.97
C VAL B 160 25.82 -31.16 13.08
N SER B 161 26.00 -32.47 12.94
CA SER B 161 26.79 -33.21 13.92
C SER B 161 28.26 -32.84 13.82
N ASN B 162 28.72 -32.54 12.62
CA ASN B 162 30.12 -32.15 12.44
C ASN B 162 30.40 -30.78 13.00
N VAL B 163 29.40 -29.91 13.03
CA VAL B 163 29.58 -28.62 13.73
C VAL B 163 29.80 -28.83 15.24
N ILE B 164 29.02 -29.70 15.85
CA ILE B 164 29.23 -30.00 17.27
C ILE B 164 30.60 -30.65 17.49
N ALA B 165 30.94 -31.59 16.59
CA ALA B 165 32.23 -32.25 16.61
C ALA B 165 33.36 -31.24 16.58
N SER B 166 33.21 -30.23 15.70
CA SER B 166 34.20 -29.17 15.60
C SER B 166 34.31 -28.37 16.89
N LEU B 167 33.16 -27.93 17.39
CA LEU B 167 33.08 -27.19 18.66
C LEU B 167 33.73 -27.96 19.81
N THR B 168 33.36 -29.22 19.98
CA THR B 168 33.72 -30.00 21.15
C THR B 168 35.04 -30.73 21.02
N CYS B 169 35.34 -31.24 19.82
CA CYS B 169 36.55 -32.06 19.66
C CYS B 169 37.57 -31.49 18.66
N GLY B 170 37.27 -30.36 18.04
CA GLY B 170 38.18 -29.75 17.08
C GLY B 170 38.42 -30.55 15.80
N ARG B 171 37.50 -31.46 15.47
CA ARG B 171 37.64 -32.18 14.20
C ARG B 171 36.29 -32.35 13.50
N ARG B 172 36.34 -32.72 12.23
CA ARG B 172 35.14 -33.18 11.54
C ARG B 172 35.34 -34.61 11.09
N PHE B 173 34.25 -35.23 10.64
CA PHE B 173 34.27 -36.62 10.19
C PHE B 173 33.80 -36.68 8.74
N GLU B 174 34.47 -37.52 7.96
CA GLU B 174 34.07 -37.79 6.59
C GLU B 174 32.64 -38.32 6.61
N TYR B 175 31.84 -37.99 5.61
CA TYR B 175 30.42 -38.39 5.67
C TYR B 175 30.24 -39.90 5.65
N ASP B 176 31.24 -40.62 5.15
CA ASP B 176 31.15 -42.08 5.13
C ASP B 176 31.98 -42.73 6.24
N ASP B 177 32.39 -41.95 7.25
CA ASP B 177 33.23 -42.48 8.33
C ASP B 177 32.38 -43.44 9.19
N PRO B 178 32.83 -44.70 9.29
CA PRO B 178 32.08 -45.76 10.01
C PRO B 178 31.77 -45.39 11.45
N ARG B 179 32.78 -44.90 12.15
CA ARG B 179 32.62 -44.46 13.54
C ARG B 179 31.64 -43.29 13.67
N PHE B 180 31.69 -42.41 12.69
CA PHE B 180 30.78 -41.27 12.61
C PHE B 180 29.34 -41.74 12.42
N LEU B 181 29.12 -42.63 11.46
CA LEU B 181 27.79 -43.18 11.21
C LEU B 181 27.23 -43.87 12.46
N ARG B 182 28.05 -44.65 13.15
CA ARG B 182 27.57 -45.36 14.33
C ARG B 182 27.21 -44.41 15.46
N LEU B 183 28.04 -43.38 15.63
CA LEU B 183 27.74 -42.31 16.59
C LEU B 183 26.34 -41.72 16.35
N LEU B 184 26.04 -41.38 15.10
CA LEU B 184 24.75 -40.77 14.75
C LEU B 184 23.61 -41.77 14.88
N ASP B 185 23.85 -43.00 14.45
CA ASP B 185 22.87 -44.07 14.57
C ASP B 185 22.49 -44.32 16.03
N LEU B 186 23.48 -44.39 16.91
CA LEU B 186 23.21 -44.60 18.34
C LEU B 186 22.45 -43.43 18.94
N ALA B 187 22.79 -42.22 18.51
CA ALA B 187 22.08 -41.00 18.94
C ALA B 187 20.60 -41.03 18.55
N GLN B 188 20.28 -41.50 17.35
CA GLN B 188 18.90 -41.57 16.89
C GLN B 188 18.12 -42.58 17.73
N GLU B 189 18.71 -43.75 17.98
CA GLU B 189 18.05 -44.75 18.79
C GLU B 189 17.95 -44.32 20.25
N GLY B 190 18.94 -43.57 20.71
CA GLY B 190 18.94 -43.06 22.08
C GLY B 190 17.80 -42.10 22.33
N LEU B 191 17.39 -41.39 21.29
CA LEU B 191 16.26 -40.48 21.39
C LEU B 191 14.98 -41.27 21.62
N LYS B 192 14.87 -42.42 20.96
CA LYS B 192 13.75 -43.34 21.17
C LYS B 192 13.63 -43.77 22.64
N GLU B 193 14.75 -43.87 23.34
CA GLU B 193 14.73 -44.24 24.76
C GLU B 193 14.39 -43.08 25.69
N GLU B 194 13.97 -41.95 25.14
CA GLU B 194 13.56 -40.81 25.97
C GLU B 194 12.09 -40.91 26.37
N SER B 195 11.39 -41.82 25.72
CA SER B 195 9.99 -42.09 26.01
C SER B 195 9.79 -43.58 26.32
N GLY B 196 8.81 -43.89 27.14
CA GLY B 196 8.53 -45.28 27.47
C GLY B 196 8.04 -45.45 28.88
N PHE B 197 7.14 -46.40 29.07
CA PHE B 197 6.57 -46.67 30.37
C PHE B 197 7.67 -47.11 31.34
N LEU B 198 8.50 -48.04 30.89
CA LEU B 198 9.59 -48.61 31.67
C LEU B 198 10.47 -47.53 32.29
N ARG B 199 10.75 -46.49 31.52
CA ARG B 199 11.50 -45.34 31.98
C ARG B 199 10.85 -44.68 33.21
N GLU B 200 9.55 -44.41 33.09
CA GLU B 200 8.75 -43.80 34.16
C GLU B 200 8.81 -44.62 35.42
N VAL B 201 8.59 -45.92 35.27
CA VAL B 201 8.55 -46.84 36.41
C VAL B 201 9.87 -46.86 37.15
N LEU B 202 10.97 -46.88 36.39
CA LEU B 202 12.30 -46.94 36.97
C LEU B 202 12.62 -45.63 37.67
N ASN B 203 12.13 -44.53 37.11
CA ASN B 203 12.34 -43.21 37.69
C ASN B 203 11.50 -43.00 38.94
N ALA B 204 10.29 -43.54 38.92
CA ALA B 204 9.43 -43.51 40.11
C ALA B 204 9.93 -44.49 41.15
N VAL B 205 10.34 -45.68 40.70
CA VAL B 205 10.83 -46.72 41.60
C VAL B 205 12.28 -47.11 41.29
N PRO B 206 13.24 -46.28 41.74
CA PRO B 206 14.67 -46.41 41.43
C PRO B 206 15.26 -47.78 41.78
N VAL B 207 14.66 -48.45 42.77
CA VAL B 207 15.21 -49.69 43.27
C VAL B 207 15.14 -50.81 42.23
N LEU B 208 14.23 -50.68 41.27
CA LEU B 208 14.05 -51.69 40.24
C LEU B 208 15.29 -51.79 39.37
N LEU B 209 16.12 -50.73 39.41
CA LEU B 209 17.38 -50.68 38.66
C LEU B 209 18.37 -51.76 39.11
N HIS B 210 18.18 -52.25 40.33
CA HIS B 210 19.01 -53.33 40.87
C HIS B 210 18.86 -54.62 40.08
N ILE B 211 17.77 -54.74 39.32
CA ILE B 211 17.59 -55.84 38.38
C ILE B 211 18.36 -55.57 37.10
N PRO B 212 19.44 -56.34 36.86
CA PRO B 212 20.30 -56.08 35.70
C PRO B 212 19.57 -56.20 34.36
N ALA B 213 18.48 -56.98 34.34
CA ALA B 213 17.66 -57.13 33.14
C ALA B 213 17.07 -55.78 32.74
N LEU B 214 16.52 -55.08 33.71
CA LEU B 214 15.94 -53.75 33.49
C LEU B 214 17.01 -52.69 33.26
N ALA B 215 17.99 -52.64 34.16
CA ALA B 215 19.04 -51.62 34.12
C ALA B 215 19.74 -51.56 32.76
N GLY B 216 20.12 -52.72 32.24
CA GLY B 216 20.90 -52.80 31.02
C GLY B 216 20.09 -52.80 29.74
N LYS B 217 18.83 -52.36 29.80
CA LYS B 217 18.02 -52.30 28.59
C LYS B 217 17.41 -50.92 28.37
N VAL B 218 17.25 -50.16 29.45
CA VAL B 218 16.51 -48.90 29.39
C VAL B 218 17.28 -47.75 28.76
N LEU B 219 18.61 -47.82 28.83
CA LEU B 219 19.42 -46.76 28.27
C LEU B 219 20.60 -47.36 27.53
N ARG B 220 20.38 -48.53 26.94
CA ARG B 220 21.48 -49.25 26.30
C ARG B 220 22.04 -48.48 25.10
N PHE B 221 21.18 -47.72 24.41
CA PHE B 221 21.64 -46.92 23.29
C PHE B 221 22.35 -45.65 23.75
N GLN B 222 21.84 -45.01 24.81
CA GLN B 222 22.50 -43.81 25.30
C GLN B 222 23.83 -44.16 25.97
N LYS B 223 23.94 -45.40 26.44
CA LYS B 223 25.17 -45.85 27.08
C LYS B 223 26.20 -46.22 26.01
N ALA B 224 25.71 -46.84 24.94
CA ALA B 224 26.55 -47.16 23.79
C ALA B 224 27.03 -45.88 23.12
N PHE B 225 26.18 -44.84 23.18
CA PHE B 225 26.52 -43.56 22.59
C PHE B 225 27.63 -42.93 23.40
N LEU B 226 27.48 -42.90 24.73
CA LEU B 226 28.54 -42.39 25.59
C LEU B 226 29.84 -43.22 25.45
N THR B 227 29.73 -44.53 25.23
CA THR B 227 30.91 -45.37 25.06
C THR B 227 31.70 -44.99 23.79
N GLN B 228 30.98 -44.77 22.70
CA GLN B 228 31.55 -44.26 21.46
C GLN B 228 32.22 -42.88 21.66
N LEU B 229 31.56 -41.98 22.38
CA LEU B 229 32.14 -40.67 22.68
C LEU B 229 33.43 -40.76 23.50
N ASP B 230 33.42 -41.57 24.56
CA ASP B 230 34.63 -41.85 25.34
C ASP B 230 35.80 -42.21 24.46
N GLU B 231 35.54 -43.03 23.45
CA GLU B 231 36.61 -43.46 22.57
C GLU B 231 37.18 -42.25 21.81
N LEU B 232 36.31 -41.33 21.41
CA LEU B 232 36.74 -40.13 20.68
C LEU B 232 37.47 -39.18 21.60
N LEU B 233 36.94 -38.99 22.81
CA LEU B 233 37.61 -38.20 23.81
C LEU B 233 38.99 -38.80 24.15
N THR B 234 39.10 -40.13 24.23
CA THR B 234 40.40 -40.71 24.58
C THR B 234 41.44 -40.39 23.49
N GLU B 235 41.06 -40.53 22.21
CA GLU B 235 41.89 -40.06 21.12
C GLU B 235 42.24 -38.56 21.22
N HIS B 236 41.24 -37.72 21.48
CA HIS B 236 41.47 -36.27 21.51
C HIS B 236 42.44 -35.89 22.66
N ARG B 237 42.40 -36.63 23.76
CA ARG B 237 43.29 -36.34 24.89
C ARG B 237 44.77 -36.53 24.51
N MET B 238 45.04 -37.50 23.64
CA MET B 238 46.41 -37.74 23.22
C MET B 238 47.00 -36.61 22.34
N THR B 239 46.20 -36.10 21.40
CA THR B 239 46.66 -35.03 20.51
C THR B 239 46.63 -33.61 21.10
N TRP B 240 45.94 -33.41 22.21
CA TRP B 240 45.90 -32.11 22.87
C TRP B 240 47.29 -31.51 23.15
N ASP B 241 47.49 -30.28 22.72
CA ASP B 241 48.67 -29.55 23.10
C ASP B 241 48.29 -28.55 24.19
N PRO B 242 48.67 -28.82 25.45
CA PRO B 242 48.35 -27.87 26.52
C PRO B 242 49.26 -26.64 26.47
N ALA B 243 50.31 -26.68 25.66
CA ALA B 243 51.21 -25.52 25.51
C ALA B 243 50.55 -24.44 24.67
N GLN B 244 49.46 -24.79 24.00
CA GLN B 244 48.78 -23.86 23.12
C GLN B 244 47.42 -23.50 23.69
N PRO B 245 46.88 -22.32 23.33
CA PRO B 245 45.50 -21.98 23.67
C PRO B 245 44.52 -23.06 23.24
N PRO B 246 43.56 -23.40 24.10
CA PRO B 246 42.56 -24.41 23.73
C PRO B 246 41.87 -24.06 22.43
N ARG B 247 41.87 -24.99 21.47
CA ARG B 247 41.27 -24.69 20.18
C ARG B 247 39.84 -25.22 20.09
N ASP B 248 39.34 -25.84 21.14
CA ASP B 248 37.97 -26.34 21.12
C ASP B 248 37.47 -26.56 22.55
N LEU B 249 36.22 -26.95 22.71
CA LEU B 249 35.58 -26.92 24.02
C LEU B 249 36.20 -27.92 24.99
N THR B 250 36.46 -29.14 24.50
CA THR B 250 37.03 -30.20 25.33
C THR B 250 38.40 -29.80 25.89
N GLU B 251 39.19 -29.09 25.10
CA GLU B 251 40.51 -28.68 25.54
C GLU B 251 40.41 -27.62 26.62
N ALA B 252 39.52 -26.65 26.40
CA ALA B 252 39.18 -25.67 27.43
C ALA B 252 38.80 -26.37 28.72
N PHE B 253 37.97 -27.40 28.60
CA PHE B 253 37.48 -28.13 29.76
C PHE B 253 38.65 -28.83 30.46
N LEU B 254 39.52 -29.46 29.67
CA LEU B 254 40.70 -30.13 30.20
C LEU B 254 41.66 -29.15 30.87
N ALA B 255 41.83 -27.96 30.30
CA ALA B 255 42.65 -26.92 30.92
C ALA B 255 42.12 -26.58 32.32
N GLU B 256 40.79 -26.47 32.43
CA GLU B 256 40.14 -26.17 33.69
C GLU B 256 40.24 -27.36 34.64
N MET B 257 40.13 -28.57 34.11
CA MET B 257 40.25 -29.75 34.95
C MET B 257 41.60 -29.77 35.69
N GLU B 258 42.66 -29.38 34.98
CA GLU B 258 44.01 -29.32 35.53
C GLU B 258 44.15 -28.33 36.69
N LYS B 259 43.67 -27.11 36.50
CA LYS B 259 43.67 -26.11 37.54
C LYS B 259 42.87 -26.55 38.76
N ALA B 260 41.89 -27.43 38.50
CA ALA B 260 40.98 -27.87 39.55
C ALA B 260 41.45 -29.12 40.29
N LYS B 261 42.58 -29.70 39.91
CA LYS B 261 43.11 -30.83 40.68
C LYS B 261 43.37 -30.41 42.13
N GLY B 262 42.82 -31.19 43.06
CA GLY B 262 42.85 -30.86 44.48
C GLY B 262 41.55 -30.25 44.98
N ASN B 263 40.65 -29.89 44.06
CA ASN B 263 39.42 -29.18 44.42
C ASN B 263 38.15 -30.02 44.23
N PRO B 264 37.66 -30.63 45.31
CA PRO B 264 36.48 -31.49 45.22
C PRO B 264 35.18 -30.70 45.04
N GLU B 265 35.24 -29.38 45.00
CA GLU B 265 34.03 -28.59 44.74
C GLU B 265 33.86 -28.28 43.27
N SER B 266 34.87 -28.57 42.46
CA SER B 266 34.81 -28.24 41.05
C SER B 266 33.92 -29.22 40.30
N SER B 267 33.25 -28.75 39.26
CA SER B 267 32.52 -29.66 38.40
C SER B 267 33.36 -30.05 37.17
N PHE B 268 34.59 -29.57 37.09
CA PHE B 268 35.50 -29.99 36.01
C PHE B 268 36.24 -31.27 36.39
N ASN B 269 35.72 -32.40 35.97
CA ASN B 269 36.31 -33.71 36.26
C ASN B 269 35.99 -34.65 35.10
N ASP B 270 36.67 -35.79 35.02
CA ASP B 270 36.50 -36.71 33.88
C ASP B 270 35.07 -37.23 33.69
N GLU B 271 34.34 -37.43 34.79
CA GLU B 271 33.00 -38.00 34.70
C GLU B 271 32.02 -36.99 34.14
N ASN B 272 32.29 -35.71 34.37
CA ASN B 272 31.44 -34.64 33.88
C ASN B 272 31.77 -34.22 32.44
N LEU B 273 33.03 -34.36 32.05
CA LEU B 273 33.45 -34.03 30.67
C LEU B 273 32.61 -34.81 29.64
N ARG B 274 32.48 -36.11 29.86
CA ARG B 274 31.79 -36.96 28.91
C ARG B 274 30.28 -36.65 28.88
N ILE B 275 29.69 -36.33 30.04
CA ILE B 275 28.30 -35.89 30.08
C ILE B 275 28.08 -34.52 29.42
N VAL B 276 28.95 -33.58 29.74
CA VAL B 276 28.86 -32.25 29.13
C VAL B 276 28.94 -32.35 27.61
N VAL B 277 29.99 -33.00 27.07
CA VAL B 277 30.11 -33.15 25.62
C VAL B 277 28.89 -33.88 25.00
N ALA B 278 28.41 -34.94 25.64
CA ALA B 278 27.25 -35.66 25.12
C ALA B 278 25.94 -34.82 25.15
N ASP B 279 25.82 -33.94 26.14
CA ASP B 279 24.72 -32.96 26.24
C ASP B 279 24.72 -32.01 25.06
N LEU B 280 25.91 -31.56 24.68
CA LEU B 280 26.02 -30.62 23.57
C LEU B 280 25.61 -31.30 22.24
N PHE B 281 26.06 -32.54 22.03
CA PHE B 281 25.64 -33.33 20.87
C PHE B 281 24.12 -33.58 20.90
N SER B 282 23.63 -34.22 21.96
CA SER B 282 22.20 -34.51 22.07
C SER B 282 21.36 -33.26 21.82
N ALA B 283 21.68 -32.17 22.52
CA ALA B 283 20.89 -30.95 22.45
C ALA B 283 21.01 -30.21 21.13
N GLY B 284 22.12 -30.39 20.43
CA GLY B 284 22.47 -29.55 19.28
C GLY B 284 22.26 -30.19 17.93
N MET B 285 22.19 -31.51 17.92
CA MET B 285 22.07 -32.26 16.66
C MET B 285 20.64 -32.24 16.18
N VAL B 286 19.78 -33.02 16.83
CA VAL B 286 18.48 -33.35 16.29
C VAL B 286 17.61 -32.09 16.16
N THR B 287 17.89 -31.08 16.98
CA THR B 287 17.16 -29.81 16.92
C THR B 287 17.50 -28.99 15.67
N THR B 288 18.77 -28.62 15.54
CA THR B 288 19.21 -27.85 14.37
C THR B 288 18.94 -28.63 13.07
N SER B 289 19.11 -29.94 13.12
CA SER B 289 18.91 -30.76 11.94
C SER B 289 17.46 -30.85 11.51
N THR B 290 16.59 -31.13 12.48
CA THR B 290 15.19 -31.22 12.20
C THR B 290 14.63 -29.88 11.71
N THR B 291 15.16 -28.78 12.22
CA THR B 291 14.75 -27.45 11.81
C THR B 291 15.10 -27.22 10.34
N LEU B 292 16.30 -27.65 9.93
CA LEU B 292 16.65 -27.54 8.52
C LEU B 292 15.78 -28.47 7.67
N ALA B 293 15.40 -29.63 8.20
CA ALA B 293 14.52 -30.53 7.49
C ALA B 293 13.16 -29.86 7.24
N TRP B 294 12.68 -29.09 8.20
CA TRP B 294 11.45 -28.31 8.03
C TRP B 294 11.65 -27.20 7.00
N GLY B 295 12.84 -26.60 7.03
CA GLY B 295 13.17 -25.51 6.13
C GLY B 295 13.02 -25.91 4.68
N LEU B 296 13.70 -26.98 4.28
CA LEU B 296 13.66 -27.44 2.90
C LEU B 296 12.28 -27.96 2.50
N LEU B 297 11.60 -28.64 3.41
CA LEU B 297 10.24 -29.07 3.14
C LEU B 297 9.38 -27.85 2.80
N LEU B 298 9.42 -26.83 3.65
CA LEU B 298 8.62 -25.64 3.42
C LEU B 298 9.05 -24.90 2.17
N MET B 299 10.34 -24.94 1.83
CA MET B 299 10.78 -24.31 0.59
C MET B 299 10.27 -25.05 -0.65
N ILE B 300 10.01 -26.35 -0.58
CA ILE B 300 9.44 -27.01 -1.77
C ILE B 300 7.91 -26.93 -1.79
N LEU B 301 7.29 -26.86 -0.61
CA LEU B 301 5.86 -26.61 -0.52
C LEU B 301 5.50 -25.18 -0.90
N HIS B 302 6.43 -24.27 -0.70
CA HIS B 302 6.16 -22.88 -1.00
C HIS B 302 7.28 -22.29 -1.86
N PRO B 303 7.33 -22.72 -3.15
CA PRO B 303 8.41 -22.37 -4.08
C PRO B 303 8.53 -20.87 -4.30
N ASP B 304 7.41 -20.17 -4.21
CA ASP B 304 7.41 -18.71 -4.32
C ASP B 304 8.29 -18.06 -3.23
N VAL B 305 8.21 -18.56 -2.00
CA VAL B 305 9.05 -18.05 -0.92
C VAL B 305 10.52 -18.36 -1.19
N GLN B 306 10.80 -19.60 -1.61
CA GLN B 306 12.14 -20.02 -1.98
C GLN B 306 12.73 -19.02 -2.96
N ARG B 307 11.98 -18.69 -4.01
CA ARG B 307 12.47 -17.78 -5.04
C ARG B 307 12.72 -16.36 -4.53
N ARG B 308 11.86 -15.87 -3.65
CA ARG B 308 12.11 -14.58 -3.03
C ARG B 308 13.37 -14.62 -2.17
N VAL B 309 13.58 -15.69 -1.42
CA VAL B 309 14.83 -15.82 -0.66
C VAL B 309 16.03 -15.80 -1.61
N GLN B 310 15.94 -16.62 -2.65
CA GLN B 310 17.03 -16.73 -3.63
C GLN B 310 17.29 -15.43 -4.38
N GLN B 311 16.26 -14.59 -4.49
CA GLN B 311 16.44 -13.29 -5.13
C GLN B 311 17.18 -12.35 -4.18
N GLU B 312 16.87 -12.44 -2.89
CA GLU B 312 17.55 -11.63 -1.88
C GLU B 312 19.01 -12.08 -1.73
N ILE B 313 19.24 -13.39 -1.89
CA ILE B 313 20.59 -13.94 -1.87
C ILE B 313 21.40 -13.36 -3.04
N ASP B 314 20.82 -13.44 -4.23
CA ASP B 314 21.49 -12.92 -5.42
C ASP B 314 21.79 -11.43 -5.27
N ASP B 315 20.85 -10.69 -4.68
CA ASP B 315 20.99 -9.24 -4.58
C ASP B 315 22.04 -8.81 -3.57
N VAL B 316 22.25 -9.62 -2.54
CA VAL B 316 23.10 -9.22 -1.42
C VAL B 316 24.44 -9.92 -1.43
N ILE B 317 24.40 -11.23 -1.57
CA ILE B 317 25.61 -12.05 -1.52
C ILE B 317 26.16 -12.25 -2.92
N GLY B 318 25.27 -12.53 -3.88
CA GLY B 318 25.68 -12.84 -5.24
C GLY B 318 25.64 -14.34 -5.49
N GLN B 319 26.29 -14.77 -6.55
CA GLN B 319 26.30 -16.19 -6.92
C GLN B 319 27.62 -16.88 -6.53
N VAL B 320 28.69 -16.09 -6.41
CA VAL B 320 30.02 -16.67 -6.27
C VAL B 320 30.47 -16.87 -4.82
N ARG B 321 30.56 -15.80 -4.02
CA ARG B 321 31.12 -15.94 -2.67
C ARG B 321 30.13 -16.57 -1.67
N ARG B 322 30.70 -17.22 -0.66
CA ARG B 322 29.92 -17.90 0.37
C ARG B 322 29.23 -16.89 1.26
N PRO B 323 28.05 -17.25 1.79
CA PRO B 323 27.34 -16.41 2.75
C PRO B 323 28.13 -16.29 4.04
N GLU B 324 28.08 -15.11 4.65
CA GLU B 324 28.75 -14.84 5.92
C GLU B 324 27.75 -14.29 6.89
N MET B 325 28.05 -14.36 8.19
CA MET B 325 27.13 -13.87 9.21
C MET B 325 26.77 -12.41 9.03
N GLY B 326 27.71 -11.60 8.53
CA GLY B 326 27.46 -10.19 8.30
C GLY B 326 26.38 -9.87 7.27
N ASP B 327 26.04 -10.86 6.44
CA ASP B 327 24.99 -10.71 5.45
C ASP B 327 23.59 -10.72 6.06
N GLN B 328 23.43 -11.45 7.16
CA GLN B 328 22.13 -11.67 7.75
C GLN B 328 21.47 -10.34 8.11
N ALA B 329 22.28 -9.40 8.57
CA ALA B 329 21.81 -8.07 8.93
C ALA B 329 21.24 -7.33 7.73
N HIS B 330 21.60 -7.77 6.53
CA HIS B 330 21.11 -7.14 5.31
C HIS B 330 20.12 -8.01 4.55
N MET B 331 19.63 -9.05 5.22
CA MET B 331 18.70 -9.96 4.58
C MET B 331 17.48 -10.21 5.44
N PRO B 332 16.58 -9.22 5.51
CA PRO B 332 15.40 -9.26 6.37
C PRO B 332 14.41 -10.36 6.00
N TYR B 333 14.19 -10.55 4.70
CA TYR B 333 13.24 -11.54 4.25
C TYR B 333 13.74 -12.96 4.55
N THR B 334 15.02 -13.20 4.31
CA THR B 334 15.58 -14.54 4.54
C THR B 334 15.53 -14.84 6.03
N THR B 335 15.77 -13.81 6.83
CA THR B 335 15.77 -13.92 8.27
C THR B 335 14.35 -14.24 8.77
N ALA B 336 13.38 -13.51 8.23
CA ALA B 336 11.97 -13.75 8.50
C ALA B 336 11.58 -15.18 8.16
N VAL B 337 11.99 -15.65 6.98
CA VAL B 337 11.69 -17.01 6.54
C VAL B 337 12.27 -18.03 7.53
N ILE B 338 13.54 -17.84 7.90
CA ILE B 338 14.18 -18.80 8.78
C ILE B 338 13.45 -18.85 10.11
N HIS B 339 13.11 -17.67 10.63
CA HIS B 339 12.33 -17.55 11.85
C HIS B 339 10.95 -18.22 11.72
N GLU B 340 10.29 -18.02 10.59
CA GLU B 340 8.99 -18.64 10.38
C GLU B 340 9.10 -20.18 10.26
N VAL B 341 10.18 -20.70 9.68
CA VAL B 341 10.43 -22.15 9.69
C VAL B 341 10.43 -22.69 11.12
N GLN B 342 11.05 -21.95 12.04
CA GLN B 342 11.16 -22.39 13.43
C GLN B 342 9.83 -22.31 14.14
N ARG B 343 9.10 -21.23 13.87
CA ARG B 343 7.81 -21.02 14.49
C ARG B 343 6.82 -22.07 14.00
N PHE B 344 6.70 -22.20 12.69
CA PHE B 344 5.84 -23.20 12.10
C PHE B 344 6.26 -24.59 12.53
N GLY B 345 7.53 -24.92 12.31
CA GLY B 345 8.08 -26.22 12.64
C GLY B 345 7.85 -26.63 14.08
N ASP B 346 8.08 -25.70 15.02
CA ASP B 346 7.62 -25.89 16.40
C ASP B 346 8.11 -27.23 16.95
N ILE B 347 9.42 -27.41 16.88
CA ILE B 347 10.00 -28.74 16.98
C ILE B 347 10.14 -29.24 18.40
N VAL B 348 10.00 -28.35 19.38
CA VAL B 348 10.00 -28.76 20.78
C VAL B 348 8.72 -28.27 21.46
N PRO B 349 7.57 -28.83 21.09
CA PRO B 349 6.28 -28.23 21.45
C PRO B 349 6.04 -28.07 22.96
N LEU B 350 6.46 -29.06 23.74
CA LEU B 350 6.34 -28.99 25.20
C LEU B 350 7.68 -28.67 25.89
N GLY B 351 8.63 -28.09 25.14
CA GLY B 351 9.91 -27.69 25.71
C GLY B 351 10.61 -28.79 26.49
N VAL B 352 11.34 -28.42 27.53
CA VAL B 352 11.94 -29.40 28.44
C VAL B 352 11.43 -29.08 29.86
N THR B 353 11.07 -30.10 30.63
CA THR B 353 10.39 -29.82 31.90
C THR B 353 11.29 -29.08 32.90
N HIS B 354 10.69 -28.14 33.62
CA HIS B 354 11.38 -27.51 34.75
C HIS B 354 10.75 -28.02 36.02
N MET B 355 11.44 -27.80 37.15
CA MET B 355 10.81 -28.01 38.45
C MET B 355 10.99 -26.75 39.30
N THR B 356 10.01 -26.45 40.15
CA THR B 356 10.15 -25.33 41.08
C THR B 356 11.03 -25.73 42.24
N SER B 357 11.93 -24.85 42.65
CA SER B 357 12.75 -25.11 43.82
C SER B 357 12.19 -24.37 45.03
N ARG B 358 11.06 -23.70 44.82
CA ARG B 358 10.46 -22.85 45.83
C ARG B 358 9.00 -22.56 45.44
N ASP B 359 8.16 -22.24 46.41
CA ASP B 359 6.77 -21.89 46.12
C ASP B 359 6.73 -20.57 45.34
N ILE B 360 5.79 -20.48 44.39
CA ILE B 360 5.62 -19.28 43.55
C ILE B 360 4.16 -18.98 43.19
N GLU B 361 3.96 -17.81 42.59
CA GLU B 361 2.64 -17.38 42.17
C GLU B 361 2.65 -17.13 40.67
N VAL B 362 1.76 -17.81 39.96
CA VAL B 362 1.65 -17.59 38.53
C VAL B 362 0.21 -17.30 38.15
N GLN B 363 -0.03 -16.05 37.77
CA GLN B 363 -1.37 -15.55 37.48
C GLN B 363 -2.31 -15.86 38.64
N GLY B 364 -1.87 -15.56 39.85
CA GLY B 364 -2.75 -15.64 41.00
C GLY B 364 -2.79 -17.02 41.63
N PHE B 365 -2.28 -18.02 40.93
CA PHE B 365 -2.33 -19.38 41.46
C PHE B 365 -1.07 -19.70 42.25
N ARG B 366 -1.20 -20.62 43.20
CA ARG B 366 -0.07 -21.06 43.99
C ARG B 366 0.55 -22.30 43.38
N ILE B 367 1.87 -22.30 43.28
CA ILE B 367 2.59 -23.46 42.80
C ILE B 367 3.57 -23.90 43.88
N PRO B 368 3.28 -25.06 44.50
CA PRO B 368 4.12 -25.59 45.58
C PRO B 368 5.52 -25.94 45.08
N LYS B 369 6.48 -25.92 46.01
CA LYS B 369 7.87 -26.27 45.72
C LYS B 369 7.95 -27.72 45.26
N GLY B 370 8.73 -27.98 44.21
CA GLY B 370 8.95 -29.36 43.79
C GLY B 370 7.96 -29.82 42.73
N THR B 371 7.18 -28.88 42.20
CA THR B 371 6.24 -29.16 41.13
C THR B 371 6.93 -29.22 39.76
N THR B 372 6.59 -30.20 38.92
CA THR B 372 7.07 -30.23 37.54
C THR B 372 6.28 -29.24 36.67
N LEU B 373 6.99 -28.33 36.03
CA LEU B 373 6.40 -27.37 35.09
C LEU B 373 6.62 -27.78 33.64
N ILE B 374 5.54 -27.80 32.88
CA ILE B 374 5.62 -27.99 31.43
C ILE B 374 5.44 -26.65 30.73
N THR B 375 6.50 -26.15 30.11
CA THR B 375 6.37 -24.96 29.29
C THR B 375 5.78 -25.33 27.93
N ASN B 376 4.51 -24.99 27.71
CA ASN B 376 3.86 -25.25 26.42
C ASN B 376 4.28 -24.20 25.39
N LEU B 377 5.45 -24.44 24.80
CA LEU B 377 6.09 -23.55 23.83
C LEU B 377 5.24 -23.42 22.58
N SER B 378 4.73 -24.54 22.11
CA SER B 378 3.76 -24.56 21.03
C SER B 378 2.67 -23.49 21.19
N SER B 379 2.05 -23.41 22.37
CA SER B 379 0.93 -22.47 22.56
C SER B 379 1.39 -21.01 22.43
N VAL B 380 2.67 -20.76 22.62
CA VAL B 380 3.23 -19.43 22.39
C VAL B 380 3.47 -19.19 20.90
N LEU B 381 4.12 -20.17 20.26
CA LEU B 381 4.48 -20.04 18.85
C LEU B 381 3.23 -20.00 17.96
N LYS B 382 2.16 -20.65 18.43
CA LYS B 382 0.90 -20.75 17.68
C LYS B 382 -0.25 -19.98 18.31
N ASP B 383 0.07 -18.98 19.12
CA ASP B 383 -0.95 -18.20 19.79
C ASP B 383 -1.85 -17.43 18.82
N GLU B 384 -3.17 -17.67 18.91
CA GLU B 384 -4.13 -17.05 17.99
C GLU B 384 -4.27 -15.55 18.11
N ALA B 385 -3.77 -14.97 19.19
CA ALA B 385 -3.86 -13.53 19.37
C ALA B 385 -2.68 -12.84 18.68
N VAL B 386 -1.48 -13.35 18.91
CA VAL B 386 -0.26 -12.77 18.32
C VAL B 386 -0.07 -13.00 16.80
N TRP B 387 -0.18 -14.24 16.37
CA TRP B 387 0.08 -14.57 14.97
C TRP B 387 -1.19 -14.49 14.12
N GLU B 388 -1.12 -13.73 13.04
CA GLU B 388 -2.26 -13.59 12.14
C GLU B 388 -2.70 -14.91 11.55
N LYS B 389 -1.73 -15.75 11.21
CA LYS B 389 -2.01 -17.04 10.59
C LYS B 389 -1.23 -18.15 11.29
N PRO B 390 -1.61 -18.45 12.54
CA PRO B 390 -0.79 -19.28 13.44
C PRO B 390 -0.49 -20.67 12.90
N PHE B 391 -1.37 -21.20 12.05
CA PHE B 391 -1.21 -22.59 11.60
C PHE B 391 -0.85 -22.65 10.11
N ARG B 392 -0.35 -21.55 9.59
CA ARG B 392 0.05 -21.49 8.19
C ARG B 392 1.50 -21.01 8.09
N PHE B 393 2.21 -21.44 7.06
CA PHE B 393 3.56 -20.94 6.83
C PHE B 393 3.51 -19.55 6.23
N HIS B 394 3.87 -18.54 7.02
CA HIS B 394 3.59 -17.14 6.69
C HIS B 394 4.71 -16.21 7.19
N PRO B 395 5.73 -16.02 6.34
CA PRO B 395 6.95 -15.29 6.72
C PRO B 395 6.68 -13.84 7.12
N GLU B 396 5.57 -13.28 6.66
CA GLU B 396 5.21 -11.93 6.99
C GLU B 396 5.01 -11.74 8.50
N HIS B 397 4.94 -12.85 9.24
CA HIS B 397 4.84 -12.76 10.70
C HIS B 397 6.05 -12.04 11.29
N PHE B 398 7.15 -11.99 10.54
CA PHE B 398 8.37 -11.35 11.03
C PHE B 398 8.76 -10.18 10.13
N LEU B 399 7.79 -9.63 9.39
CA LEU B 399 8.00 -8.44 8.57
C LEU B 399 6.95 -7.35 8.83
N ASP B 400 7.40 -6.11 8.99
CA ASP B 400 6.47 -4.99 9.12
C ASP B 400 6.01 -4.50 7.74
N ALA B 401 5.28 -3.39 7.73
CA ALA B 401 4.67 -2.86 6.52
C ALA B 401 5.72 -2.52 5.47
N GLN B 402 6.88 -2.05 5.91
CA GLN B 402 7.99 -1.77 5.00
C GLN B 402 8.67 -3.05 4.54
N GLY B 403 8.97 -3.95 5.46
CA GLY B 403 9.65 -5.17 5.11
C GLY B 403 10.90 -5.33 5.95
N HIS B 404 10.95 -4.57 7.04
CA HIS B 404 12.00 -4.75 8.03
C HIS B 404 11.67 -5.94 8.91
N PHE B 405 12.69 -6.72 9.24
CA PHE B 405 12.52 -7.87 10.09
C PHE B 405 12.19 -7.44 11.50
N VAL B 406 11.07 -7.92 12.01
CA VAL B 406 10.66 -7.70 13.39
C VAL B 406 10.46 -9.04 14.06
N LYS B 407 10.90 -9.16 15.31
CA LYS B 407 10.75 -10.41 16.02
C LYS B 407 9.86 -10.22 17.22
N PRO B 408 8.62 -10.73 17.14
CA PRO B 408 7.66 -10.62 18.22
C PRO B 408 8.15 -11.35 19.46
N GLU B 409 7.76 -10.87 20.64
CA GLU B 409 8.17 -11.49 21.89
C GLU B 409 7.72 -12.95 21.99
N ALA B 410 6.61 -13.29 21.33
CA ALA B 410 6.07 -14.64 21.38
C ALA B 410 6.96 -15.64 20.59
N PHE B 411 8.03 -15.15 19.96
CA PHE B 411 8.98 -16.06 19.34
C PHE B 411 9.86 -16.68 20.42
N LEU B 412 9.43 -17.80 20.98
CA LEU B 412 10.22 -18.47 22.02
C LEU B 412 10.54 -19.95 21.72
N PRO B 413 11.13 -20.24 20.55
CA PRO B 413 11.41 -21.66 20.27
C PRO B 413 12.58 -22.20 21.11
N PHE B 414 13.37 -21.29 21.67
CA PHE B 414 14.47 -21.66 22.56
C PHE B 414 14.11 -21.52 24.06
N SER B 415 12.83 -21.34 24.38
CA SER B 415 12.33 -21.10 25.75
C SER B 415 12.79 -19.74 26.33
N ALA B 416 12.80 -19.60 27.65
CA ALA B 416 13.11 -18.31 28.27
C ALA B 416 13.71 -18.49 29.66
N GLY B 417 14.27 -17.42 30.20
CA GLY B 417 14.88 -17.47 31.52
C GLY B 417 16.23 -18.20 31.58
N ARG B 418 16.63 -18.55 32.80
CA ARG B 418 17.96 -19.08 33.11
C ARG B 418 18.34 -20.39 32.42
N ARG B 419 17.35 -21.21 32.07
CA ARG B 419 17.62 -22.47 31.40
C ARG B 419 17.44 -22.43 29.88
N ALA B 420 17.03 -21.28 29.35
CA ALA B 420 16.79 -21.14 27.91
C ALA B 420 18.02 -21.64 27.14
N CYS B 421 17.79 -22.16 25.95
CA CYS B 421 18.82 -22.84 25.18
C CYS B 421 20.14 -22.05 25.19
N LEU B 422 21.24 -22.69 25.65
CA LEU B 422 22.54 -22.02 25.63
C LEU B 422 23.15 -22.10 24.23
N GLY B 423 22.57 -22.94 23.39
CA GLY B 423 23.10 -23.13 22.04
C GLY B 423 22.53 -22.16 21.03
N GLU B 424 21.69 -21.24 21.49
CA GLU B 424 20.94 -20.40 20.57
C GLU B 424 21.83 -19.63 19.59
N PRO B 425 22.94 -19.03 20.05
CA PRO B 425 23.68 -18.25 19.04
C PRO B 425 24.37 -19.14 18.01
N LEU B 426 24.74 -20.37 18.39
CA LEU B 426 25.29 -21.29 17.42
C LEU B 426 24.18 -21.81 16.47
N ALA B 427 22.96 -21.97 17.02
CA ALA B 427 21.85 -22.46 16.21
C ALA B 427 21.48 -21.42 15.16
N ARG B 428 21.36 -20.16 15.57
CA ARG B 428 21.11 -19.06 14.65
C ARG B 428 22.16 -19.07 13.54
N MET B 429 23.43 -19.22 13.91
CA MET B 429 24.49 -19.22 12.91
C MET B 429 24.38 -20.38 11.91
N GLU B 430 24.20 -21.60 12.41
CA GLU B 430 24.01 -22.77 11.55
C GLU B 430 22.81 -22.64 10.62
N LEU B 431 21.67 -22.22 11.18
CA LEU B 431 20.45 -22.08 10.40
C LEU B 431 20.67 -21.09 9.28
N PHE B 432 21.28 -19.95 9.58
CA PHE B 432 21.44 -18.95 8.55
C PHE B 432 22.44 -19.40 7.50
N LEU B 433 23.53 -20.00 7.93
CA LEU B 433 24.59 -20.36 7.00
C LEU B 433 24.25 -21.60 6.17
N PHE B 434 23.70 -22.64 6.79
CA PHE B 434 23.33 -23.83 6.01
C PHE B 434 22.18 -23.55 5.06
N PHE B 435 21.20 -22.78 5.52
CA PHE B 435 19.99 -22.52 4.73
C PHE B 435 20.33 -21.60 3.56
N THR B 436 20.98 -20.47 3.82
CA THR B 436 21.29 -19.57 2.73
C THR B 436 22.30 -20.18 1.76
N SER B 437 23.19 -21.05 2.23
CA SER B 437 24.15 -21.70 1.33
C SER B 437 23.48 -22.72 0.41
N LEU B 438 22.60 -23.55 0.98
CA LEU B 438 21.87 -24.52 0.17
C LEU B 438 21.03 -23.81 -0.89
N LEU B 439 20.34 -22.75 -0.49
CA LEU B 439 19.45 -22.03 -1.39
C LEU B 439 20.21 -21.19 -2.41
N GLN B 440 21.43 -20.79 -2.09
CA GLN B 440 22.24 -20.06 -3.04
C GLN B 440 22.61 -20.92 -4.23
N HIS B 441 22.98 -22.18 -4.00
CA HIS B 441 23.49 -23.00 -5.09
C HIS B 441 22.43 -23.91 -5.69
N PHE B 442 21.39 -24.24 -4.93
CA PHE B 442 20.36 -25.12 -5.44
C PHE B 442 18.96 -24.50 -5.49
N SER B 443 18.22 -24.92 -6.50
CA SER B 443 16.78 -24.71 -6.54
C SER B 443 16.14 -26.03 -6.08
N PHE B 444 15.27 -25.95 -5.07
CA PHE B 444 14.66 -27.15 -4.51
C PHE B 444 13.20 -27.26 -4.91
N SER B 445 12.80 -28.47 -5.29
CA SER B 445 11.43 -28.76 -5.67
C SER B 445 10.99 -30.16 -5.23
N VAL B 446 9.68 -30.31 -5.06
CA VAL B 446 9.06 -31.63 -4.94
C VAL B 446 9.20 -32.34 -6.29
N PRO B 447 9.62 -33.61 -6.29
CA PRO B 447 9.88 -34.35 -7.54
C PRO B 447 8.67 -34.39 -8.46
N THR B 448 8.82 -34.03 -9.74
CA THR B 448 7.69 -33.96 -10.67
C THR B 448 6.95 -35.30 -10.70
N GLY B 449 5.62 -35.24 -10.65
CA GLY B 449 4.81 -36.45 -10.63
C GLY B 449 4.49 -36.98 -9.25
N GLN B 450 5.42 -36.84 -8.32
CA GLN B 450 5.26 -37.32 -6.95
C GLN B 450 4.18 -36.55 -6.15
N PRO B 451 3.57 -37.22 -5.15
CA PRO B 451 2.54 -36.60 -4.30
C PRO B 451 3.07 -35.46 -3.42
N ARG B 452 2.31 -34.38 -3.29
CA ARG B 452 2.71 -33.24 -2.45
C ARG B 452 2.87 -33.64 -0.98
N PRO B 453 4.05 -33.39 -0.39
CA PRO B 453 4.33 -33.80 1.00
C PRO B 453 3.48 -33.04 2.01
N SER B 454 3.17 -33.70 3.13
CA SER B 454 2.35 -33.09 4.16
C SER B 454 3.06 -31.93 4.87
N HIS B 455 2.28 -30.98 5.36
CA HIS B 455 2.74 -29.91 6.25
C HIS B 455 2.83 -30.41 7.68
N HIS B 456 2.09 -31.48 7.97
CA HIS B 456 1.81 -31.87 9.34
C HIS B 456 2.94 -32.64 10.00
N GLY B 457 3.30 -32.25 11.21
CA GLY B 457 4.31 -32.96 11.94
C GLY B 457 3.72 -33.99 12.88
N VAL B 458 4.33 -35.16 12.97
CA VAL B 458 3.93 -36.16 13.97
C VAL B 458 4.34 -35.74 15.39
N PHE B 459 3.35 -35.57 16.27
CA PHE B 459 3.61 -35.05 17.61
C PHE B 459 4.43 -36.00 18.48
N ALA B 460 5.36 -35.41 19.22
CA ALA B 460 6.35 -36.14 20.00
C ALA B 460 7.13 -35.08 20.75
N PHE B 461 8.09 -35.52 21.55
CA PHE B 461 8.93 -34.59 22.29
C PHE B 461 9.66 -33.73 21.28
N LEU B 462 10.19 -34.37 20.23
CA LEU B 462 10.75 -33.62 19.13
C LEU B 462 9.90 -33.84 17.89
N VAL B 463 9.45 -32.76 17.27
CA VAL B 463 8.55 -32.86 16.10
C VAL B 463 9.30 -32.65 14.79
N SER B 464 9.45 -33.75 14.04
CA SER B 464 10.10 -33.72 12.74
C SER B 464 9.09 -33.81 11.62
N PRO B 465 9.46 -33.28 10.45
CA PRO B 465 8.55 -33.41 9.31
C PRO B 465 8.36 -34.88 8.94
N SER B 466 7.22 -35.19 8.34
CA SER B 466 7.00 -36.55 7.87
C SER B 466 7.94 -36.77 6.70
N PRO B 467 8.30 -38.04 6.43
CA PRO B 467 9.34 -38.30 5.43
C PRO B 467 8.97 -37.79 4.05
N TYR B 468 9.95 -37.19 3.38
CA TYR B 468 9.73 -36.61 2.06
C TYR B 468 11.04 -36.63 1.28
N GLU B 469 10.93 -36.59 -0.04
CA GLU B 469 12.10 -36.52 -0.90
C GLU B 469 12.04 -35.22 -1.67
N LEU B 470 13.18 -34.69 -2.08
CA LEU B 470 13.17 -33.51 -2.96
C LEU B 470 14.15 -33.69 -4.11
N CYS B 471 14.07 -32.80 -5.08
CA CYS B 471 15.11 -32.70 -6.10
C CYS B 471 15.89 -31.42 -5.88
N ALA B 472 17.19 -31.52 -6.10
CA ALA B 472 18.12 -30.42 -5.90
C ALA B 472 18.86 -30.22 -7.21
N VAL B 473 18.70 -29.04 -7.82
CA VAL B 473 19.31 -28.76 -9.11
C VAL B 473 20.03 -27.41 -9.05
N PRO B 474 21.25 -27.36 -9.61
CA PRO B 474 22.08 -26.15 -9.64
C PRO B 474 21.36 -24.92 -10.18
N ARG B 475 21.70 -23.73 -9.70
CA ARG B 475 21.10 -22.50 -10.21
C ARG B 475 22.01 -21.78 -11.20
N GLY C 9 -11.91 -41.93 -6.94
CA GLY C 9 -12.14 -43.37 -6.95
C GLY C 9 -11.77 -43.99 -5.62
N LYS C 10 -10.90 -43.29 -4.90
CA LYS C 10 -10.50 -43.70 -3.56
C LYS C 10 -11.31 -42.91 -2.51
N LEU C 11 -11.71 -43.59 -1.44
CA LEU C 11 -12.47 -42.95 -0.38
C LEU C 11 -11.57 -41.99 0.41
N PRO C 12 -12.15 -40.89 0.91
CA PRO C 12 -11.39 -39.90 1.68
C PRO C 12 -10.68 -40.54 2.86
N PRO C 13 -9.47 -40.06 3.19
CA PRO C 13 -8.76 -40.56 4.36
C PRO C 13 -9.43 -40.09 5.65
N GLY C 14 -8.89 -40.47 6.81
CA GLY C 14 -9.40 -40.03 8.09
C GLY C 14 -8.94 -40.92 9.22
N PRO C 15 -9.36 -40.62 10.47
CA PRO C 15 -8.98 -41.50 11.58
C PRO C 15 -9.70 -42.83 11.49
N LEU C 16 -9.00 -43.91 11.81
CA LEU C 16 -9.61 -45.24 11.82
C LEU C 16 -10.46 -45.40 13.08
N PRO C 17 -11.75 -45.78 12.90
CA PRO C 17 -12.72 -45.86 14.00
C PRO C 17 -12.36 -46.91 15.05
N ASN C 31 -17.09 -28.99 22.06
CA ASN C 31 -15.73 -28.92 21.56
C ASN C 31 -15.58 -29.51 20.17
N THR C 32 -16.72 -29.86 19.56
CA THR C 32 -16.75 -30.47 18.23
C THR C 32 -16.05 -29.65 17.14
N PRO C 33 -16.33 -28.33 17.04
CA PRO C 33 -15.70 -27.61 15.92
C PRO C 33 -14.18 -27.59 15.97
N TYR C 34 -13.62 -27.44 17.18
CA TYR C 34 -12.17 -27.49 17.39
C TYR C 34 -11.58 -28.78 16.85
N CYS C 35 -12.20 -29.90 17.20
CA CYS C 35 -11.78 -31.23 16.77
C CYS C 35 -11.72 -31.39 15.25
N PHE C 36 -12.70 -30.80 14.54
CA PHE C 36 -12.73 -30.88 13.08
C PHE C 36 -11.58 -30.12 12.42
N ASP C 37 -11.17 -29.00 13.03
CA ASP C 37 -10.04 -28.21 12.54
C ASP C 37 -8.73 -29.01 12.63
N GLN C 38 -8.60 -29.83 13.66
CA GLN C 38 -7.41 -30.66 13.85
C GLN C 38 -7.33 -31.79 12.82
N LEU C 39 -8.49 -32.34 12.47
CA LEU C 39 -8.54 -33.41 11.47
C LEU C 39 -8.22 -32.87 10.07
N ARG C 40 -8.66 -31.64 9.80
CA ARG C 40 -8.34 -30.98 8.54
C ARG C 40 -6.83 -30.88 8.35
N ARG C 41 -6.16 -30.31 9.35
CA ARG C 41 -4.70 -30.14 9.31
C ARG C 41 -3.99 -31.48 9.17
N ARG C 42 -4.63 -32.55 9.61
CA ARG C 42 -4.02 -33.87 9.59
C ARG C 42 -4.31 -34.65 8.29
N PHE C 43 -5.56 -34.65 7.85
CA PHE C 43 -5.95 -35.56 6.76
C PHE C 43 -6.30 -34.85 5.47
N GLY C 44 -6.44 -33.53 5.53
CA GLY C 44 -6.83 -32.80 4.36
C GLY C 44 -8.22 -32.20 4.43
N ASP C 45 -8.67 -31.68 3.30
CA ASP C 45 -9.90 -30.92 3.21
C ASP C 45 -11.09 -31.83 3.09
N VAL C 46 -10.85 -33.05 2.64
CA VAL C 46 -11.91 -34.04 2.50
C VAL C 46 -11.56 -35.29 3.29
N PHE C 47 -12.20 -35.47 4.44
CA PHE C 47 -11.92 -36.64 5.24
C PHE C 47 -13.18 -37.38 5.71
N SER C 48 -13.00 -38.62 6.12
CA SER C 48 -14.11 -39.49 6.50
C SER C 48 -14.23 -39.67 8.01
N LEU C 49 -15.46 -39.85 8.48
CA LEU C 49 -15.69 -40.16 9.89
C LEU C 49 -16.80 -41.18 9.99
N GLN C 50 -16.82 -41.87 11.11
CA GLN C 50 -17.84 -42.87 11.39
C GLN C 50 -18.59 -42.49 12.66
N LEU C 51 -19.29 -41.36 12.60
CA LEU C 51 -20.11 -40.92 13.71
C LEU C 51 -21.33 -41.81 13.88
N ALA C 52 -21.33 -42.64 14.93
CA ALA C 52 -22.39 -43.59 15.23
C ALA C 52 -22.56 -44.60 14.10
N TRP C 53 -23.81 -44.82 13.70
CA TRP C 53 -24.13 -45.77 12.64
C TRP C 53 -24.10 -45.11 11.27
N THR C 54 -23.66 -43.86 11.22
CA THR C 54 -23.64 -43.09 9.99
C THR C 54 -22.23 -42.81 9.52
N PRO C 55 -21.95 -43.11 8.24
CA PRO C 55 -20.71 -42.69 7.59
C PRO C 55 -20.81 -41.21 7.24
N VAL C 56 -19.71 -40.48 7.42
CA VAL C 56 -19.73 -39.03 7.23
C VAL C 56 -18.52 -38.60 6.42
N VAL C 57 -18.72 -37.65 5.50
CA VAL C 57 -17.58 -37.03 4.83
C VAL C 57 -17.62 -35.56 5.14
N VAL C 58 -16.54 -35.04 5.72
CA VAL C 58 -16.48 -33.65 6.12
C VAL C 58 -15.79 -32.83 5.04
N LEU C 59 -16.40 -31.72 4.65
CA LEU C 59 -15.89 -30.89 3.57
C LEU C 59 -15.34 -29.58 4.13
N ASN C 60 -14.08 -29.29 3.82
CA ASN C 60 -13.44 -28.08 4.35
C ASN C 60 -12.90 -27.20 3.25
N GLY C 61 -13.00 -25.89 3.44
CA GLY C 61 -12.48 -24.93 2.48
C GLY C 61 -13.48 -24.65 1.37
N LEU C 62 -13.28 -23.54 0.66
CA LEU C 62 -14.22 -23.11 -0.37
C LEU C 62 -14.33 -24.10 -1.52
N ALA C 63 -13.21 -24.55 -2.06
CA ALA C 63 -13.22 -25.43 -3.25
C ALA C 63 -14.02 -26.71 -3.02
N ALA C 64 -13.74 -27.39 -1.91
CA ALA C 64 -14.44 -28.64 -1.56
C ALA C 64 -15.94 -28.42 -1.35
N VAL C 65 -16.31 -27.35 -0.64
CA VAL C 65 -17.73 -27.06 -0.41
C VAL C 65 -18.43 -26.70 -1.72
N ARG C 66 -17.84 -25.82 -2.51
CA ARG C 66 -18.41 -25.50 -3.83
C ARG C 66 -18.48 -26.72 -4.73
N GLU C 67 -17.39 -27.47 -4.84
CA GLU C 67 -17.40 -28.63 -5.75
C GLU C 67 -18.55 -29.57 -5.41
N ALA C 68 -18.83 -29.73 -4.11
CA ALA C 68 -19.96 -30.56 -3.69
C ALA C 68 -21.33 -29.92 -3.93
N LEU C 69 -21.50 -28.67 -3.47
CA LEU C 69 -22.82 -28.05 -3.42
C LEU C 69 -23.20 -27.29 -4.71
N VAL C 70 -22.20 -26.88 -5.49
CA VAL C 70 -22.52 -26.24 -6.77
C VAL C 70 -22.27 -27.16 -7.93
N THR C 71 -21.02 -27.53 -8.16
CA THR C 71 -20.68 -28.36 -9.32
C THR C 71 -21.44 -29.70 -9.34
N HIS C 72 -21.58 -30.35 -8.19
CA HIS C 72 -22.39 -31.56 -8.12
C HIS C 72 -23.68 -31.31 -7.33
N GLY C 73 -24.13 -30.06 -7.34
CA GLY C 73 -25.32 -29.64 -6.61
C GLY C 73 -26.57 -30.49 -6.76
N GLU C 74 -26.77 -31.05 -7.96
CA GLU C 74 -27.93 -31.88 -8.25
C GLU C 74 -27.90 -33.16 -7.44
N ASP C 75 -26.70 -33.60 -7.08
CA ASP C 75 -26.52 -34.87 -6.41
C ASP C 75 -26.23 -34.73 -4.91
N THR C 76 -26.20 -33.49 -4.40
CA THR C 76 -25.94 -33.24 -2.99
C THR C 76 -27.03 -32.38 -2.31
N ALA C 77 -28.20 -32.28 -2.92
CA ALA C 77 -29.25 -31.38 -2.42
C ALA C 77 -30.21 -32.10 -1.49
N ASP C 78 -29.94 -33.38 -1.22
CA ASP C 78 -30.82 -34.17 -0.40
C ASP C 78 -30.44 -34.01 1.06
N ARG C 79 -31.34 -34.41 1.94
CA ARG C 79 -31.10 -34.41 3.38
C ARG C 79 -31.05 -35.83 3.86
N PRO C 80 -30.27 -36.09 4.92
CA PRO C 80 -30.32 -37.38 5.60
C PRO C 80 -31.71 -37.63 6.17
N PRO C 81 -32.23 -38.86 6.04
CA PRO C 81 -33.54 -39.13 6.60
C PRO C 81 -33.51 -38.90 8.11
N VAL C 82 -34.63 -38.42 8.68
CA VAL C 82 -34.73 -38.23 10.13
C VAL C 82 -36.03 -38.88 10.62
N PRO C 83 -35.96 -40.18 10.97
CA PRO C 83 -37.10 -40.98 11.43
C PRO C 83 -37.95 -40.34 12.52
N ILE C 84 -37.36 -39.63 13.46
CA ILE C 84 -38.15 -39.06 14.53
C ILE C 84 -39.09 -37.94 14.08
N THR C 85 -38.88 -37.41 12.87
CA THR C 85 -39.80 -36.37 12.35
C THR C 85 -41.22 -36.94 12.13
N GLN C 86 -41.35 -38.27 12.11
CA GLN C 86 -42.67 -38.92 12.06
C GLN C 86 -43.56 -38.46 13.20
N ILE C 87 -42.92 -38.20 14.34
CA ILE C 87 -43.58 -37.70 15.54
C ILE C 87 -44.07 -36.26 15.35
N LEU C 88 -43.47 -35.53 14.43
CA LEU C 88 -43.85 -34.14 14.19
C LEU C 88 -44.91 -34.00 13.09
N GLY C 89 -45.33 -35.14 12.54
CA GLY C 89 -46.36 -35.13 11.51
C GLY C 89 -45.82 -35.04 10.10
N PHE C 90 -44.54 -35.37 9.91
CA PHE C 90 -43.95 -35.46 8.59
C PHE C 90 -44.57 -36.58 7.78
N GLY C 91 -44.76 -36.32 6.49
CA GLY C 91 -45.30 -37.32 5.58
C GLY C 91 -44.83 -36.95 4.20
N PRO C 92 -45.08 -37.83 3.22
CA PRO C 92 -44.61 -37.65 1.83
C PRO C 92 -44.94 -36.28 1.22
N ARG C 93 -46.17 -35.83 1.38
CA ARG C 93 -46.49 -34.49 0.88
C ARG C 93 -46.53 -33.45 2.00
N SER C 94 -45.89 -33.77 3.13
CA SER C 94 -45.77 -32.86 4.27
C SER C 94 -44.39 -32.88 4.94
N GLN C 95 -43.38 -32.34 4.27
CA GLN C 95 -42.02 -32.41 4.79
C GLN C 95 -41.45 -31.05 5.17
N GLY C 96 -42.24 -30.00 4.95
CA GLY C 96 -41.76 -28.65 5.15
C GLY C 96 -40.73 -28.28 4.10
N VAL C 97 -39.68 -27.58 4.51
CA VAL C 97 -38.63 -27.20 3.59
C VAL C 97 -37.28 -27.61 4.12
N PHE C 98 -37.00 -27.28 5.40
CA PHE C 98 -35.65 -27.42 5.95
C PHE C 98 -35.09 -28.84 5.85
N LEU C 99 -35.87 -29.83 6.31
CA LEU C 99 -35.43 -31.22 6.30
C LEU C 99 -36.10 -32.02 5.18
N ALA C 100 -36.90 -31.35 4.36
CA ALA C 100 -37.56 -32.00 3.23
C ALA C 100 -36.55 -32.77 2.36
N ARG C 101 -36.89 -34.00 1.96
CA ARG C 101 -36.04 -34.72 1.02
C ARG C 101 -36.00 -33.98 -0.31
N TYR C 102 -34.89 -34.08 -1.04
CA TYR C 102 -34.81 -33.50 -2.38
C TYR C 102 -35.86 -34.12 -3.27
N GLY C 103 -36.56 -33.31 -4.05
CA GLY C 103 -37.72 -33.79 -4.81
C GLY C 103 -38.87 -32.79 -4.80
N PRO C 104 -40.03 -33.18 -5.35
CA PRO C 104 -41.12 -32.24 -5.63
C PRO C 104 -41.72 -31.59 -4.39
N ALA C 105 -41.89 -32.32 -3.30
CA ALA C 105 -42.40 -31.72 -2.07
C ALA C 105 -41.48 -30.61 -1.59
N TRP C 106 -40.16 -30.84 -1.66
CA TRP C 106 -39.21 -29.81 -1.24
C TRP C 106 -39.23 -28.63 -2.19
N ARG C 107 -39.24 -28.93 -3.49
CA ARG C 107 -39.12 -27.88 -4.50
C ARG C 107 -40.36 -26.97 -4.49
N GLU C 108 -41.54 -27.55 -4.41
CA GLU C 108 -42.73 -26.74 -4.41
C GLU C 108 -42.73 -25.75 -3.21
N GLN C 109 -42.43 -26.23 -2.00
CA GLN C 109 -42.34 -25.32 -0.87
C GLN C 109 -41.14 -24.38 -0.92
N ARG C 110 -40.03 -24.84 -1.49
CA ARG C 110 -38.85 -23.97 -1.60
C ARG C 110 -39.18 -22.77 -2.47
N ARG C 111 -39.71 -23.03 -3.66
CA ARG C 111 -40.11 -21.99 -4.59
C ARG C 111 -41.23 -21.10 -4.02
N PHE C 112 -42.19 -21.70 -3.33
CA PHE C 112 -43.26 -20.94 -2.69
C PHE C 112 -42.72 -19.94 -1.67
N SER C 113 -41.86 -20.39 -0.75
CA SER C 113 -41.26 -19.48 0.23
C SER C 113 -40.36 -18.43 -0.39
N VAL C 114 -39.45 -18.86 -1.28
CA VAL C 114 -38.55 -17.92 -1.96
C VAL C 114 -39.39 -16.85 -2.64
N SER C 115 -40.44 -17.29 -3.32
CA SER C 115 -41.25 -16.36 -4.09
C SER C 115 -42.09 -15.42 -3.23
N THR C 116 -42.68 -15.97 -2.16
CA THR C 116 -43.48 -15.19 -1.24
C THR C 116 -42.62 -14.12 -0.55
N LEU C 117 -41.39 -14.48 -0.17
CA LEU C 117 -40.46 -13.50 0.40
C LEU C 117 -40.20 -12.35 -0.56
N ARG C 118 -40.06 -12.67 -1.84
CA ARG C 118 -39.84 -11.66 -2.88
C ARG C 118 -41.06 -10.76 -3.05
N ASN C 119 -42.26 -11.34 -3.09
CA ASN C 119 -43.48 -10.55 -3.30
C ASN C 119 -43.75 -9.61 -2.12
N LEU C 120 -43.43 -10.09 -0.93
CA LEU C 120 -43.57 -9.30 0.28
C LEU C 120 -42.46 -8.28 0.40
N GLY C 121 -41.48 -8.36 -0.50
CA GLY C 121 -40.41 -7.39 -0.59
C GLY C 121 -40.44 -6.54 -1.86
N LEU C 122 -41.57 -6.52 -2.54
CA LEU C 122 -41.72 -5.74 -3.77
C LEU C 122 -43.05 -5.00 -3.80
N GLY C 123 -43.06 -3.84 -4.48
CA GLY C 123 -44.21 -2.96 -4.49
C GLY C 123 -44.23 -2.07 -3.26
N LYS C 124 -45.10 -2.40 -2.31
CA LYS C 124 -45.24 -1.62 -1.09
C LYS C 124 -44.05 -1.81 -0.12
N LYS C 125 -43.31 -2.91 -0.27
CA LYS C 125 -42.21 -3.27 0.64
C LYS C 125 -42.67 -3.45 2.10
N SER C 126 -43.47 -4.48 2.35
CA SER C 126 -44.06 -4.70 3.66
C SER C 126 -43.09 -5.28 4.68
N LEU C 127 -42.30 -6.26 4.26
CA LEU C 127 -41.27 -6.81 5.13
C LEU C 127 -40.41 -5.70 5.69
N GLU C 128 -39.90 -4.86 4.79
CA GLU C 128 -39.07 -3.74 5.23
C GLU C 128 -39.81 -2.84 6.24
N GLN C 129 -41.09 -2.60 6.00
CA GLN C 129 -41.89 -1.82 6.93
C GLN C 129 -42.05 -2.53 8.28
N TRP C 130 -42.29 -3.84 8.23
CA TRP C 130 -42.40 -4.65 9.45
C TRP C 130 -41.08 -4.66 10.24
N VAL C 131 -39.97 -4.76 9.53
CA VAL C 131 -38.66 -4.76 10.20
C VAL C 131 -38.37 -3.37 10.79
N THR C 132 -38.65 -2.32 10.01
CA THR C 132 -38.37 -0.95 10.41
C THR C 132 -39.16 -0.57 11.65
N GLU C 133 -40.42 -1.00 11.71
CA GLU C 133 -41.24 -0.77 12.88
C GLU C 133 -40.68 -1.55 14.05
N GLU C 134 -40.30 -2.80 13.82
CA GLU C 134 -39.80 -3.62 14.92
C GLU C 134 -38.52 -3.03 15.48
N ALA C 135 -37.70 -2.46 14.61
CA ALA C 135 -36.47 -1.78 15.03
C ALA C 135 -36.82 -0.66 15.99
N ALA C 136 -37.83 0.13 15.64
CA ALA C 136 -38.30 1.19 16.52
C ALA C 136 -38.72 0.62 17.89
N CYS C 137 -39.50 -0.46 17.89
CA CYS C 137 -39.87 -1.13 19.13
C CYS C 137 -38.64 -1.69 19.87
N LEU C 138 -37.64 -2.15 19.12
CA LEU C 138 -36.45 -2.68 19.77
C LEU C 138 -35.67 -1.56 20.46
N CYS C 139 -35.49 -0.44 19.76
CA CYS C 139 -34.89 0.76 20.36
C CYS C 139 -35.58 1.21 21.65
N ALA C 140 -36.91 1.22 21.64
CA ALA C 140 -37.65 1.65 22.82
C ALA C 140 -37.35 0.72 23.98
N ALA C 141 -37.35 -0.59 23.71
CA ALA C 141 -37.08 -1.55 24.79
C ALA C 141 -35.66 -1.39 25.36
N PHE C 142 -34.69 -1.05 24.50
CA PHE C 142 -33.30 -0.82 24.91
C PHE C 142 -33.22 0.44 25.79
N ALA C 143 -33.95 1.49 25.43
CA ALA C 143 -33.95 2.74 26.20
C ALA C 143 -34.49 2.58 27.62
N ASN C 144 -35.43 1.65 27.79
CA ASN C 144 -36.00 1.40 29.12
C ASN C 144 -34.98 0.74 30.08
N HIS C 145 -33.80 0.36 29.59
CA HIS C 145 -32.77 -0.24 30.45
C HIS C 145 -31.64 0.75 30.72
N SER C 146 -31.74 1.91 30.08
CA SER C 146 -30.68 2.91 30.10
C SER C 146 -30.31 3.32 31.50
N GLY C 147 -29.09 2.99 31.89
CA GLY C 147 -28.60 3.33 33.22
C GLY C 147 -28.22 2.08 33.96
N ARG C 148 -28.63 0.93 33.43
CA ARG C 148 -28.31 -0.34 34.05
C ARG C 148 -27.75 -1.31 33.02
N PRO C 149 -26.84 -2.17 33.45
CA PRO C 149 -26.37 -3.20 32.52
C PRO C 149 -27.45 -4.26 32.31
N PHE C 150 -27.50 -4.84 31.13
CA PHE C 150 -28.46 -5.89 30.86
C PHE C 150 -27.96 -6.77 29.74
N ARG C 151 -28.34 -8.04 29.77
CA ARG C 151 -28.17 -8.92 28.61
C ARG C 151 -29.14 -8.56 27.49
N PRO C 152 -28.63 -8.21 26.31
CA PRO C 152 -29.45 -7.87 25.15
C PRO C 152 -30.21 -9.06 24.53
N ASN C 153 -29.76 -10.28 24.80
CA ASN C 153 -30.18 -11.47 24.04
C ASN C 153 -31.68 -11.67 23.91
N GLY C 154 -32.40 -11.49 25.03
CA GLY C 154 -33.83 -11.69 25.08
C GLY C 154 -34.65 -10.70 24.25
N LEU C 155 -34.19 -9.46 24.19
CA LEU C 155 -34.88 -8.43 23.42
C LEU C 155 -34.64 -8.68 21.94
N LEU C 156 -33.39 -9.04 21.62
CA LEU C 156 -33.05 -9.40 20.24
C LEU C 156 -33.89 -10.58 19.73
N ASP C 157 -34.02 -11.60 20.59
CA ASP C 157 -34.87 -12.76 20.28
C ASP C 157 -36.31 -12.33 19.96
N LYS C 158 -36.86 -11.44 20.77
CA LYS C 158 -38.25 -11.00 20.59
C LYS C 158 -38.42 -10.26 19.27
N ALA C 159 -37.53 -9.30 19.01
CA ALA C 159 -37.61 -8.47 17.83
C ALA C 159 -37.59 -9.29 16.53
N VAL C 160 -36.60 -10.17 16.42
CA VAL C 160 -36.42 -11.07 15.28
C VAL C 160 -37.56 -12.08 15.16
N SER C 161 -38.04 -12.59 16.28
CA SER C 161 -39.23 -13.43 16.25
C SER C 161 -40.48 -12.67 15.78
N ASN C 162 -40.56 -11.37 16.06
CA ASN C 162 -41.71 -10.62 15.57
C ASN C 162 -41.64 -10.42 14.05
N VAL C 163 -40.44 -10.33 13.50
CA VAL C 163 -40.29 -10.23 12.03
C VAL C 163 -40.82 -11.49 11.34
N ILE C 164 -40.54 -12.67 11.91
CA ILE C 164 -41.05 -13.92 11.33
C ILE C 164 -42.59 -13.99 11.47
N ALA C 165 -43.11 -13.57 12.63
CA ALA C 165 -44.55 -13.54 12.87
C ALA C 165 -45.26 -12.65 11.84
N SER C 166 -44.64 -11.52 11.54
CA SER C 166 -45.19 -10.61 10.53
C SER C 166 -45.20 -11.24 9.15
N LEU C 167 -44.11 -11.92 8.83
CA LEU C 167 -43.98 -12.61 7.56
C LEU C 167 -45.05 -13.68 7.41
N THR C 168 -45.23 -14.45 8.49
CA THR C 168 -46.03 -15.64 8.42
C THR C 168 -47.49 -15.36 8.77
N CYS C 169 -47.74 -14.53 9.77
CA CYS C 169 -49.11 -14.30 10.20
C CYS C 169 -49.56 -12.85 10.08
N GLY C 170 -48.67 -11.94 9.72
CA GLY C 170 -49.06 -10.55 9.51
C GLY C 170 -49.37 -9.82 10.79
N ARG C 171 -48.67 -10.18 11.87
CA ARG C 171 -48.81 -9.46 13.11
C ARG C 171 -47.50 -9.52 13.88
N ARG C 172 -47.41 -8.69 14.92
CA ARG C 172 -46.34 -8.79 15.89
C ARG C 172 -46.98 -9.05 17.24
N PHE C 173 -46.14 -9.37 18.22
CA PHE C 173 -46.60 -9.55 19.59
C PHE C 173 -45.90 -8.55 20.51
N GLU C 174 -46.63 -8.10 21.51
CA GLU C 174 -46.07 -7.21 22.53
C GLU C 174 -44.94 -7.93 23.25
N TYR C 175 -43.92 -7.19 23.68
CA TYR C 175 -42.76 -7.83 24.32
C TYR C 175 -43.08 -8.47 25.70
N ASP C 176 -44.28 -8.26 26.20
CA ASP C 176 -44.70 -8.90 27.44
C ASP C 176 -45.84 -9.89 27.20
N ASP C 177 -46.12 -10.19 25.95
CA ASP C 177 -47.17 -11.17 25.65
C ASP C 177 -46.81 -12.56 26.16
N PRO C 178 -47.65 -13.13 27.03
CA PRO C 178 -47.50 -14.46 27.63
C PRO C 178 -47.31 -15.61 26.62
N ARG C 179 -48.14 -15.67 25.58
CA ARG C 179 -48.03 -16.74 24.58
C ARG C 179 -46.80 -16.57 23.72
N PHE C 180 -46.47 -15.32 23.41
CA PHE C 180 -45.24 -15.01 22.72
C PHE C 180 -44.03 -15.50 23.55
N LEU C 181 -44.03 -15.19 24.84
CA LEU C 181 -42.94 -15.58 25.73
C LEU C 181 -42.85 -17.11 25.85
N ARG C 182 -44.00 -17.76 25.88
CA ARG C 182 -44.02 -19.21 25.93
C ARG C 182 -43.49 -19.78 24.62
N LEU C 183 -43.86 -19.15 23.50
CA LEU C 183 -43.41 -19.59 22.18
C LEU C 183 -41.89 -19.51 22.05
N LEU C 184 -41.29 -18.42 22.53
CA LEU C 184 -39.85 -18.26 22.42
C LEU C 184 -39.12 -19.23 23.34
N ASP C 185 -39.66 -19.43 24.54
CA ASP C 185 -39.05 -20.33 25.49
C ASP C 185 -39.02 -21.77 24.97
N LEU C 186 -40.16 -22.23 24.46
CA LEU C 186 -40.23 -23.58 23.91
C LEU C 186 -39.25 -23.75 22.75
N ALA C 187 -39.16 -22.75 21.88
CA ALA C 187 -38.24 -22.83 20.75
C ALA C 187 -36.77 -23.02 21.18
N GLN C 188 -36.35 -22.31 22.23
CA GLN C 188 -34.97 -22.43 22.72
C GLN C 188 -34.77 -23.74 23.47
N GLU C 189 -35.81 -24.23 24.14
CA GLU C 189 -35.75 -25.56 24.73
C GLU C 189 -35.74 -26.64 23.63
N GLY C 190 -36.38 -26.34 22.50
CA GLY C 190 -36.42 -27.25 21.38
C GLY C 190 -35.06 -27.40 20.74
N LEU C 191 -34.35 -26.29 20.61
CA LEU C 191 -32.98 -26.29 20.10
C LEU C 191 -32.04 -27.09 21.02
N LYS C 192 -32.12 -26.88 22.33
CA LYS C 192 -31.33 -27.68 23.28
C LYS C 192 -31.65 -29.17 23.11
N GLU C 193 -32.90 -29.44 22.75
CA GLU C 193 -33.39 -30.80 22.48
C GLU C 193 -32.78 -31.43 21.22
N GLU C 194 -32.24 -30.62 20.32
CA GLU C 194 -31.62 -31.15 19.10
C GLU C 194 -30.32 -31.86 19.43
N SER C 195 -29.64 -31.38 20.46
CA SER C 195 -28.37 -31.95 20.87
C SER C 195 -28.57 -33.01 21.95
N GLY C 196 -28.75 -34.25 21.51
CA GLY C 196 -28.96 -35.37 22.42
C GLY C 196 -28.61 -36.70 21.76
N PHE C 197 -28.01 -37.60 22.53
CA PHE C 197 -27.65 -38.90 21.99
C PHE C 197 -28.88 -39.80 21.96
N LEU C 198 -29.90 -39.44 22.73
CA LEU C 198 -31.16 -40.17 22.69
C LEU C 198 -31.74 -40.05 21.30
N ARG C 199 -31.62 -38.84 20.75
CA ARG C 199 -32.08 -38.54 19.42
C ARG C 199 -31.35 -39.42 18.40
N GLU C 200 -30.05 -39.57 18.59
CA GLU C 200 -29.19 -40.31 17.66
C GLU C 200 -29.60 -41.77 17.51
N VAL C 201 -29.78 -42.43 18.64
CA VAL C 201 -30.06 -43.87 18.67
C VAL C 201 -31.47 -44.13 18.13
N LEU C 202 -32.38 -43.20 18.37
CA LEU C 202 -33.75 -43.35 17.89
C LEU C 202 -33.79 -43.20 16.38
N ASN C 203 -33.00 -42.27 15.85
CA ASN C 203 -32.92 -42.14 14.41
C ASN C 203 -32.24 -43.37 13.80
N ALA C 204 -31.20 -43.86 14.45
CA ALA C 204 -30.49 -45.04 13.98
C ALA C 204 -31.29 -46.32 14.21
N VAL C 205 -32.10 -46.32 15.27
CA VAL C 205 -32.96 -47.45 15.56
C VAL C 205 -34.40 -46.99 15.69
N PRO C 206 -35.07 -46.75 14.55
CA PRO C 206 -36.42 -46.17 14.51
C PRO C 206 -37.46 -47.01 15.26
N VAL C 207 -37.22 -48.32 15.39
CA VAL C 207 -38.20 -49.21 16.01
C VAL C 207 -38.34 -48.94 17.51
N LEU C 208 -37.30 -48.34 18.11
CA LEU C 208 -37.35 -47.89 19.49
C LEU C 208 -38.43 -46.83 19.76
N LEU C 209 -39.02 -46.28 18.69
CA LEU C 209 -40.06 -45.28 18.84
C LEU C 209 -41.39 -45.89 19.31
N HIS C 210 -41.47 -47.23 19.31
CA HIS C 210 -42.67 -47.93 19.80
C HIS C 210 -42.79 -47.83 21.32
N ILE C 211 -41.71 -47.42 21.99
CA ILE C 211 -41.74 -47.16 23.42
C ILE C 211 -42.26 -45.76 23.72
N PRO C 212 -43.49 -45.65 24.26
CA PRO C 212 -44.10 -44.34 24.56
C PRO C 212 -43.19 -43.44 25.40
N ALA C 213 -42.52 -44.02 26.39
CA ALA C 213 -41.63 -43.26 27.26
C ALA C 213 -40.53 -42.57 26.48
N LEU C 214 -39.98 -43.27 25.48
CA LEU C 214 -38.93 -42.68 24.67
C LEU C 214 -39.49 -41.66 23.68
N ALA C 215 -40.48 -42.08 22.89
CA ALA C 215 -41.06 -41.25 21.84
C ALA C 215 -41.85 -40.06 22.38
N GLY C 216 -41.98 -40.00 23.70
CA GLY C 216 -42.63 -38.87 24.34
C GLY C 216 -41.65 -37.83 24.80
N LYS C 217 -40.36 -38.16 24.74
CA LYS C 217 -39.31 -37.27 25.27
C LYS C 217 -38.31 -36.83 24.19
N VAL C 218 -38.35 -37.47 23.03
CA VAL C 218 -37.46 -37.09 21.94
C VAL C 218 -37.65 -35.63 21.57
N LEU C 219 -38.91 -35.26 21.34
CA LEU C 219 -39.24 -33.93 20.85
C LEU C 219 -40.38 -33.33 21.66
N ARG C 220 -40.33 -33.47 22.98
CA ARG C 220 -41.45 -33.03 23.78
C ARG C 220 -41.56 -31.51 23.84
N PHE C 221 -40.43 -30.82 23.71
CA PHE C 221 -40.48 -29.37 23.70
C PHE C 221 -40.80 -28.86 22.31
N GLN C 222 -40.16 -29.45 21.31
CA GLN C 222 -40.47 -29.16 19.92
C GLN C 222 -41.95 -29.42 19.62
N LYS C 223 -42.49 -30.52 20.13
CA LYS C 223 -43.90 -30.84 19.94
C LYS C 223 -44.79 -29.83 20.66
N ALA C 224 -44.30 -29.32 21.79
CA ALA C 224 -45.03 -28.29 22.53
C ALA C 224 -44.96 -26.98 21.76
N PHE C 225 -43.86 -26.79 21.05
CA PHE C 225 -43.67 -25.60 20.25
C PHE C 225 -44.67 -25.60 19.10
N LEU C 226 -44.73 -26.71 18.39
CA LEU C 226 -45.67 -26.91 17.29
C LEU C 226 -47.14 -26.75 17.70
N THR C 227 -47.48 -27.17 18.92
CA THR C 227 -48.84 -27.04 19.42
C THR C 227 -49.18 -25.58 19.71
N GLN C 228 -48.24 -24.83 20.28
CA GLN C 228 -48.42 -23.40 20.47
C GLN C 228 -48.62 -22.67 19.12
N LEU C 229 -47.80 -23.03 18.13
CA LEU C 229 -47.97 -22.50 16.77
C LEU C 229 -49.36 -22.78 16.18
N ASP C 230 -49.83 -24.01 16.30
CA ASP C 230 -51.16 -24.40 15.79
C ASP C 230 -52.24 -23.48 16.28
N GLU C 231 -52.13 -23.09 17.55
CA GLU C 231 -53.08 -22.21 18.19
C GLU C 231 -53.10 -20.83 17.51
N LEU C 232 -51.93 -20.33 17.15
CA LEU C 232 -51.83 -19.03 16.49
C LEU C 232 -52.27 -19.13 15.04
N LEU C 233 -52.10 -20.30 14.44
CA LEU C 233 -52.51 -20.49 13.05
C LEU C 233 -54.03 -20.57 12.96
N THR C 234 -54.65 -21.20 13.96
CA THR C 234 -56.11 -21.26 14.07
C THR C 234 -56.76 -19.87 14.22
N GLU C 235 -56.20 -19.03 15.09
CA GLU C 235 -56.68 -17.66 15.21
C GLU C 235 -56.57 -16.92 13.89
N HIS C 236 -55.42 -17.08 13.26
CA HIS C 236 -55.15 -16.35 12.04
C HIS C 236 -56.08 -16.83 10.94
N ARG C 237 -56.41 -18.12 10.93
CA ARG C 237 -57.37 -18.59 9.94
C ARG C 237 -58.74 -17.92 10.08
N MET C 238 -59.09 -17.49 11.29
CA MET C 238 -60.40 -16.86 11.47
C MET C 238 -60.42 -15.43 10.92
N THR C 239 -59.31 -14.71 11.01
CA THR C 239 -59.30 -13.33 10.55
C THR C 239 -58.93 -13.14 9.07
N TRP C 240 -58.55 -14.23 8.40
CA TRP C 240 -58.08 -14.18 7.01
C TRP C 240 -59.18 -13.64 6.08
N ASP C 241 -58.86 -12.63 5.29
CA ASP C 241 -59.79 -12.16 4.27
C ASP C 241 -59.42 -12.70 2.89
N PRO C 242 -60.05 -13.82 2.49
CA PRO C 242 -59.68 -14.39 1.18
C PRO C 242 -60.12 -13.52 0.00
N ALA C 243 -60.97 -12.51 0.25
CA ALA C 243 -61.42 -11.59 -0.81
C ALA C 243 -60.36 -10.53 -1.13
N GLN C 244 -59.27 -10.54 -0.38
CA GLN C 244 -58.21 -9.56 -0.58
C GLN C 244 -56.91 -10.29 -0.87
N PRO C 245 -55.98 -9.64 -1.59
CA PRO C 245 -54.64 -10.22 -1.77
C PRO C 245 -54.04 -10.60 -0.41
N PRO C 246 -53.36 -11.75 -0.33
CA PRO C 246 -52.75 -12.25 0.90
C PRO C 246 -51.78 -11.24 1.50
N ARG C 247 -51.86 -11.05 2.80
CA ARG C 247 -51.07 -10.04 3.49
C ARG C 247 -49.78 -10.65 4.04
N ASP C 248 -49.68 -11.97 3.91
CA ASP C 248 -48.60 -12.69 4.54
C ASP C 248 -48.49 -14.12 3.99
N LEU C 249 -47.45 -14.82 4.40
CA LEU C 249 -47.12 -16.10 3.81
C LEU C 249 -48.18 -17.16 4.07
N THR C 250 -48.72 -17.19 5.28
CA THR C 250 -49.72 -18.18 5.65
C THR C 250 -50.97 -18.03 4.78
N GLU C 251 -51.31 -16.80 4.43
CA GLU C 251 -52.50 -16.55 3.63
C GLU C 251 -52.23 -16.96 2.20
N ALA C 252 -51.01 -16.70 1.73
CA ALA C 252 -50.62 -17.12 0.40
C ALA C 252 -50.72 -18.62 0.33
N PHE C 253 -50.24 -19.28 1.38
CA PHE C 253 -50.29 -20.74 1.47
C PHE C 253 -51.73 -21.20 1.50
N LEU C 254 -52.55 -20.52 2.30
CA LEU C 254 -53.95 -20.91 2.44
C LEU C 254 -54.72 -20.80 1.10
N ALA C 255 -54.46 -19.75 0.33
CA ALA C 255 -55.08 -19.57 -0.99
C ALA C 255 -54.64 -20.69 -1.96
N GLU C 256 -53.36 -21.07 -1.88
CA GLU C 256 -52.83 -22.18 -2.66
C GLU C 256 -53.49 -23.49 -2.28
N MET C 257 -53.75 -23.65 -0.98
CA MET C 257 -54.34 -24.88 -0.47
C MET C 257 -55.78 -25.04 -0.97
N GLU C 258 -56.54 -23.95 -0.95
CA GLU C 258 -57.87 -23.96 -1.56
C GLU C 258 -57.82 -24.40 -3.04
N LYS C 259 -56.94 -23.82 -3.84
CA LYS C 259 -56.80 -24.22 -5.23
C LYS C 259 -56.43 -25.70 -5.35
N ALA C 260 -55.78 -26.22 -4.32
CA ALA C 260 -55.27 -27.59 -4.37
C ALA C 260 -56.24 -28.65 -3.86
N LYS C 261 -57.44 -28.27 -3.41
CA LYS C 261 -58.39 -29.26 -2.91
C LYS C 261 -58.77 -30.21 -4.04
N GLY C 262 -58.61 -31.51 -3.80
CA GLY C 262 -58.79 -32.52 -4.82
C GLY C 262 -57.47 -32.97 -5.46
N ASN C 263 -56.37 -32.30 -5.09
CA ASN C 263 -55.05 -32.67 -5.59
C ASN C 263 -54.18 -33.37 -4.54
N PRO C 264 -54.09 -34.70 -4.60
CA PRO C 264 -53.25 -35.47 -3.67
C PRO C 264 -51.76 -35.30 -3.93
N GLU C 265 -51.38 -34.67 -5.05
CA GLU C 265 -49.97 -34.41 -5.32
C GLU C 265 -49.45 -33.08 -4.75
N SER C 266 -50.34 -32.23 -4.23
CA SER C 266 -49.89 -30.93 -3.75
C SER C 266 -49.20 -31.04 -2.38
N SER C 267 -48.23 -30.17 -2.15
CA SER C 267 -47.63 -30.06 -0.83
C SER C 267 -48.33 -28.93 -0.08
N PHE C 268 -49.40 -28.42 -0.66
CA PHE C 268 -50.23 -27.44 0.04
C PHE C 268 -51.40 -28.15 0.71
N ASN C 269 -51.21 -28.42 1.99
CA ASN C 269 -52.18 -29.11 2.82
C ASN C 269 -51.95 -28.71 4.29
N ASP C 270 -52.96 -28.91 5.14
CA ASP C 270 -52.93 -28.46 6.54
C ASP C 270 -51.71 -29.01 7.31
N GLU C 271 -51.31 -30.23 7.00
CA GLU C 271 -50.21 -30.85 7.74
C GLU C 271 -48.88 -30.17 7.38
N ASN C 272 -48.78 -29.65 6.18
CA ASN C 272 -47.51 -29.07 5.77
C ASN C 272 -47.45 -27.58 6.09
N LEU C 273 -48.60 -26.93 6.21
CA LEU C 273 -48.63 -25.52 6.61
C LEU C 273 -47.88 -25.29 7.93
N ARG C 274 -48.18 -26.09 8.94
CA ARG C 274 -47.61 -25.88 10.26
C ARG C 274 -46.12 -26.25 10.26
N ILE C 275 -45.72 -27.23 9.46
CA ILE C 275 -44.30 -27.55 9.35
C ILE C 275 -43.50 -26.46 8.64
N VAL C 276 -44.02 -25.93 7.52
CA VAL C 276 -43.36 -24.83 6.83
C VAL C 276 -43.17 -23.60 7.74
N VAL C 277 -44.25 -23.14 8.37
CA VAL C 277 -44.20 -21.98 9.28
C VAL C 277 -43.22 -22.22 10.43
N ALA C 278 -43.28 -23.40 11.05
CA ALA C 278 -42.33 -23.79 12.07
C ALA C 278 -40.88 -23.81 11.57
N ASP C 279 -40.64 -24.21 10.32
CA ASP C 279 -39.29 -24.20 9.77
C ASP C 279 -38.75 -22.79 9.60
N LEU C 280 -39.61 -21.86 9.20
CA LEU C 280 -39.22 -20.47 9.06
C LEU C 280 -38.90 -19.81 10.41
N PHE C 281 -39.75 -20.05 11.42
CA PHE C 281 -39.44 -19.64 12.80
C PHE C 281 -38.10 -20.24 13.31
N SER C 282 -37.98 -21.56 13.23
CA SER C 282 -36.77 -22.24 13.69
C SER C 282 -35.53 -21.75 12.97
N ALA C 283 -35.65 -21.55 11.66
CA ALA C 283 -34.48 -21.18 10.88
C ALA C 283 -34.13 -19.71 11.03
N GLY C 284 -35.13 -18.84 11.14
CA GLY C 284 -34.89 -17.41 11.14
C GLY C 284 -34.77 -16.68 12.48
N MET C 285 -35.07 -17.37 13.59
CA MET C 285 -35.02 -16.75 14.91
C MET C 285 -33.60 -16.77 15.45
N VAL C 286 -33.22 -17.93 15.99
CA VAL C 286 -31.98 -18.07 16.73
C VAL C 286 -30.76 -17.68 15.89
N THR C 287 -30.87 -17.79 14.55
CA THR C 287 -29.78 -17.42 13.66
C THR C 287 -29.61 -15.92 13.58
N THR C 288 -30.66 -15.21 13.20
CA THR C 288 -30.56 -13.77 13.07
C THR C 288 -30.28 -13.14 14.43
N SER C 289 -30.88 -13.72 15.46
CA SER C 289 -30.80 -13.15 16.79
C SER C 289 -29.40 -13.28 17.35
N THR C 290 -28.85 -14.50 17.25
CA THR C 290 -27.52 -14.79 17.74
C THR C 290 -26.48 -13.97 17.00
N THR C 291 -26.70 -13.74 15.71
CA THR C 291 -25.81 -12.90 14.95
C THR C 291 -25.79 -11.48 15.50
N LEU C 292 -26.96 -10.95 15.83
CA LEU C 292 -27.05 -9.60 16.36
C LEU C 292 -26.39 -9.54 17.73
N ALA C 293 -26.50 -10.61 18.50
CA ALA C 293 -25.85 -10.69 19.81
C ALA C 293 -24.33 -10.67 19.67
N TRP C 294 -23.80 -11.39 18.68
CA TRP C 294 -22.39 -11.28 18.29
C TRP C 294 -22.08 -9.84 17.93
N GLY C 295 -23.00 -9.21 17.19
CA GLY C 295 -22.82 -7.85 16.72
C GLY C 295 -22.58 -6.85 17.85
N LEU C 296 -23.44 -6.88 18.86
CA LEU C 296 -23.29 -5.95 19.96
C LEU C 296 -22.07 -6.28 20.82
N LEU C 297 -21.78 -7.57 20.96
CA LEU C 297 -20.63 -7.97 21.75
C LEU C 297 -19.37 -7.40 21.10
N LEU C 298 -19.28 -7.55 19.78
CA LEU C 298 -18.10 -7.11 19.05
C LEU C 298 -17.97 -5.59 19.04
N MET C 299 -19.09 -4.87 19.17
CA MET C 299 -19.03 -3.41 19.22
C MET C 299 -18.62 -2.90 20.62
N ILE C 300 -18.84 -3.67 21.68
CA ILE C 300 -18.32 -3.21 22.98
C ILE C 300 -16.88 -3.69 23.15
N LEU C 301 -16.48 -4.74 22.43
CA LEU C 301 -15.09 -5.16 22.49
C LEU C 301 -14.27 -4.30 21.54
N HIS C 302 -14.89 -3.78 20.49
CA HIS C 302 -14.16 -2.86 19.62
C HIS C 302 -14.86 -1.51 19.45
N PRO C 303 -14.79 -0.67 20.51
CA PRO C 303 -15.43 0.65 20.59
C PRO C 303 -15.09 1.49 19.38
N ASP C 304 -13.86 1.34 18.88
CA ASP C 304 -13.36 2.14 17.79
C ASP C 304 -14.16 1.86 16.53
N VAL C 305 -14.47 0.59 16.30
CA VAL C 305 -15.23 0.22 15.12
C VAL C 305 -16.65 0.76 15.25
N GLN C 306 -17.20 0.64 16.46
CA GLN C 306 -18.52 1.18 16.78
C GLN C 306 -18.62 2.67 16.42
N ARG C 307 -17.66 3.47 16.89
CA ARG C 307 -17.65 4.91 16.58
C ARG C 307 -17.55 5.20 15.09
N ARG C 308 -16.75 4.43 14.36
CA ARG C 308 -16.66 4.63 12.92
C ARG C 308 -18.00 4.30 12.27
N VAL C 309 -18.69 3.27 12.74
CA VAL C 309 -20.02 2.97 12.21
C VAL C 309 -20.99 4.12 12.53
N GLN C 310 -20.96 4.60 13.77
CA GLN C 310 -21.80 5.73 14.16
C GLN C 310 -21.43 7.00 13.40
N GLN C 311 -20.16 7.14 13.05
CA GLN C 311 -19.74 8.31 12.28
C GLN C 311 -20.30 8.21 10.88
N GLU C 312 -20.24 7.02 10.28
CA GLU C 312 -20.83 6.82 8.96
C GLU C 312 -22.37 6.97 9.00
N ILE C 313 -23.02 6.53 10.08
CA ILE C 313 -24.46 6.70 10.20
C ILE C 313 -24.86 8.18 10.27
N ASP C 314 -24.13 8.96 11.07
CA ASP C 314 -24.40 10.39 11.20
C ASP C 314 -24.20 11.11 9.86
N ASP C 315 -23.24 10.66 9.07
CA ASP C 315 -23.00 11.23 7.75
C ASP C 315 -24.16 10.98 6.80
N VAL C 316 -24.50 9.70 6.61
CA VAL C 316 -25.38 9.27 5.54
C VAL C 316 -26.86 9.38 5.91
N ILE C 317 -27.19 9.09 7.18
CA ILE C 317 -28.58 9.03 7.63
C ILE C 317 -28.97 10.16 8.59
N GLY C 318 -28.06 10.58 9.45
CA GLY C 318 -28.36 11.53 10.50
C GLY C 318 -28.80 10.81 11.77
N GLN C 319 -29.03 11.55 12.85
CA GLN C 319 -29.44 10.91 14.10
C GLN C 319 -30.95 10.99 14.32
N VAL C 320 -31.71 11.24 13.25
CA VAL C 320 -33.15 11.41 13.38
C VAL C 320 -33.95 10.35 12.65
N ARG C 321 -33.94 10.38 11.33
CA ARG C 321 -34.81 9.50 10.57
C ARG C 321 -34.37 8.05 10.68
N ARG C 322 -35.30 7.14 10.46
CA ARG C 322 -35.04 5.73 10.58
C ARG C 322 -34.21 5.27 9.41
N PRO C 323 -33.22 4.41 9.67
CA PRO C 323 -32.45 3.85 8.55
C PRO C 323 -33.37 3.04 7.63
N GLU C 324 -33.05 3.07 6.35
CA GLU C 324 -33.80 2.37 5.31
C GLU C 324 -32.82 1.49 4.56
N MET C 325 -33.33 0.51 3.83
CA MET C 325 -32.46 -0.37 3.05
C MET C 325 -31.72 0.38 1.96
N GLY C 326 -32.28 1.50 1.53
CA GLY C 326 -31.65 2.32 0.50
C GLY C 326 -30.36 2.97 0.98
N ASP C 327 -30.21 3.07 2.30
CA ASP C 327 -29.01 3.63 2.91
C ASP C 327 -27.81 2.70 2.81
N GLN C 328 -28.08 1.39 2.74
CA GLN C 328 -27.04 0.37 2.81
C GLN C 328 -26.00 0.49 1.68
N ALA C 329 -26.44 0.82 0.48
CA ALA C 329 -25.55 0.96 -0.66
C ALA C 329 -24.56 2.11 -0.50
N HIS C 330 -24.88 3.08 0.36
CA HIS C 330 -24.02 4.24 0.61
C HIS C 330 -23.31 4.15 1.96
N MET C 331 -23.27 2.96 2.54
CA MET C 331 -22.62 2.73 3.81
C MET C 331 -21.72 1.49 3.76
N PRO C 332 -20.60 1.60 3.04
CA PRO C 332 -19.73 0.43 2.86
C PRO C 332 -19.04 0.02 4.17
N TYR C 333 -18.81 0.94 5.09
CA TYR C 333 -18.13 0.57 6.32
C TYR C 333 -19.05 -0.27 7.22
N THR C 334 -20.27 0.19 7.40
CA THR C 334 -21.22 -0.54 8.23
C THR C 334 -21.52 -1.91 7.65
N THR C 335 -21.62 -1.97 6.32
CA THR C 335 -21.85 -3.21 5.59
C THR C 335 -20.72 -4.18 5.86
N ALA C 336 -19.49 -3.68 5.75
CA ALA C 336 -18.30 -4.46 6.08
C ALA C 336 -18.33 -4.97 7.51
N VAL C 337 -18.61 -4.10 8.47
CA VAL C 337 -18.72 -4.52 9.89
C VAL C 337 -19.73 -5.66 10.08
N ILE C 338 -20.93 -5.51 9.53
CA ILE C 338 -21.94 -6.55 9.59
C ILE C 338 -21.48 -7.87 8.94
N HIS C 339 -20.78 -7.80 7.82
CA HIS C 339 -20.28 -9.01 7.16
C HIS C 339 -19.21 -9.66 8.01
N GLU C 340 -18.38 -8.82 8.62
CA GLU C 340 -17.34 -9.30 9.50
C GLU C 340 -17.93 -9.89 10.80
N VAL C 341 -19.02 -9.32 11.31
CA VAL C 341 -19.72 -9.92 12.45
C VAL C 341 -20.15 -11.36 12.10
N GLN C 342 -20.76 -11.53 10.94
CA GLN C 342 -21.14 -12.86 10.45
C GLN C 342 -19.94 -13.75 10.28
N ARG C 343 -18.86 -13.21 9.72
CA ARG C 343 -17.72 -14.08 9.45
C ARG C 343 -17.09 -14.50 10.75
N PHE C 344 -16.86 -13.54 11.64
CA PHE C 344 -16.21 -13.82 12.91
C PHE C 344 -17.11 -14.67 13.79
N GLY C 345 -18.39 -14.29 13.85
CA GLY C 345 -19.36 -14.95 14.70
C GLY C 345 -19.58 -16.39 14.30
N ASP C 346 -19.69 -16.66 12.99
CA ASP C 346 -19.54 -18.02 12.45
C ASP C 346 -20.54 -18.94 13.20
N ILE C 347 -21.81 -18.53 13.16
CA ILE C 347 -22.81 -19.04 14.10
C ILE C 347 -23.31 -20.44 13.75
N VAL C 348 -23.11 -20.87 12.51
CA VAL C 348 -23.40 -22.25 12.09
C VAL C 348 -22.16 -22.94 11.52
N PRO C 349 -21.19 -23.25 12.38
CA PRO C 349 -19.87 -23.66 11.91
C PRO C 349 -19.88 -24.92 11.04
N LEU C 350 -20.71 -25.90 11.39
CA LEU C 350 -20.82 -27.15 10.64
C LEU C 350 -22.03 -27.21 9.73
N GLY C 351 -22.61 -26.07 9.38
CA GLY C 351 -23.76 -26.01 8.48
C GLY C 351 -24.92 -26.91 8.84
N VAL C 352 -25.64 -27.35 7.82
CA VAL C 352 -26.68 -28.36 7.97
C VAL C 352 -26.35 -29.55 7.06
N THR C 353 -26.49 -30.76 7.60
CA THR C 353 -26.06 -31.92 6.85
C THR C 353 -26.82 -32.05 5.53
N HIS C 354 -26.09 -32.50 4.53
CA HIS C 354 -26.65 -32.89 3.24
C HIS C 354 -26.45 -34.40 3.09
N MET C 355 -27.15 -35.02 2.16
CA MET C 355 -26.83 -36.40 1.76
C MET C 355 -26.69 -36.50 0.25
N THR C 356 -25.73 -37.31 -0.21
CA THR C 356 -25.55 -37.51 -1.64
C THR C 356 -26.60 -38.46 -2.24
N SER C 357 -27.14 -38.08 -3.40
CA SER C 357 -28.11 -38.88 -4.15
C SER C 357 -27.42 -39.86 -5.08
N ARG C 358 -26.21 -39.50 -5.51
CA ARG C 358 -25.41 -40.36 -6.36
C ARG C 358 -23.97 -40.39 -5.86
N ASP C 359 -23.19 -41.29 -6.44
CA ASP C 359 -21.76 -41.28 -6.24
C ASP C 359 -21.22 -40.01 -6.90
N ILE C 360 -20.23 -39.38 -6.30
CA ILE C 360 -19.65 -38.15 -6.85
C ILE C 360 -18.18 -38.08 -6.53
N GLU C 361 -17.51 -37.10 -7.11
CA GLU C 361 -16.07 -36.97 -6.91
C GLU C 361 -15.81 -35.55 -6.42
N VAL C 362 -15.19 -35.45 -5.25
CA VAL C 362 -14.83 -34.14 -4.71
C VAL C 362 -13.34 -34.16 -4.36
N GLN C 363 -12.61 -33.15 -4.82
CA GLN C 363 -11.16 -33.06 -4.67
C GLN C 363 -10.46 -34.38 -5.03
N GLY C 364 -11.01 -35.09 -6.01
CA GLY C 364 -10.43 -36.34 -6.47
C GLY C 364 -10.88 -37.57 -5.70
N PHE C 365 -11.45 -37.38 -4.50
CA PHE C 365 -11.92 -38.51 -3.71
C PHE C 365 -13.32 -38.93 -4.10
N ARG C 366 -13.56 -40.23 -4.14
CA ARG C 366 -14.91 -40.72 -4.37
C ARG C 366 -15.78 -40.62 -3.11
N ILE C 367 -17.03 -40.21 -3.28
CA ILE C 367 -18.01 -40.20 -2.22
C ILE C 367 -19.24 -41.01 -2.63
N PRO C 368 -19.47 -42.14 -1.95
CA PRO C 368 -20.56 -43.04 -2.36
C PRO C 368 -21.94 -42.40 -2.13
N LYS C 369 -22.93 -42.91 -2.86
CA LYS C 369 -24.31 -42.52 -2.69
C LYS C 369 -24.78 -42.82 -1.27
N GLY C 370 -25.66 -41.97 -0.74
CA GLY C 370 -26.16 -42.12 0.61
C GLY C 370 -25.18 -41.69 1.69
N THR C 371 -24.08 -41.05 1.31
CA THR C 371 -23.15 -40.54 2.32
C THR C 371 -23.66 -39.23 2.93
N THR C 372 -23.65 -39.13 4.25
CA THR C 372 -23.98 -37.85 4.89
C THR C 372 -22.79 -36.90 4.69
N LEU C 373 -23.08 -35.68 4.23
CA LEU C 373 -22.04 -34.69 4.04
C LEU C 373 -22.12 -33.60 5.09
N ILE C 374 -20.98 -33.25 5.65
CA ILE C 374 -20.91 -32.12 6.55
C ILE C 374 -20.15 -31.00 5.91
N THR C 375 -20.85 -29.91 5.56
CA THR C 375 -20.18 -28.73 5.07
C THR C 375 -19.58 -27.92 6.25
N ASN C 376 -18.26 -27.91 6.36
CA ASN C 376 -17.60 -27.10 7.40
C ASN C 376 -17.46 -25.64 6.98
N LEU C 377 -18.54 -24.90 7.17
CA LEU C 377 -18.60 -23.48 6.82
C LEU C 377 -17.58 -22.66 7.60
N SER C 378 -17.34 -23.04 8.84
CA SER C 378 -16.32 -22.37 9.66
C SER C 378 -14.96 -22.37 8.96
N SER C 379 -14.61 -23.52 8.39
CA SER C 379 -13.34 -23.65 7.70
C SER C 379 -13.28 -22.73 6.48
N VAL C 380 -14.44 -22.32 5.97
CA VAL C 380 -14.41 -21.39 4.86
C VAL C 380 -14.32 -19.96 5.38
N LEU C 381 -15.12 -19.65 6.41
CA LEU C 381 -15.14 -18.30 6.99
C LEU C 381 -13.82 -17.97 7.70
N LYS C 382 -13.11 -19.01 8.13
CA LYS C 382 -11.89 -18.84 8.92
C LYS C 382 -10.63 -19.36 8.19
N ASP C 383 -10.74 -19.55 6.87
CA ASP C 383 -9.65 -20.09 6.07
C ASP C 383 -8.44 -19.17 6.08
N GLU C 384 -7.34 -19.64 6.67
CA GLU C 384 -6.10 -18.86 6.75
C GLU C 384 -5.45 -18.54 5.39
N ALA C 385 -5.88 -19.25 4.35
CA ALA C 385 -5.34 -19.02 3.01
C ALA C 385 -6.05 -17.87 2.32
N VAL C 386 -7.23 -17.52 2.82
CA VAL C 386 -8.07 -16.50 2.17
C VAL C 386 -8.12 -15.19 2.93
N TRP C 387 -8.40 -15.27 4.23
CA TRP C 387 -8.57 -14.07 5.04
C TRP C 387 -7.25 -13.61 5.63
N GLU C 388 -7.10 -12.29 5.74
CA GLU C 388 -5.89 -11.66 6.23
C GLU C 388 -5.59 -12.04 7.69
N LYS C 389 -6.61 -12.02 8.54
CA LYS C 389 -6.41 -12.43 9.93
C LYS C 389 -7.70 -13.00 10.47
N PRO C 390 -7.97 -14.26 10.10
CA PRO C 390 -9.26 -14.94 10.26
C PRO C 390 -9.73 -15.09 11.72
N PHE C 391 -8.80 -15.02 12.68
CA PHE C 391 -9.17 -15.24 14.08
C PHE C 391 -9.27 -13.90 14.82
N ARG C 392 -9.20 -12.80 14.07
CA ARG C 392 -9.42 -11.48 14.64
C ARG C 392 -10.71 -10.87 14.05
N PHE C 393 -11.32 -9.99 14.83
CA PHE C 393 -12.41 -9.17 14.29
C PHE C 393 -11.82 -8.00 13.49
N HIS C 394 -12.05 -8.01 12.18
CA HIS C 394 -11.30 -7.17 11.23
C HIS C 394 -12.18 -6.77 10.05
N PRO C 395 -12.85 -5.61 10.14
CA PRO C 395 -13.81 -5.22 9.10
C PRO C 395 -13.16 -4.99 7.73
N GLU C 396 -11.87 -4.65 7.72
CA GLU C 396 -11.13 -4.51 6.47
C GLU C 396 -11.02 -5.83 5.69
N HIS C 397 -11.51 -6.93 6.26
CA HIS C 397 -11.72 -8.16 5.47
C HIS C 397 -12.71 -7.91 4.33
N PHE C 398 -13.57 -6.90 4.48
CA PHE C 398 -14.59 -6.57 3.50
C PHE C 398 -14.42 -5.18 2.89
N LEU C 399 -13.22 -4.62 3.03
CA LEU C 399 -12.94 -3.29 2.49
C LEU C 399 -11.65 -3.31 1.68
N ASP C 400 -11.62 -2.59 0.57
CA ASP C 400 -10.37 -2.37 -0.12
C ASP C 400 -9.72 -1.09 0.42
N ALA C 401 -8.51 -0.81 -0.06
CA ALA C 401 -7.72 0.32 0.42
C ALA C 401 -8.45 1.66 0.33
N GLN C 402 -9.44 1.74 -0.55
CA GLN C 402 -10.17 2.99 -0.75
C GLN C 402 -11.50 3.06 -0.03
N GLY C 403 -11.74 2.09 0.84
CA GLY C 403 -12.95 2.08 1.64
C GLY C 403 -14.15 1.49 0.93
N HIS C 404 -13.93 0.92 -0.26
CA HIS C 404 -15.00 0.24 -0.98
C HIS C 404 -15.29 -1.09 -0.35
N PHE C 405 -16.58 -1.44 -0.26
CA PHE C 405 -16.98 -2.76 0.17
C PHE C 405 -16.73 -3.83 -0.89
N VAL C 406 -16.07 -4.91 -0.49
CA VAL C 406 -15.83 -6.05 -1.37
C VAL C 406 -16.18 -7.32 -0.61
N LYS C 407 -16.91 -8.21 -1.26
CA LYS C 407 -17.31 -9.43 -0.60
C LYS C 407 -16.52 -10.59 -1.19
N PRO C 408 -15.60 -11.17 -0.41
CA PRO C 408 -14.87 -12.32 -0.97
C PRO C 408 -15.80 -13.51 -1.17
N GLU C 409 -15.47 -14.37 -2.13
CA GLU C 409 -16.25 -15.56 -2.39
C GLU C 409 -16.26 -16.51 -1.21
N ALA C 410 -15.28 -16.40 -0.32
CA ALA C 410 -15.22 -17.25 0.87
C ALA C 410 -16.26 -16.83 1.90
N PHE C 411 -16.98 -15.74 1.66
CA PHE C 411 -18.08 -15.40 2.55
C PHE C 411 -19.28 -16.31 2.30
N LEU C 412 -19.36 -17.41 3.05
CA LEU C 412 -20.45 -18.37 2.87
C LEU C 412 -21.25 -18.66 4.15
N PRO C 413 -21.67 -17.62 4.87
CA PRO C 413 -22.35 -18.01 6.12
C PRO C 413 -23.73 -18.64 5.87
N PHE C 414 -24.25 -18.57 4.64
CA PHE C 414 -25.56 -19.15 4.32
C PHE C 414 -25.41 -20.42 3.51
N SER C 415 -24.21 -20.97 3.46
CA SER C 415 -23.92 -22.15 2.65
C SER C 415 -24.02 -21.79 1.18
N ALA C 416 -24.29 -22.79 0.33
CA ALA C 416 -24.34 -22.58 -1.12
C ALA C 416 -25.15 -23.69 -1.78
N GLY C 417 -25.42 -23.51 -3.08
CA GLY C 417 -26.19 -24.47 -3.85
C GLY C 417 -27.70 -24.37 -3.63
N ARG C 418 -28.43 -25.39 -4.11
CA ARG C 418 -29.90 -25.44 -4.10
C ARG C 418 -30.52 -25.29 -2.70
N ARG C 419 -29.79 -25.71 -1.68
CA ARG C 419 -30.26 -25.68 -0.28
C ARG C 419 -29.77 -24.46 0.52
N ALA C 420 -29.01 -23.58 -0.10
CA ALA C 420 -28.53 -22.38 0.59
C ALA C 420 -29.71 -21.64 1.24
N CYS C 421 -29.43 -21.02 2.38
CA CYS C 421 -30.45 -20.36 3.17
C CYS C 421 -31.37 -19.53 2.29
N LEU C 422 -32.66 -19.83 2.32
CA LEU C 422 -33.64 -19.10 1.53
C LEU C 422 -34.03 -17.78 2.21
N GLY C 423 -33.59 -17.63 3.47
CA GLY C 423 -33.94 -16.48 4.25
C GLY C 423 -32.90 -15.39 4.14
N GLU C 424 -31.84 -15.65 3.38
CA GLU C 424 -30.75 -14.69 3.25
C GLU C 424 -31.23 -13.24 2.99
N PRO C 425 -32.12 -13.00 2.00
CA PRO C 425 -32.36 -11.56 1.79
C PRO C 425 -33.08 -10.93 2.97
N LEU C 426 -33.95 -11.68 3.64
CA LEU C 426 -34.61 -11.17 4.82
C LEU C 426 -33.59 -10.96 5.95
N ALA C 427 -32.67 -11.92 6.13
CA ALA C 427 -31.63 -11.80 7.15
C ALA C 427 -30.77 -10.57 6.92
N ARG C 428 -30.31 -10.37 5.69
CA ARG C 428 -29.53 -9.19 5.32
C ARG C 428 -30.29 -7.92 5.76
N MET C 429 -31.58 -7.89 5.47
CA MET C 429 -32.42 -6.74 5.80
C MET C 429 -32.50 -6.54 7.31
N GLU C 430 -32.81 -7.59 8.06
CA GLU C 430 -32.87 -7.49 9.50
C GLU C 430 -31.53 -7.06 10.12
N LEU C 431 -30.44 -7.72 9.72
CA LEU C 431 -29.12 -7.37 10.26
C LEU C 431 -28.82 -5.91 10.03
N PHE C 432 -29.04 -5.42 8.82
CA PHE C 432 -28.69 -4.04 8.56
C PHE C 432 -29.59 -3.05 9.29
N LEU C 433 -30.89 -3.33 9.34
CA LEU C 433 -31.84 -2.40 9.90
C LEU C 433 -31.80 -2.39 11.44
N PHE C 434 -31.75 -3.56 12.08
CA PHE C 434 -31.63 -3.59 13.53
C PHE C 434 -30.27 -3.04 14.01
N PHE C 435 -29.19 -3.45 13.33
CA PHE C 435 -27.85 -3.09 13.78
C PHE C 435 -27.62 -1.60 13.65
N THR C 436 -27.98 -1.02 12.52
CA THR C 436 -27.80 0.41 12.36
C THR C 436 -28.78 1.22 13.21
N SER C 437 -30.03 0.78 13.36
CA SER C 437 -30.97 1.56 14.19
C SER C 437 -30.44 1.60 15.62
N LEU C 438 -30.00 0.45 16.12
CA LEU C 438 -29.45 0.38 17.47
C LEU C 438 -28.23 1.31 17.64
N LEU C 439 -27.27 1.20 16.72
CA LEU C 439 -26.06 1.99 16.84
C LEU C 439 -26.32 3.47 16.57
N GLN C 440 -27.36 3.76 15.79
CA GLN C 440 -27.80 5.14 15.64
C GLN C 440 -28.17 5.84 16.95
N HIS C 441 -28.77 5.13 17.89
CA HIS C 441 -29.35 5.79 19.06
C HIS C 441 -28.64 5.46 20.36
N PHE C 442 -27.76 4.48 20.33
CA PHE C 442 -27.09 4.07 21.55
C PHE C 442 -25.60 3.89 21.37
N SER C 443 -24.87 4.23 22.43
CA SER C 443 -23.48 3.82 22.57
C SER C 443 -23.41 2.64 23.54
N PHE C 444 -22.69 1.59 23.14
CA PHE C 444 -22.63 0.38 23.93
C PHE C 444 -21.25 0.18 24.53
N SER C 445 -21.19 -0.29 25.77
CA SER C 445 -19.91 -0.50 26.45
C SER C 445 -19.97 -1.71 27.39
N VAL C 446 -18.80 -2.24 27.74
CA VAL C 446 -18.71 -3.17 28.84
C VAL C 446 -19.01 -2.39 30.14
N PRO C 447 -19.84 -2.96 31.03
CA PRO C 447 -20.12 -2.28 32.31
C PRO C 447 -18.87 -2.22 33.17
N THR C 448 -18.57 -1.06 33.75
CA THR C 448 -17.40 -0.92 34.61
C THR C 448 -17.46 -1.89 35.78
N GLY C 449 -16.33 -2.51 36.09
CA GLY C 449 -16.25 -3.47 37.17
C GLY C 449 -16.57 -4.87 36.71
N GLN C 450 -16.92 -5.02 35.43
CA GLN C 450 -17.16 -6.34 34.87
C GLN C 450 -15.99 -6.74 33.98
N PRO C 451 -15.63 -8.04 33.99
CA PRO C 451 -14.50 -8.50 33.18
C PRO C 451 -14.84 -8.41 31.69
N ARG C 452 -13.84 -8.05 30.89
CA ARG C 452 -13.95 -8.04 29.44
C ARG C 452 -14.53 -9.37 28.97
N PRO C 453 -15.72 -9.36 28.34
CA PRO C 453 -16.29 -10.63 27.87
C PRO C 453 -15.39 -11.36 26.86
N SER C 454 -15.44 -12.69 26.91
CA SER C 454 -14.70 -13.52 25.96
C SER C 454 -15.11 -13.32 24.49
N HIS C 455 -14.12 -13.41 23.59
CA HIS C 455 -14.35 -13.44 22.13
C HIS C 455 -14.83 -14.80 21.64
N HIS C 456 -14.76 -15.82 22.49
CA HIS C 456 -15.00 -17.19 22.04
C HIS C 456 -16.42 -17.65 22.27
N GLY C 457 -16.96 -18.37 21.31
CA GLY C 457 -18.35 -18.77 21.35
C GLY C 457 -18.53 -20.07 22.10
N VAL C 458 -19.78 -20.39 22.41
CA VAL C 458 -20.11 -21.71 22.94
C VAL C 458 -20.82 -22.51 21.88
N PHE C 459 -20.26 -23.67 21.54
CA PHE C 459 -20.88 -24.49 20.50
C PHE C 459 -22.06 -25.35 20.98
N ALA C 460 -23.14 -25.32 20.20
CA ALA C 460 -24.32 -26.16 20.37
C ALA C 460 -25.08 -26.22 19.05
N PHE C 461 -24.37 -26.68 18.00
CA PHE C 461 -24.77 -26.57 16.58
C PHE C 461 -24.71 -25.12 16.16
N LEU C 462 -25.38 -24.28 16.92
CA LEU C 462 -25.28 -22.84 16.77
C LEU C 462 -24.29 -22.29 17.78
N VAL C 463 -23.54 -21.28 17.38
CA VAL C 463 -22.47 -20.77 18.23
C VAL C 463 -22.84 -19.41 18.74
N SER C 464 -23.13 -19.34 20.03
CA SER C 464 -23.58 -18.09 20.61
C SER C 464 -22.45 -17.45 21.37
N PRO C 465 -22.44 -16.12 21.42
CA PRO C 465 -21.42 -15.44 22.22
C PRO C 465 -21.53 -15.85 23.68
N SER C 466 -20.41 -15.90 24.40
CA SER C 466 -20.47 -16.13 25.84
C SER C 466 -21.40 -15.10 26.49
N PRO C 467 -22.13 -15.52 27.53
CA PRO C 467 -23.04 -14.62 28.27
C PRO C 467 -22.35 -13.33 28.66
N TYR C 468 -22.85 -12.22 28.18
CA TYR C 468 -22.28 -10.92 28.49
C TYR C 468 -23.39 -9.92 28.80
N GLU C 469 -23.05 -8.87 29.52
CA GLU C 469 -23.93 -7.72 29.72
C GLU C 469 -23.33 -6.47 29.07
N LEU C 470 -24.18 -5.51 28.69
CA LEU C 470 -23.67 -4.25 28.19
C LEU C 470 -24.45 -3.06 28.74
N CYS C 471 -23.88 -1.87 28.62
CA CYS C 471 -24.64 -0.63 28.90
C CYS C 471 -25.02 0.00 27.57
N ALA C 472 -26.22 0.55 27.50
CA ALA C 472 -26.66 1.24 26.30
C ALA C 472 -27.05 2.65 26.69
N VAL C 473 -26.18 3.61 26.40
CA VAL C 473 -26.50 5.00 26.70
C VAL C 473 -26.91 5.72 25.43
N PRO C 474 -28.07 6.38 25.47
CA PRO C 474 -28.55 7.22 24.36
C PRO C 474 -27.49 8.22 23.86
N ARG C 475 -27.54 8.52 22.57
CA ARG C 475 -26.57 9.41 21.95
C ARG C 475 -27.06 10.85 21.93
N LYS D 10 29.49 20.87 -36.77
CA LYS D 10 28.07 20.65 -36.46
C LYS D 10 27.67 21.35 -35.14
N LEU D 11 27.56 22.68 -35.19
CA LEU D 11 27.28 23.49 -34.00
C LEU D 11 25.83 23.39 -33.53
N PRO D 12 25.60 23.52 -32.20
CA PRO D 12 24.25 23.50 -31.62
C PRO D 12 23.34 24.55 -32.26
N PRO D 13 22.04 24.26 -32.35
CA PRO D 13 21.11 25.27 -32.89
C PRO D 13 20.87 26.39 -31.88
N GLY D 14 20.21 27.48 -32.28
CA GLY D 14 19.92 28.58 -31.37
C GLY D 14 19.35 29.80 -32.08
N PRO D 15 18.78 30.74 -31.30
CA PRO D 15 18.18 31.93 -31.92
C PRO D 15 19.23 32.93 -32.45
N LEU D 16 18.80 33.79 -33.36
CA LEU D 16 19.66 34.83 -33.92
C LEU D 16 20.21 35.77 -32.85
N GLN D 30 14.70 38.46 -16.27
CA GLN D 30 14.13 37.73 -15.13
C GLN D 30 13.50 36.42 -15.60
N ASN D 31 13.11 36.39 -16.86
CA ASN D 31 12.42 35.23 -17.43
C ASN D 31 13.37 34.17 -17.95
N THR D 32 14.64 34.28 -17.55
CA THR D 32 15.70 33.37 -17.97
C THR D 32 15.35 31.88 -17.91
N PRO D 33 14.83 31.39 -16.75
CA PRO D 33 14.56 29.95 -16.71
C PRO D 33 13.42 29.55 -17.66
N TYR D 34 12.38 30.36 -17.69
CA TYR D 34 11.29 30.17 -18.63
C TYR D 34 11.84 30.20 -20.05
N CYS D 35 12.64 31.24 -20.32
CA CYS D 35 13.28 31.44 -21.60
C CYS D 35 14.05 30.18 -22.02
N PHE D 36 14.84 29.65 -21.11
CA PHE D 36 15.66 28.47 -21.40
C PHE D 36 14.79 27.24 -21.65
N ASP D 37 13.70 27.11 -20.90
CA ASP D 37 12.75 26.02 -21.10
C ASP D 37 12.15 26.02 -22.51
N GLN D 38 11.78 27.21 -22.98
CA GLN D 38 11.12 27.31 -24.28
C GLN D 38 12.11 27.12 -25.42
N LEU D 39 13.32 27.63 -25.24
CA LEU D 39 14.38 27.44 -26.22
C LEU D 39 14.76 25.96 -26.28
N ARG D 40 14.76 25.32 -25.11
CA ARG D 40 15.02 23.88 -25.05
C ARG D 40 13.91 23.15 -25.78
N ARG D 41 12.69 23.58 -25.48
CA ARG D 41 11.49 23.05 -26.11
C ARG D 41 11.58 23.12 -27.65
N ARG D 42 12.22 24.17 -28.16
CA ARG D 42 12.31 24.39 -29.60
C ARG D 42 13.61 23.88 -30.22
N PHE D 43 14.73 24.10 -29.53
CA PHE D 43 16.03 23.75 -30.10
C PHE D 43 16.64 22.45 -29.54
N GLY D 44 16.09 21.97 -28.42
CA GLY D 44 16.61 20.76 -27.80
C GLY D 44 17.47 21.01 -26.57
N ASP D 45 18.01 19.93 -26.01
CA ASP D 45 18.76 19.95 -24.75
C ASP D 45 20.05 20.77 -24.78
N VAL D 46 20.63 20.89 -25.99
CA VAL D 46 21.88 21.61 -26.18
C VAL D 46 21.74 22.70 -27.22
N PHE D 47 21.68 23.95 -26.78
CA PHE D 47 21.53 25.06 -27.72
C PHE D 47 22.55 26.17 -27.46
N SER D 48 22.71 27.03 -28.45
CA SER D 48 23.67 28.12 -28.37
C SER D 48 22.95 29.46 -28.42
N LEU D 49 23.55 30.46 -27.80
CA LEU D 49 23.03 31.81 -27.91
C LEU D 49 24.12 32.81 -27.60
N GLN D 50 23.89 34.04 -28.04
CA GLN D 50 24.80 35.15 -27.81
C GLN D 50 24.37 35.94 -26.59
N LEU D 51 24.95 35.66 -25.43
CA LEU D 51 24.69 36.45 -24.23
C LEU D 51 25.68 37.59 -24.11
N ALA D 52 25.18 38.82 -24.18
CA ALA D 52 26.01 40.03 -24.19
C ALA D 52 27.04 39.95 -25.32
N TRP D 53 28.32 39.99 -24.96
CA TRP D 53 29.40 39.86 -25.93
C TRP D 53 29.82 38.41 -26.17
N THR D 54 29.62 37.56 -25.16
CA THR D 54 30.10 36.18 -25.20
C THR D 54 29.07 35.21 -25.80
N PRO D 55 29.52 34.33 -26.69
CA PRO D 55 28.64 33.24 -27.12
C PRO D 55 28.71 32.08 -26.12
N VAL D 56 27.56 31.49 -25.80
CA VAL D 56 27.52 30.43 -24.81
C VAL D 56 26.75 29.23 -25.37
N VAL D 57 27.01 28.06 -24.80
CA VAL D 57 26.17 26.90 -25.05
C VAL D 57 25.49 26.53 -23.73
N VAL D 58 24.19 26.30 -23.77
CA VAL D 58 23.46 25.97 -22.56
C VAL D 58 23.16 24.46 -22.54
N LEU D 59 23.43 23.83 -21.40
CA LEU D 59 23.19 22.41 -21.24
C LEU D 59 21.97 22.15 -20.36
N ASN D 60 21.00 21.42 -20.89
CA ASN D 60 19.78 21.14 -20.16
C ASN D 60 19.57 19.64 -19.94
N GLY D 61 19.10 19.30 -18.74
CA GLY D 61 18.80 17.92 -18.41
C GLY D 61 20.04 17.10 -18.07
N LEU D 62 19.84 15.96 -17.42
CA LEU D 62 20.94 15.14 -16.90
C LEU D 62 21.89 14.62 -17.98
N ALA D 63 21.36 14.15 -19.10
CA ALA D 63 22.16 13.48 -20.13
C ALA D 63 23.21 14.41 -20.70
N ALA D 64 22.80 15.64 -21.00
CA ALA D 64 23.69 16.62 -21.58
C ALA D 64 24.69 17.11 -20.54
N VAL D 65 24.24 17.24 -19.30
CA VAL D 65 25.14 17.76 -18.28
C VAL D 65 26.18 16.70 -17.92
N ARG D 66 25.77 15.44 -17.86
CA ARG D 66 26.70 14.34 -17.62
C ARG D 66 27.72 14.21 -18.75
N GLU D 67 27.21 14.17 -19.97
CA GLU D 67 28.06 13.95 -21.15
C GLU D 67 29.13 15.04 -21.22
N ALA D 68 28.76 16.27 -20.91
CA ALA D 68 29.72 17.36 -20.90
C ALA D 68 30.69 17.26 -19.72
N LEU D 69 30.16 17.22 -18.50
CA LEU D 69 30.96 17.37 -17.28
C LEU D 69 31.65 16.08 -16.81
N VAL D 70 31.16 14.93 -17.25
CA VAL D 70 31.72 13.65 -16.81
C VAL D 70 32.39 12.94 -17.97
N THR D 71 31.60 12.56 -18.98
CA THR D 71 32.12 11.85 -20.13
C THR D 71 33.23 12.66 -20.80
N HIS D 72 33.00 13.96 -20.99
CA HIS D 72 34.07 14.83 -21.48
C HIS D 72 34.59 15.76 -20.38
N GLY D 73 34.60 15.27 -19.14
CA GLY D 73 35.02 16.04 -17.99
C GLY D 73 36.39 16.69 -18.07
N GLU D 74 37.35 16.03 -18.73
CA GLU D 74 38.70 16.54 -18.78
C GLU D 74 38.83 17.78 -19.66
N ASP D 75 37.87 17.98 -20.57
CA ASP D 75 37.90 19.12 -21.47
C ASP D 75 36.81 20.15 -21.19
N THR D 76 36.15 20.05 -20.04
CA THR D 76 35.12 21.01 -19.65
C THR D 76 35.31 21.49 -18.21
N ALA D 77 36.54 21.39 -17.72
CA ALA D 77 36.82 21.69 -16.33
C ALA D 77 37.48 23.06 -16.20
N ASP D 78 37.43 23.82 -17.29
CA ASP D 78 38.01 25.16 -17.29
C ASP D 78 36.98 26.21 -16.85
N ARG D 79 37.47 27.41 -16.56
CA ARG D 79 36.60 28.56 -16.28
C ARG D 79 36.85 29.64 -17.32
N PRO D 80 35.80 30.36 -17.70
CA PRO D 80 36.02 31.51 -18.58
C PRO D 80 36.92 32.53 -17.91
N PRO D 81 37.76 33.22 -18.67
CA PRO D 81 38.59 34.27 -18.07
C PRO D 81 37.74 35.37 -17.45
N VAL D 82 38.14 35.85 -16.27
CA VAL D 82 37.43 36.94 -15.61
C VAL D 82 38.42 38.07 -15.31
N PRO D 83 38.60 38.99 -16.27
CA PRO D 83 39.63 40.03 -16.18
C PRO D 83 39.56 40.90 -14.92
N ILE D 84 38.36 41.15 -14.38
CA ILE D 84 38.24 42.02 -13.22
C ILE D 84 38.82 41.42 -11.94
N THR D 85 39.19 40.14 -11.99
CA THR D 85 39.79 39.49 -10.83
C THR D 85 41.23 39.98 -10.59
N GLN D 86 41.80 40.68 -11.57
CA GLN D 86 43.12 41.30 -11.40
C GLN D 86 43.12 42.22 -10.20
N ILE D 87 41.98 42.87 -9.97
CA ILE D 87 41.82 43.81 -8.87
C ILE D 87 41.86 43.10 -7.51
N LEU D 88 41.39 41.85 -7.48
CA LEU D 88 41.37 41.07 -6.25
C LEU D 88 42.71 40.36 -5.94
N GLY D 89 43.63 40.36 -6.90
CA GLY D 89 44.94 39.74 -6.70
C GLY D 89 45.20 38.46 -7.47
N PHE D 90 44.44 38.22 -8.53
CA PHE D 90 44.60 37.00 -9.32
C PHE D 90 45.83 37.00 -10.22
N GLY D 91 46.71 36.02 -10.02
CA GLY D 91 47.92 35.88 -10.82
C GLY D 91 48.08 34.43 -11.20
N PRO D 92 49.09 34.13 -12.03
CA PRO D 92 49.34 32.78 -12.56
C PRO D 92 49.35 31.68 -11.49
N ARG D 93 50.20 31.80 -10.48
CA ARG D 93 50.22 30.80 -9.40
C ARG D 93 49.45 31.30 -8.16
N SER D 94 48.40 32.11 -8.40
CA SER D 94 47.50 32.55 -7.32
C SER D 94 46.08 32.79 -7.82
N GLN D 95 45.32 31.72 -7.99
CA GLN D 95 43.99 31.84 -8.59
C GLN D 95 42.89 31.33 -7.69
N GLY D 96 43.24 30.90 -6.48
CA GLY D 96 42.26 30.32 -5.58
C GLY D 96 41.78 28.97 -6.09
N VAL D 97 40.54 28.62 -5.77
CA VAL D 97 40.00 27.39 -6.31
C VAL D 97 38.87 27.66 -7.27
N PHE D 98 37.95 28.55 -6.89
CA PHE D 98 36.66 28.65 -7.56
C PHE D 98 36.74 29.10 -9.01
N LEU D 99 37.44 30.19 -9.26
CA LEU D 99 37.56 30.70 -10.63
C LEU D 99 38.91 30.35 -11.27
N ALA D 100 39.72 29.54 -10.58
CA ALA D 100 41.03 29.17 -11.13
C ALA D 100 40.88 28.48 -12.48
N ARG D 101 41.79 28.78 -13.39
CA ARG D 101 41.86 28.10 -14.67
C ARG D 101 42.18 26.62 -14.45
N TYR D 102 41.68 25.75 -15.33
CA TYR D 102 42.04 24.34 -15.25
C TYR D 102 43.55 24.21 -15.53
N GLY D 103 44.21 23.32 -14.80
CA GLY D 103 45.66 23.25 -14.82
C GLY D 103 46.24 23.06 -13.42
N PRO D 104 47.57 23.05 -13.30
CA PRO D 104 48.28 22.66 -12.07
C PRO D 104 47.91 23.52 -10.85
N ALA D 105 47.88 24.84 -11.00
CA ALA D 105 47.55 25.71 -9.89
C ALA D 105 46.15 25.40 -9.33
N TRP D 106 45.17 25.16 -10.21
CA TRP D 106 43.84 24.76 -9.74
C TRP D 106 43.88 23.38 -9.08
N ARG D 107 44.62 22.46 -9.68
CA ARG D 107 44.57 21.08 -9.22
C ARG D 107 45.26 20.95 -7.87
N GLU D 108 46.28 21.76 -7.65
CA GLU D 108 46.99 21.74 -6.39
C GLU D 108 46.06 22.22 -5.25
N GLN D 109 45.43 23.38 -5.42
CA GLN D 109 44.57 23.92 -4.35
C GLN D 109 43.26 23.12 -4.15
N ARG D 110 42.70 22.60 -5.24
CA ARG D 110 41.58 21.69 -5.19
C ARG D 110 41.90 20.50 -4.29
N ARG D 111 43.02 19.85 -4.59
CA ARG D 111 43.46 18.66 -3.84
C ARG D 111 43.81 18.99 -2.38
N PHE D 112 44.44 20.14 -2.15
CA PHE D 112 44.70 20.60 -0.79
C PHE D 112 43.41 20.77 0.03
N SER D 113 42.46 21.58 -0.45
CA SER D 113 41.21 21.83 0.28
C SER D 113 40.39 20.57 0.49
N VAL D 114 40.27 19.75 -0.55
CA VAL D 114 39.55 18.49 -0.42
C VAL D 114 40.19 17.61 0.63
N SER D 115 41.51 17.60 0.66
CA SER D 115 42.20 16.73 1.60
C SER D 115 42.14 17.28 3.03
N THR D 116 42.38 18.58 3.15
CA THR D 116 42.32 19.24 4.44
C THR D 116 40.91 19.13 5.04
N LEU D 117 39.87 19.23 4.20
CA LEU D 117 38.50 19.04 4.67
C LEU D 117 38.28 17.62 5.21
N ARG D 118 38.90 16.64 4.57
CA ARG D 118 38.73 15.25 4.96
C ARG D 118 39.54 14.89 6.20
N ASN D 119 40.72 15.51 6.36
CA ASN D 119 41.63 15.19 7.48
C ASN D 119 41.23 15.86 8.79
N LEU D 120 40.52 16.99 8.68
CA LEU D 120 39.99 17.68 9.86
C LEU D 120 38.74 16.97 10.38
N GLY D 121 38.23 16.02 9.60
CA GLY D 121 37.06 15.25 10.00
C GLY D 121 37.28 13.75 10.15
N LEU D 122 38.53 13.30 9.97
CA LEU D 122 38.84 11.88 10.10
C LEU D 122 39.21 11.50 11.55
N GLY D 123 39.99 12.36 12.20
CA GLY D 123 40.50 12.04 13.52
C GLY D 123 39.61 12.52 14.65
N LYS D 124 39.96 13.67 15.22
CA LYS D 124 39.20 14.31 16.30
C LYS D 124 37.73 14.51 15.93
N LYS D 125 37.43 14.46 14.63
CA LYS D 125 36.15 14.91 14.06
C LYS D 125 35.94 16.38 14.42
N SER D 126 36.97 17.18 14.17
CA SER D 126 36.99 18.59 14.57
C SER D 126 35.86 19.36 13.91
N LEU D 127 35.70 19.16 12.60
CA LEU D 127 34.65 19.85 11.85
C LEU D 127 33.30 19.54 12.45
N GLU D 128 33.04 18.27 12.68
CA GLU D 128 31.75 17.89 13.23
C GLU D 128 31.55 18.52 14.61
N GLN D 129 32.62 18.57 15.39
CA GLN D 129 32.57 19.22 16.70
C GLN D 129 32.23 20.71 16.57
N TRP D 130 32.88 21.39 15.64
CA TRP D 130 32.63 22.82 15.44
C TRP D 130 31.19 23.05 15.04
N VAL D 131 30.72 22.23 14.11
CA VAL D 131 29.35 22.33 13.60
C VAL D 131 28.32 22.05 14.69
N THR D 132 28.53 20.94 15.41
CA THR D 132 27.67 20.53 16.52
C THR D 132 27.62 21.61 17.61
N GLU D 133 28.77 22.18 17.95
CA GLU D 133 28.82 23.27 18.91
C GLU D 133 28.09 24.48 18.37
N GLU D 134 28.31 24.77 17.09
CA GLU D 134 27.68 25.93 16.49
C GLU D 134 26.16 25.73 16.40
N ALA D 135 25.75 24.48 16.23
CA ALA D 135 24.33 24.15 16.23
C ALA D 135 23.72 24.43 17.62
N ALA D 136 24.47 24.17 18.69
CA ALA D 136 24.04 24.57 20.04
C ALA D 136 23.93 26.09 20.20
N CYS D 137 24.90 26.83 19.68
CA CYS D 137 24.83 28.29 19.73
C CYS D 137 23.63 28.81 18.93
N LEU D 138 23.39 28.23 17.76
CA LEU D 138 22.29 28.65 16.90
C LEU D 138 20.95 28.47 17.60
N CYS D 139 20.81 27.35 18.32
CA CYS D 139 19.60 27.07 19.06
C CYS D 139 19.36 28.14 20.13
N ALA D 140 20.41 28.48 20.87
CA ALA D 140 20.26 29.44 21.97
C ALA D 140 19.82 30.78 21.42
N ALA D 141 20.37 31.14 20.26
CA ALA D 141 20.05 32.42 19.63
C ALA D 141 18.60 32.39 19.16
N PHE D 142 18.15 31.22 18.74
CA PHE D 142 16.78 31.02 18.27
C PHE D 142 15.83 31.11 19.46
N ALA D 143 16.25 30.56 20.59
CA ALA D 143 15.48 30.60 21.83
C ALA D 143 15.32 32.03 22.35
N ASN D 144 16.32 32.87 22.14
CA ASN D 144 16.23 34.26 22.58
C ASN D 144 15.14 35.06 21.85
N HIS D 145 14.61 34.50 20.78
CA HIS D 145 13.56 35.18 20.02
C HIS D 145 12.18 34.66 20.36
N SER D 146 12.04 33.97 21.49
CA SER D 146 10.80 33.29 21.84
C SER D 146 9.61 34.24 21.98
N GLY D 147 8.56 33.95 21.21
CA GLY D 147 7.31 34.69 21.32
C GLY D 147 7.21 35.90 20.43
N ARG D 148 8.19 36.07 19.55
CA ARG D 148 8.20 37.15 18.60
C ARG D 148 8.66 36.59 17.26
N PRO D 149 7.82 36.76 16.24
CA PRO D 149 8.23 36.35 14.89
C PRO D 149 9.54 37.04 14.51
N PHE D 150 10.40 36.33 13.78
CA PHE D 150 11.67 36.90 13.36
C PHE D 150 12.09 36.28 12.04
N ARG D 151 12.84 37.05 11.24
CA ARG D 151 13.51 36.49 10.08
C ARG D 151 14.72 35.73 10.57
N PRO D 152 14.76 34.42 10.30
CA PRO D 152 15.88 33.59 10.74
C PRO D 152 17.13 33.69 9.86
N ASN D 153 17.06 34.39 8.73
CA ASN D 153 18.18 34.40 7.77
C ASN D 153 19.50 34.86 8.38
N GLY D 154 19.43 35.93 9.17
CA GLY D 154 20.60 36.48 9.83
C GLY D 154 21.30 35.48 10.74
N LEU D 155 20.55 34.86 11.64
CA LEU D 155 21.13 33.87 12.52
C LEU D 155 21.76 32.71 11.74
N LEU D 156 21.07 32.23 10.70
CA LEU D 156 21.59 31.13 9.87
C LEU D 156 22.92 31.51 9.22
N ASP D 157 22.97 32.70 8.62
CA ASP D 157 24.20 33.31 8.13
C ASP D 157 25.37 33.27 9.12
N LYS D 158 25.16 33.73 10.35
CA LYS D 158 26.26 33.75 11.33
C LYS D 158 26.73 32.34 11.64
N ALA D 159 25.79 31.44 11.89
CA ALA D 159 26.11 30.06 12.24
C ALA D 159 26.96 29.36 11.17
N VAL D 160 26.57 29.54 9.92
CA VAL D 160 27.24 28.91 8.79
C VAL D 160 28.60 29.55 8.54
N SER D 161 28.68 30.86 8.79
CA SER D 161 29.92 31.59 8.65
C SER D 161 30.92 31.15 9.69
N ASN D 162 30.44 30.88 10.90
CA ASN D 162 31.31 30.39 11.96
C ASN D 162 31.89 29.01 11.68
N VAL D 163 31.19 28.23 10.86
CA VAL D 163 31.73 26.93 10.45
C VAL D 163 32.90 27.12 9.48
N ILE D 164 32.75 28.03 8.52
CA ILE D 164 33.87 28.37 7.63
C ILE D 164 35.00 29.03 8.41
N ALA D 165 34.66 29.89 9.39
CA ALA D 165 35.65 30.49 10.27
C ALA D 165 36.47 29.40 10.98
N SER D 166 35.76 28.40 11.53
CA SER D 166 36.43 27.31 12.21
C SER D 166 37.30 26.46 11.28
N LEU D 167 36.77 26.12 10.11
CA LEU D 167 37.53 25.36 9.12
C LEU D 167 38.84 26.06 8.77
N THR D 168 38.77 27.36 8.54
CA THR D 168 39.88 28.09 7.99
C THR D 168 40.79 28.72 9.07
N CYS D 169 40.20 29.31 10.11
CA CYS D 169 41.03 29.99 11.11
C CYS D 169 40.92 29.36 12.51
N GLY D 170 40.29 28.19 12.60
CA GLY D 170 40.18 27.50 13.88
C GLY D 170 39.61 28.36 14.99
N ARG D 171 38.65 29.21 14.67
CA ARG D 171 37.92 29.95 15.70
C ARG D 171 36.51 30.25 15.26
N ARG D 172 35.71 30.75 16.20
CA ARG D 172 34.36 31.22 15.89
C ARG D 172 34.21 32.64 16.45
N PHE D 173 33.13 33.31 16.03
CA PHE D 173 32.89 34.67 16.45
C PHE D 173 31.58 34.76 17.21
N GLU D 174 31.52 35.65 18.18
CA GLU D 174 30.29 35.89 18.89
C GLU D 174 29.30 36.50 17.90
N TYR D 175 28.03 36.11 18.01
CA TYR D 175 26.99 36.65 17.12
C TYR D 175 26.79 38.19 17.22
N ASP D 176 27.38 38.83 18.24
CA ASP D 176 27.32 40.29 18.34
C ASP D 176 28.67 40.94 18.08
N ASP D 177 29.54 40.24 17.37
CA ASP D 177 30.88 40.76 17.17
C ASP D 177 30.86 41.78 16.03
N PRO D 178 31.29 43.02 16.33
CA PRO D 178 31.37 44.10 15.33
C PRO D 178 32.14 43.70 14.06
N ARG D 179 33.26 43.01 14.26
CA ARG D 179 34.11 42.57 13.17
C ARG D 179 33.48 41.44 12.35
N PHE D 180 32.77 40.57 13.05
CA PHE D 180 32.09 39.45 12.43
C PHE D 180 30.90 39.96 11.61
N LEU D 181 30.15 40.86 12.22
CA LEU D 181 28.97 41.44 11.59
C LEU D 181 29.30 42.23 10.33
N ARG D 182 30.35 43.02 10.38
CA ARG D 182 30.79 43.77 9.21
C ARG D 182 31.26 42.85 8.10
N LEU D 183 31.91 41.76 8.48
CA LEU D 183 32.36 40.78 7.51
C LEU D 183 31.17 40.14 6.78
N LEU D 184 30.13 39.81 7.53
CA LEU D 184 28.93 39.23 6.92
C LEU D 184 28.18 40.24 6.07
N ASP D 185 28.12 41.48 6.52
CA ASP D 185 27.43 42.49 5.74
C ASP D 185 28.17 42.80 4.44
N LEU D 186 29.50 42.78 4.48
CA LEU D 186 30.30 43.06 3.29
C LEU D 186 30.19 41.93 2.28
N ALA D 187 30.09 40.70 2.77
CA ALA D 187 29.94 39.52 1.92
C ALA D 187 28.62 39.54 1.14
N GLN D 188 27.53 39.88 1.80
CA GLN D 188 26.23 39.92 1.13
C GLN D 188 26.16 41.11 0.16
N GLU D 189 26.89 42.18 0.48
CA GLU D 189 26.97 43.33 -0.39
C GLU D 189 27.75 42.99 -1.64
N GLY D 190 28.75 42.13 -1.47
CA GLY D 190 29.61 41.74 -2.57
C GLY D 190 28.92 40.81 -3.53
N LEU D 191 27.97 40.04 -3.01
CA LEU D 191 27.18 39.14 -3.82
C LEU D 191 26.35 39.97 -4.81
N LYS D 192 25.91 41.13 -4.34
CA LYS D 192 25.16 42.05 -5.18
C LYS D 192 26.05 42.64 -6.28
N GLU D 193 27.35 42.69 -6.05
CA GLU D 193 28.28 43.10 -7.10
C GLU D 193 28.53 42.00 -8.14
N GLU D 194 28.10 40.77 -7.85
CA GLU D 194 28.25 39.69 -8.83
C GLU D 194 27.35 39.92 -10.03
N SER D 195 26.12 40.39 -9.76
CA SER D 195 25.17 40.63 -10.83
C SER D 195 25.09 42.13 -11.08
N GLY D 196 25.61 42.56 -12.22
CA GLY D 196 25.57 43.96 -12.59
C GLY D 196 25.93 44.15 -14.04
N PHE D 197 25.24 45.07 -14.71
CA PHE D 197 25.56 45.42 -16.08
C PHE D 197 26.99 45.91 -16.11
N LEU D 198 27.39 46.57 -15.02
CA LEU D 198 28.68 47.21 -14.91
C LEU D 198 29.83 46.26 -15.18
N ARG D 199 29.91 45.18 -14.39
CA ARG D 199 31.05 44.28 -14.50
C ARG D 199 31.01 43.50 -15.81
N GLU D 200 29.81 43.27 -16.34
CA GLU D 200 29.66 42.62 -17.64
C GLU D 200 30.43 43.42 -18.68
N VAL D 201 30.22 44.72 -18.69
CA VAL D 201 30.92 45.62 -19.60
C VAL D 201 32.41 45.64 -19.28
N LEU D 202 32.73 45.60 -18.00
CA LEU D 202 34.12 45.61 -17.57
C LEU D 202 34.85 44.35 -18.01
N ASN D 203 34.21 43.20 -17.80
CA ASN D 203 34.76 41.92 -18.24
C ASN D 203 34.77 41.79 -19.76
N ALA D 204 33.78 42.39 -20.42
CA ALA D 204 33.73 42.43 -21.87
C ALA D 204 34.79 43.36 -22.43
N VAL D 205 34.95 44.53 -21.81
CA VAL D 205 35.95 45.51 -22.22
C VAL D 205 36.97 45.74 -21.11
N PRO D 206 37.91 44.81 -20.95
CA PRO D 206 38.86 44.82 -19.82
C PRO D 206 39.81 46.01 -19.85
N VAL D 207 39.81 46.76 -20.95
CA VAL D 207 40.67 47.93 -21.09
C VAL D 207 40.05 49.11 -20.35
N LEU D 208 38.76 49.00 -20.04
CA LEU D 208 38.07 50.00 -19.23
C LEU D 208 38.62 50.06 -17.80
N LEU D 209 39.38 49.03 -17.42
CA LEU D 209 40.02 48.96 -16.11
C LEU D 209 41.04 50.06 -15.87
N HIS D 210 41.50 50.67 -16.96
CA HIS D 210 42.49 51.76 -16.90
C HIS D 210 41.89 53.04 -16.33
N ILE D 211 40.56 53.11 -16.33
CA ILE D 211 39.85 54.23 -15.71
C ILE D 211 39.66 53.98 -14.22
N PRO D 212 40.37 54.76 -13.38
CA PRO D 212 40.36 54.59 -11.92
C PRO D 212 38.95 54.61 -11.31
N ALA D 213 38.08 55.43 -11.87
CA ALA D 213 36.70 55.55 -11.39
C ALA D 213 35.96 54.22 -11.46
N LEU D 214 35.93 53.63 -12.65
CA LEU D 214 35.23 52.37 -12.86
C LEU D 214 35.87 51.23 -12.05
N ALA D 215 37.20 51.27 -11.94
CA ALA D 215 37.95 50.22 -11.25
C ALA D 215 37.62 50.19 -9.77
N GLY D 216 37.41 51.37 -9.19
CA GLY D 216 37.04 51.49 -7.79
C GLY D 216 35.63 50.99 -7.51
N LYS D 217 34.71 51.25 -8.43
CA LYS D 217 33.29 50.93 -8.21
C LYS D 217 32.96 49.46 -8.43
N VAL D 218 33.63 48.81 -9.38
CA VAL D 218 33.25 47.47 -9.80
C VAL D 218 33.31 46.46 -8.66
N LEU D 219 34.27 46.62 -7.77
CA LEU D 219 34.45 45.64 -6.70
C LEU D 219 34.88 46.32 -5.40
N ARG D 220 34.13 47.33 -4.97
CA ARG D 220 34.51 48.06 -3.78
C ARG D 220 34.13 47.30 -2.49
N PHE D 221 33.04 46.54 -2.53
CA PHE D 221 32.65 45.72 -1.38
C PHE D 221 33.47 44.44 -1.29
N GLN D 222 33.69 43.79 -2.44
CA GLN D 222 34.49 42.58 -2.48
C GLN D 222 35.94 42.86 -2.09
N LYS D 223 36.38 44.11 -2.28
CA LYS D 223 37.71 44.51 -1.83
C LYS D 223 37.67 44.79 -0.34
N ALA D 224 36.58 45.39 0.12
CA ALA D 224 36.39 45.64 1.55
C ALA D 224 36.30 44.31 2.29
N PHE D 225 35.70 43.32 1.64
CA PHE D 225 35.54 42.01 2.24
C PHE D 225 36.90 41.37 2.39
N LEU D 226 37.68 41.40 1.31
CA LEU D 226 39.02 40.85 1.31
C LEU D 226 39.89 41.55 2.36
N THR D 227 39.78 42.87 2.45
CA THR D 227 40.57 43.63 3.41
C THR D 227 40.26 43.16 4.82
N GLN D 228 38.98 43.08 5.17
CA GLN D 228 38.53 42.56 6.46
C GLN D 228 39.17 41.21 6.76
N LEU D 229 39.20 40.37 5.72
CA LEU D 229 39.71 39.02 5.81
C LEU D 229 41.22 38.98 6.02
N ASP D 230 41.95 39.89 5.35
CA ASP D 230 43.40 40.04 5.57
C ASP D 230 43.72 40.32 7.03
N GLU D 231 42.82 41.03 7.71
CA GLU D 231 43.04 41.40 9.09
C GLU D 231 43.01 40.17 10.00
N LEU D 232 42.04 39.30 9.75
CA LEU D 232 41.89 38.05 10.49
C LEU D 232 43.06 37.11 10.21
N LEU D 233 43.42 36.95 8.95
CA LEU D 233 44.55 36.13 8.55
C LEU D 233 45.85 36.62 9.21
N THR D 234 45.99 37.93 9.37
CA THR D 234 47.18 38.51 9.96
C THR D 234 47.31 38.17 11.46
N GLU D 235 46.20 38.33 12.20
CA GLU D 235 46.13 37.93 13.60
C GLU D 235 46.34 36.42 13.78
N HIS D 236 45.71 35.64 12.90
CA HIS D 236 45.81 34.19 12.98
C HIS D 236 47.26 33.75 12.78
N ARG D 237 47.97 34.39 11.86
CA ARG D 237 49.36 34.04 11.58
C ARG D 237 50.23 34.27 12.83
N MET D 238 49.84 35.21 13.68
CA MET D 238 50.60 35.48 14.91
C MET D 238 50.47 34.35 15.93
N THR D 239 49.29 33.75 16.02
CA THR D 239 49.01 32.73 17.03
C THR D 239 49.33 31.31 16.56
N TRP D 240 49.56 31.14 15.26
CA TRP D 240 49.90 29.82 14.71
C TRP D 240 51.10 29.19 15.43
N ASP D 241 50.95 27.95 15.87
CA ASP D 241 52.07 27.22 16.45
C ASP D 241 52.57 26.15 15.48
N PRO D 242 53.67 26.44 14.77
CA PRO D 242 54.22 25.50 13.79
C PRO D 242 54.63 24.18 14.43
N ALA D 243 54.93 24.21 15.73
CA ALA D 243 55.42 23.02 16.44
C ALA D 243 54.34 21.94 16.59
N GLN D 244 53.09 22.34 16.46
CA GLN D 244 51.97 21.40 16.57
C GLN D 244 51.35 21.15 15.20
N PRO D 245 50.63 20.03 15.05
CA PRO D 245 49.92 19.74 13.80
C PRO D 245 48.90 20.83 13.50
N PRO D 246 48.75 21.20 12.22
CA PRO D 246 47.74 22.18 11.81
C PRO D 246 46.38 21.85 12.41
N ARG D 247 45.68 22.83 12.96
CA ARG D 247 44.36 22.54 13.53
C ARG D 247 43.26 23.13 12.66
N ASP D 248 43.65 23.77 11.57
CA ASP D 248 42.71 24.37 10.66
C ASP D 248 43.38 24.54 9.30
N LEU D 249 42.61 24.93 8.31
CA LEU D 249 43.10 24.90 6.92
C LEU D 249 44.21 25.92 6.67
N THR D 250 44.09 27.10 7.27
CA THR D 250 45.10 28.14 7.08
C THR D 250 46.46 27.70 7.64
N GLU D 251 46.44 26.95 8.73
CA GLU D 251 47.69 26.48 9.30
C GLU D 251 48.34 25.44 8.38
N ALA D 252 47.55 24.48 7.92
CA ALA D 252 48.00 23.51 6.93
C ALA D 252 48.58 24.22 5.70
N PHE D 253 47.92 25.30 5.30
CA PHE D 253 48.36 26.07 4.14
C PHE D 253 49.71 26.71 4.42
N LEU D 254 49.80 27.40 5.55
CA LEU D 254 51.03 28.05 5.97
C LEU D 254 52.21 27.08 6.05
N ALA D 255 51.96 25.86 6.52
CA ALA D 255 53.02 24.86 6.62
C ALA D 255 53.51 24.44 5.22
N GLU D 256 52.59 24.30 4.27
CA GLU D 256 52.95 24.00 2.88
C GLU D 256 53.71 25.14 2.25
N MET D 257 53.37 26.36 2.66
CA MET D 257 54.01 27.55 2.14
C MET D 257 55.48 27.56 2.52
N GLU D 258 55.76 27.15 3.76
CA GLU D 258 57.12 27.11 4.25
C GLU D 258 57.94 26.09 3.47
N LYS D 259 57.40 24.89 3.30
CA LYS D 259 58.10 23.87 2.54
C LYS D 259 58.32 24.34 1.09
N ALA D 260 57.38 25.14 0.58
CA ALA D 260 57.44 25.62 -0.80
C ALA D 260 58.39 26.78 -1.06
N LYS D 261 59.00 27.34 -0.01
CA LYS D 261 59.90 28.46 -0.18
C LYS D 261 61.08 28.05 -1.07
N GLY D 262 61.37 28.88 -2.07
CA GLY D 262 62.30 28.51 -3.13
C GLY D 262 61.63 27.93 -4.38
N ASN D 263 60.36 27.54 -4.28
CA ASN D 263 59.65 26.95 -5.42
C ASN D 263 58.70 27.90 -6.15
N PRO D 264 59.14 28.43 -7.30
CA PRO D 264 58.28 29.30 -8.09
C PRO D 264 57.10 28.56 -8.74
N GLU D 265 57.08 27.23 -8.67
CA GLU D 265 55.99 26.45 -9.25
C GLU D 265 54.82 26.21 -8.29
N SER D 266 55.02 26.49 -7.01
CA SER D 266 54.00 26.18 -6.02
C SER D 266 52.86 27.19 -6.06
N SER D 267 51.66 26.76 -5.69
CA SER D 267 50.56 27.69 -5.56
C SER D 267 50.38 28.07 -4.10
N PHE D 268 51.18 27.47 -3.22
CA PHE D 268 51.16 27.87 -1.82
C PHE D 268 52.00 29.12 -1.56
N ASN D 269 51.38 30.29 -1.71
CA ASN D 269 52.02 31.58 -1.40
C ASN D 269 51.01 32.49 -0.69
N ASP D 270 51.46 33.64 -0.18
CA ASP D 270 50.61 34.56 0.58
C ASP D 270 49.44 35.10 -0.23
N GLU D 271 49.72 35.44 -1.49
CA GLU D 271 48.70 35.99 -2.37
C GLU D 271 47.56 35.00 -2.61
N ASN D 272 47.90 33.72 -2.71
CA ASN D 272 46.88 32.71 -3.00
C ASN D 272 46.14 32.26 -1.75
N LEU D 273 46.79 32.38 -0.59
CA LEU D 273 46.16 32.03 0.68
C LEU D 273 44.85 32.81 0.88
N ARG D 274 44.91 34.12 0.69
CA ARG D 274 43.73 34.94 0.91
C ARG D 274 42.62 34.66 -0.13
N ILE D 275 43.00 34.39 -1.38
CA ILE D 275 42.01 34.05 -2.38
C ILE D 275 41.34 32.70 -2.09
N VAL D 276 42.12 31.71 -1.64
CA VAL D 276 41.55 30.41 -1.27
C VAL D 276 40.57 30.56 -0.10
N VAL D 277 41.01 31.17 0.99
CA VAL D 277 40.16 31.35 2.15
C VAL D 277 38.85 32.10 1.79
N ALA D 278 38.97 33.24 1.10
CA ALA D 278 37.81 33.97 0.60
C ALA D 278 36.90 33.12 -0.33
N ASP D 279 37.49 32.23 -1.13
CA ASP D 279 36.69 31.34 -1.98
C ASP D 279 35.86 30.37 -1.16
N LEU D 280 36.45 29.86 -0.09
CA LEU D 280 35.74 28.91 0.75
C LEU D 280 34.62 29.63 1.50
N PHE D 281 34.86 30.87 1.89
CA PHE D 281 33.84 31.68 2.54
C PHE D 281 32.68 31.96 1.59
N SER D 282 32.98 32.60 0.46
CA SER D 282 31.94 32.95 -0.49
C SER D 282 31.12 31.74 -0.92
N ALA D 283 31.81 30.64 -1.22
CA ALA D 283 31.17 29.41 -1.73
C ALA D 283 30.34 28.67 -0.69
N GLY D 284 30.79 28.66 0.57
CA GLY D 284 30.15 27.84 1.60
C GLY D 284 29.19 28.57 2.54
N MET D 285 29.09 29.87 2.38
CA MET D 285 28.26 30.63 3.26
C MET D 285 26.86 30.76 2.67
N VAL D 286 26.69 31.68 1.74
CA VAL D 286 25.38 32.03 1.19
C VAL D 286 24.63 30.79 0.69
N THR D 287 25.38 29.77 0.26
CA THR D 287 24.76 28.54 -0.25
C THR D 287 24.13 27.69 0.87
N THR D 288 24.95 27.30 1.85
CA THR D 288 24.48 26.50 2.98
C THR D 288 23.39 27.25 3.75
N SER D 289 23.53 28.56 3.83
CA SER D 289 22.67 29.38 4.63
C SER D 289 21.30 29.53 3.97
N THR D 290 21.32 29.83 2.68
CA THR D 290 20.10 30.01 1.92
C THR D 290 19.34 28.68 1.82
N THR D 291 20.08 27.58 1.71
CA THR D 291 19.47 26.25 1.74
C THR D 291 18.72 26.02 3.07
N LEU D 292 19.31 26.42 4.20
CA LEU D 292 18.61 26.27 5.48
C LEU D 292 17.41 27.25 5.64
N ALA D 293 17.53 28.44 5.06
CA ALA D 293 16.43 29.38 5.05
C ALA D 293 15.24 28.80 4.24
N TRP D 294 15.54 28.09 3.15
CA TRP D 294 14.50 27.40 2.40
C TRP D 294 13.89 26.31 3.25
N GLY D 295 14.75 25.59 3.97
CA GLY D 295 14.32 24.49 4.81
C GLY D 295 13.31 24.92 5.86
N LEU D 296 13.61 26.02 6.55
CA LEU D 296 12.71 26.47 7.60
C LEU D 296 11.41 26.98 6.98
N LEU D 297 11.52 27.58 5.80
CA LEU D 297 10.37 28.11 5.11
C LEU D 297 9.47 26.97 4.69
N LEU D 298 10.07 25.91 4.15
CA LEU D 298 9.28 24.77 3.74
C LEU D 298 8.70 24.05 4.96
N MET D 299 9.38 24.10 6.10
CA MET D 299 8.82 23.44 7.28
C MET D 299 7.62 24.19 7.87
N ILE D 300 7.49 25.50 7.62
CA ILE D 300 6.31 26.18 8.15
C ILE D 300 5.17 26.16 7.15
N LEU D 301 5.53 26.04 5.87
CA LEU D 301 4.53 25.88 4.83
C LEU D 301 3.93 24.48 4.87
N HIS D 302 4.72 23.51 5.32
CA HIS D 302 4.24 22.13 5.35
C HIS D 302 4.47 21.47 6.69
N PRO D 303 3.71 21.90 7.72
CA PRO D 303 3.87 21.45 9.12
C PRO D 303 3.79 19.93 9.27
N ASP D 304 2.98 19.29 8.43
CA ASP D 304 2.85 17.84 8.45
C ASP D 304 4.22 17.17 8.20
N VAL D 305 4.99 17.71 7.27
CA VAL D 305 6.35 17.21 7.06
C VAL D 305 7.22 17.47 8.28
N GLN D 306 7.18 18.70 8.79
CA GLN D 306 7.93 19.08 9.99
C GLN D 306 7.67 18.10 11.14
N ARG D 307 6.41 17.79 11.40
CA ARG D 307 6.06 16.87 12.49
C ARG D 307 6.53 15.44 12.20
N ARG D 308 6.51 15.00 10.95
CA ARG D 308 7.04 13.68 10.65
C ARG D 308 8.56 13.64 10.86
N VAL D 309 9.27 14.71 10.50
CA VAL D 309 10.69 14.79 10.83
C VAL D 309 10.93 14.79 12.34
N GLN D 310 10.08 15.49 13.08
CA GLN D 310 10.22 15.58 14.53
C GLN D 310 9.90 14.26 15.21
N GLN D 311 8.97 13.50 14.63
CA GLN D 311 8.67 12.18 15.15
C GLN D 311 9.86 11.26 14.93
N GLU D 312 10.51 11.39 13.77
CA GLU D 312 11.66 10.54 13.45
C GLU D 312 12.83 10.88 14.35
N ILE D 313 13.03 12.17 14.59
CA ILE D 313 14.05 12.63 15.53
C ILE D 313 13.85 12.00 16.92
N ASP D 314 12.62 12.07 17.45
CA ASP D 314 12.31 11.47 18.76
C ASP D 314 12.55 9.96 18.81
N ASP D 315 12.17 9.27 17.74
CA ASP D 315 12.28 7.82 17.70
C ASP D 315 13.72 7.33 17.57
N VAL D 316 14.59 8.15 16.98
CA VAL D 316 15.97 7.74 16.72
C VAL D 316 16.97 8.37 17.71
N ILE D 317 16.80 9.66 17.96
CA ILE D 317 17.74 10.43 18.76
C ILE D 317 17.18 10.73 20.15
N GLY D 318 15.95 11.24 20.21
CA GLY D 318 15.36 11.70 21.45
C GLY D 318 15.43 13.21 21.54
N GLN D 319 15.06 13.76 22.70
CA GLN D 319 15.13 15.22 22.89
C GLN D 319 16.14 15.62 23.97
N VAL D 320 17.17 14.79 24.17
CA VAL D 320 18.22 15.08 25.14
C VAL D 320 19.57 15.29 24.45
N ARG D 321 20.13 14.21 23.89
CA ARG D 321 21.44 14.27 23.26
C ARG D 321 21.37 15.00 21.92
N ARG D 322 22.49 15.60 21.55
CA ARG D 322 22.63 16.26 20.27
C ARG D 322 22.61 15.22 19.14
N PRO D 323 22.05 15.59 17.99
CA PRO D 323 22.20 14.77 16.78
C PRO D 323 23.67 14.63 16.41
N GLU D 324 24.02 13.48 15.84
CA GLU D 324 25.37 13.24 15.33
C GLU D 324 25.23 12.76 13.91
N MET D 325 26.32 12.81 13.14
CA MET D 325 26.29 12.33 11.76
C MET D 325 25.88 10.86 11.66
N GLY D 326 26.14 10.10 12.72
CA GLY D 326 25.79 8.69 12.74
C GLY D 326 24.29 8.45 12.69
N ASP D 327 23.51 9.43 13.12
CA ASP D 327 22.05 9.32 13.16
C ASP D 327 21.41 9.42 11.75
N GLN D 328 22.16 9.88 10.77
CA GLN D 328 21.59 10.11 9.42
C GLN D 328 21.23 8.81 8.73
N ALA D 329 22.12 7.82 8.86
CA ALA D 329 21.92 6.51 8.27
C ALA D 329 20.61 5.87 8.74
N HIS D 330 20.15 6.26 9.93
CA HIS D 330 18.91 5.71 10.48
C HIS D 330 17.79 6.73 10.43
N MET D 331 17.93 7.76 9.58
CA MET D 331 16.88 8.76 9.49
C MET D 331 16.51 9.06 8.04
N PRO D 332 15.95 8.05 7.34
CA PRO D 332 15.64 8.11 5.90
C PRO D 332 14.70 9.26 5.54
N TYR D 333 13.71 9.52 6.40
CA TYR D 333 12.73 10.54 6.08
C TYR D 333 13.37 11.93 6.17
N THR D 334 14.08 12.20 7.26
CA THR D 334 14.78 13.47 7.41
C THR D 334 15.81 13.67 6.30
N THR D 335 16.47 12.60 5.87
CA THR D 335 17.47 12.69 4.80
C THR D 335 16.78 13.08 3.50
N ALA D 336 15.63 12.44 3.24
CA ALA D 336 14.84 12.75 2.06
C ALA D 336 14.28 14.18 2.10
N VAL D 337 13.81 14.63 3.27
CA VAL D 337 13.29 16.00 3.39
C VAL D 337 14.39 17.02 3.07
N ILE D 338 15.57 16.82 3.62
CA ILE D 338 16.72 17.69 3.38
C ILE D 338 17.09 17.66 1.90
N HIS D 339 17.10 16.47 1.31
CA HIS D 339 17.36 16.38 -0.11
C HIS D 339 16.30 17.12 -0.92
N GLU D 340 15.04 17.11 -0.46
CA GLU D 340 13.97 17.74 -1.21
C GLU D 340 14.03 19.25 -1.04
N VAL D 341 14.51 19.70 0.11
CA VAL D 341 14.73 21.13 0.30
C VAL D 341 15.74 21.61 -0.74
N GLN D 342 16.82 20.87 -0.91
CA GLN D 342 17.82 21.25 -1.89
C GLN D 342 17.27 21.19 -3.31
N ARG D 343 16.47 20.18 -3.62
CA ARG D 343 15.90 20.06 -4.97
C ARG D 343 14.93 21.18 -5.30
N PHE D 344 14.01 21.42 -4.36
CA PHE D 344 13.00 22.47 -4.50
C PHE D 344 13.62 23.84 -4.39
N GLY D 345 14.54 24.01 -3.44
CA GLY D 345 15.18 25.30 -3.24
C GLY D 345 15.92 25.71 -4.50
N ASP D 346 16.68 24.78 -5.07
CA ASP D 346 17.24 24.95 -6.42
C ASP D 346 18.02 26.28 -6.46
N ILE D 347 18.89 26.46 -5.45
CA ILE D 347 19.46 27.77 -5.13
C ILE D 347 20.55 28.25 -6.09
N VAL D 348 21.13 27.34 -6.86
CA VAL D 348 22.10 27.73 -7.88
C VAL D 348 21.60 27.28 -9.24
N PRO D 349 20.55 27.94 -9.75
CA PRO D 349 19.76 27.47 -10.90
C PRO D 349 20.56 27.23 -12.18
N LEU D 350 21.42 28.19 -12.53
CA LEU D 350 22.28 28.10 -13.70
C LEU D 350 23.73 27.69 -13.37
N GLY D 351 23.93 27.11 -12.20
CA GLY D 351 25.25 26.67 -11.76
C GLY D 351 26.34 27.74 -11.81
N VAL D 352 27.59 27.31 -11.99
CA VAL D 352 28.69 28.23 -12.26
C VAL D 352 29.26 27.92 -13.65
N THR D 353 29.58 28.95 -14.43
CA THR D 353 29.93 28.72 -15.81
C THR D 353 31.25 27.96 -15.96
N HIS D 354 31.28 27.05 -16.93
CA HIS D 354 32.49 26.36 -17.33
C HIS D 354 33.01 26.91 -18.66
N MET D 355 34.17 26.42 -19.08
CA MET D 355 34.67 26.69 -20.43
C MET D 355 35.28 25.40 -20.97
N THR D 356 35.21 25.20 -22.27
CA THR D 356 35.83 24.03 -22.88
C THR D 356 37.30 24.31 -23.19
N SER D 357 38.15 23.32 -22.88
CA SER D 357 39.59 23.41 -23.10
C SER D 357 39.97 22.90 -24.49
N ARG D 358 39.09 22.10 -25.08
CA ARG D 358 39.30 21.54 -26.41
C ARG D 358 37.96 21.40 -27.13
N ASP D 359 38.01 21.03 -28.41
CA ASP D 359 36.80 20.67 -29.14
C ASP D 359 36.20 19.41 -28.54
N ILE D 360 34.90 19.42 -28.32
CA ILE D 360 34.19 18.26 -27.83
C ILE D 360 32.85 18.08 -28.52
N GLU D 361 32.20 16.98 -28.18
CA GLU D 361 30.95 16.63 -28.82
C GLU D 361 29.95 16.23 -27.77
N VAL D 362 28.87 17.00 -27.68
CA VAL D 362 27.77 16.67 -26.79
C VAL D 362 26.49 16.48 -27.60
N GLN D 363 25.90 15.30 -27.45
CA GLN D 363 24.69 14.93 -28.18
C GLN D 363 24.76 15.23 -29.67
N GLY D 364 25.82 14.77 -30.32
CA GLY D 364 25.96 14.94 -31.75
C GLY D 364 26.43 16.32 -32.20
N PHE D 365 26.38 17.29 -31.30
CA PHE D 365 26.79 18.65 -31.65
C PHE D 365 28.26 18.88 -31.33
N ARG D 366 28.90 19.79 -32.06
CA ARG D 366 30.31 20.06 -31.89
C ARG D 366 30.48 21.33 -31.08
N ILE D 367 31.25 21.25 -30.00
CA ILE D 367 31.50 22.40 -29.14
C ILE D 367 32.93 22.88 -29.28
N PRO D 368 33.11 24.02 -29.96
CA PRO D 368 34.45 24.57 -30.20
C PRO D 368 35.18 24.87 -28.88
N LYS D 369 36.48 24.65 -28.87
CA LYS D 369 37.32 25.03 -27.74
C LYS D 369 37.09 26.49 -27.36
N GLY D 370 37.14 26.80 -26.06
CA GLY D 370 36.98 28.16 -25.59
C GLY D 370 35.53 28.63 -25.54
N THR D 371 34.60 27.68 -25.59
CA THR D 371 33.17 27.98 -25.48
C THR D 371 32.71 28.03 -24.02
N THR D 372 31.99 29.09 -23.66
CA THR D 372 31.40 29.18 -22.33
C THR D 372 30.25 28.19 -22.21
N LEU D 373 30.27 27.37 -21.14
CA LEU D 373 29.18 26.45 -20.88
C LEU D 373 28.32 26.88 -19.68
N ILE D 374 27.01 26.94 -19.89
CA ILE D 374 26.08 27.11 -18.77
C ILE D 374 25.45 25.75 -18.49
N THR D 375 25.66 25.23 -17.29
CA THR D 375 24.96 24.04 -16.84
C THR D 375 23.62 24.43 -16.23
N ASN D 376 22.51 24.07 -16.87
CA ASN D 376 21.20 24.39 -16.33
C ASN D 376 20.78 23.37 -15.27
N LEU D 377 21.31 23.53 -14.06
CA LEU D 377 21.08 22.58 -12.96
C LEU D 377 19.61 22.55 -12.58
N SER D 378 18.99 23.72 -12.62
CA SER D 378 17.54 23.83 -12.48
C SER D 378 16.79 22.85 -13.39
N SER D 379 17.16 22.78 -14.67
CA SER D 379 16.44 21.90 -15.59
C SER D 379 16.66 20.43 -15.23
N VAL D 380 17.67 20.15 -14.42
CA VAL D 380 17.91 18.78 -13.97
C VAL D 380 17.13 18.51 -12.67
N LEU D 381 17.25 19.43 -11.73
CA LEU D 381 16.50 19.34 -10.49
C LEU D 381 14.99 19.36 -10.69
N LYS D 382 14.52 19.90 -11.81
CA LYS D 382 13.08 20.07 -12.06
C LYS D 382 12.62 19.33 -13.33
N ASP D 383 13.38 18.32 -13.73
CA ASP D 383 13.12 17.56 -14.96
C ASP D 383 11.76 16.86 -14.89
N GLU D 384 10.87 17.20 -15.81
CA GLU D 384 9.50 16.69 -15.80
C GLU D 384 9.38 15.18 -16.01
N ALA D 385 10.47 14.55 -16.45
CA ALA D 385 10.48 13.12 -16.76
C ALA D 385 11.27 12.30 -15.73
N VAL D 386 11.73 12.94 -14.67
CA VAL D 386 12.39 12.22 -13.58
C VAL D 386 11.57 12.34 -12.29
N TRP D 387 11.09 13.54 -12.00
CA TRP D 387 10.40 13.81 -10.73
C TRP D 387 8.88 13.82 -10.92
N GLU D 388 8.18 13.06 -10.09
CA GLU D 388 6.73 13.01 -10.13
C GLU D 388 6.08 14.39 -10.05
N LYS D 389 6.60 15.21 -9.14
CA LYS D 389 6.05 16.54 -8.91
C LYS D 389 7.15 17.61 -8.89
N PRO D 390 7.73 17.92 -10.07
CA PRO D 390 8.89 18.81 -10.17
C PRO D 390 8.73 20.18 -9.52
N PHE D 391 7.52 20.75 -9.54
CA PHE D 391 7.34 22.11 -9.03
C PHE D 391 6.65 22.08 -7.68
N ARG D 392 6.72 20.95 -7.02
CA ARG D 392 6.08 20.84 -5.71
C ARG D 392 7.06 20.27 -4.66
N PHE D 393 6.97 20.75 -3.42
CA PHE D 393 7.75 20.20 -2.32
C PHE D 393 7.20 18.83 -1.91
N HIS D 394 7.97 17.78 -2.18
CA HIS D 394 7.47 16.41 -2.17
C HIS D 394 8.60 15.46 -1.75
N PRO D 395 8.79 15.27 -0.44
CA PRO D 395 9.89 14.46 0.09
C PRO D 395 9.91 13.05 -0.50
N GLU D 396 8.74 12.56 -0.93
CA GLU D 396 8.65 11.21 -1.46
C GLU D 396 9.46 11.02 -2.76
N HIS D 397 10.00 12.11 -3.30
CA HIS D 397 10.96 12.02 -4.41
C HIS D 397 12.19 11.22 -4.02
N PHE D 398 12.46 11.16 -2.71
CA PHE D 398 13.68 10.53 -2.25
C PHE D 398 13.37 9.31 -1.38
N LEU D 399 12.18 8.77 -1.56
CA LEU D 399 11.74 7.60 -0.79
C LEU D 399 11.12 6.56 -1.71
N ASP D 400 11.47 5.29 -1.51
CA ASP D 400 10.82 4.21 -2.27
C ASP D 400 9.54 3.79 -1.55
N ALA D 401 8.89 2.75 -2.07
CA ALA D 401 7.63 2.27 -1.51
C ALA D 401 7.85 1.64 -0.13
N GLN D 402 9.11 1.36 0.16
CA GLN D 402 9.53 0.71 1.40
C GLN D 402 9.97 1.75 2.46
N GLY D 403 9.94 3.02 2.10
CA GLY D 403 10.34 4.09 3.02
C GLY D 403 11.85 4.27 3.15
N HIS D 404 12.60 3.60 2.27
CA HIS D 404 14.06 3.75 2.28
C HIS D 404 14.49 4.99 1.50
N PHE D 405 15.61 5.58 1.91
CA PHE D 405 16.11 6.74 1.20
C PHE D 405 16.76 6.34 -0.12
N VAL D 406 16.35 7.00 -1.20
CA VAL D 406 16.93 6.72 -2.50
C VAL D 406 17.22 8.05 -3.19
N LYS D 407 18.48 8.21 -3.58
CA LYS D 407 18.89 9.43 -4.25
C LYS D 407 18.96 9.21 -5.75
N PRO D 408 18.01 9.77 -6.50
CA PRO D 408 18.00 9.71 -7.98
C PRO D 408 19.23 10.37 -8.58
N GLU D 409 19.61 9.94 -9.77
CA GLU D 409 20.78 10.48 -10.45
C GLU D 409 20.61 11.97 -10.79
N ALA D 410 19.38 12.42 -10.94
CA ALA D 410 19.11 13.81 -11.30
C ALA D 410 19.26 14.76 -10.12
N PHE D 411 19.61 14.23 -8.95
CA PHE D 411 19.91 15.11 -7.82
C PHE D 411 21.31 15.65 -8.01
N LEU D 412 21.42 16.77 -8.72
CA LEU D 412 22.72 17.40 -8.97
C LEU D 412 22.86 18.85 -8.47
N PRO D 413 22.46 19.14 -7.21
CA PRO D 413 22.58 20.53 -6.76
C PRO D 413 24.01 21.02 -6.61
N PHE D 414 24.94 20.08 -6.54
CA PHE D 414 26.34 20.40 -6.37
C PHE D 414 27.09 20.33 -7.70
N SER D 415 26.34 20.17 -8.80
CA SER D 415 26.88 19.97 -10.15
C SER D 415 27.53 18.60 -10.27
N ALA D 416 28.42 18.43 -11.25
CA ALA D 416 29.07 17.16 -11.49
C ALA D 416 30.48 17.33 -12.07
N GLY D 417 31.23 16.23 -12.14
CA GLY D 417 32.56 16.24 -12.73
C GLY D 417 33.63 16.87 -11.87
N ARG D 418 34.75 17.21 -12.51
CA ARG D 418 35.96 17.70 -11.84
C ARG D 418 35.76 18.99 -11.03
N ARG D 419 34.79 19.81 -11.42
CA ARG D 419 34.53 21.08 -10.72
C ARG D 419 33.36 21.04 -9.75
N ALA D 420 32.69 19.89 -9.64
CA ALA D 420 31.56 19.78 -8.69
C ALA D 420 32.02 20.27 -7.31
N CYS D 421 31.08 20.84 -6.55
CA CYS D 421 31.37 21.46 -5.26
C CYS D 421 32.30 20.60 -4.44
N LEU D 422 33.43 21.17 -3.99
CA LEU D 422 34.33 20.45 -3.09
C LEU D 422 33.83 20.57 -1.65
N GLY D 423 32.86 21.45 -1.43
CA GLY D 423 32.31 21.61 -0.09
C GLY D 423 31.16 20.67 0.23
N GLU D 424 30.87 19.75 -0.69
CA GLU D 424 29.68 18.89 -0.54
C GLU D 424 29.68 18.10 0.78
N PRO D 425 30.77 17.37 1.09
CA PRO D 425 30.75 16.69 2.39
C PRO D 425 30.52 17.63 3.56
N LEU D 426 31.09 18.83 3.52
CA LEU D 426 30.85 19.76 4.58
C LEU D 426 29.39 20.27 4.54
N ALA D 427 28.90 20.62 3.36
CA ALA D 427 27.51 21.06 3.23
C ALA D 427 26.52 20.02 3.75
N ARG D 428 26.68 18.75 3.35
CA ARG D 428 25.83 17.68 3.87
C ARG D 428 25.85 17.69 5.41
N MET D 429 27.06 17.78 5.99
CA MET D 429 27.20 17.75 7.46
C MET D 429 26.45 18.90 8.10
N GLU D 430 26.65 20.11 7.58
CA GLU D 430 26.00 21.28 8.12
C GLU D 430 24.47 21.21 8.01
N LEU D 431 23.94 20.89 6.81
CA LEU D 431 22.49 20.78 6.62
C LEU D 431 21.89 19.79 7.60
N PHE D 432 22.45 18.59 7.70
CA PHE D 432 21.86 17.59 8.58
C PHE D 432 21.89 17.99 10.05
N LEU D 433 23.00 18.58 10.50
CA LEU D 433 23.16 18.89 11.91
C LEU D 433 22.41 20.17 12.32
N PHE D 434 22.45 21.21 11.49
CA PHE D 434 21.71 22.43 11.79
C PHE D 434 20.20 22.21 11.68
N PHE D 435 19.77 21.41 10.70
CA PHE D 435 18.33 21.21 10.45
C PHE D 435 17.74 20.35 11.57
N THR D 436 18.40 19.24 11.88
CA THR D 436 17.87 18.34 12.89
C THR D 436 17.93 18.95 14.28
N SER D 437 18.99 19.68 14.58
CA SER D 437 19.10 20.34 15.88
C SER D 437 17.97 21.32 16.08
N LEU D 438 17.68 22.11 15.07
CA LEU D 438 16.62 23.10 15.17
C LEU D 438 15.23 22.45 15.30
N LEU D 439 14.94 21.42 14.50
CA LEU D 439 13.64 20.78 14.55
C LEU D 439 13.49 19.91 15.78
N GLN D 440 14.61 19.46 16.33
CA GLN D 440 14.60 18.69 17.57
C GLN D 440 14.02 19.50 18.71
N HIS D 441 14.47 20.74 18.86
CA HIS D 441 14.06 21.51 20.02
C HIS D 441 12.96 22.52 19.73
N PHE D 442 12.80 22.92 18.47
CA PHE D 442 11.76 23.90 18.14
C PHE D 442 10.65 23.35 17.26
N SER D 443 9.45 23.86 17.50
CA SER D 443 8.34 23.73 16.58
C SER D 443 8.24 25.03 15.80
N PHE D 444 8.28 24.96 14.49
CA PHE D 444 8.29 26.18 13.70
C PHE D 444 6.93 26.39 13.05
N SER D 445 6.47 27.63 12.98
CA SER D 445 5.17 27.92 12.41
C SER D 445 5.10 29.30 11.79
N VAL D 446 4.21 29.48 10.81
CA VAL D 446 3.87 30.82 10.37
C VAL D 446 3.20 31.53 11.53
N PRO D 447 3.53 32.82 11.74
CA PRO D 447 2.92 33.60 12.83
C PRO D 447 1.43 33.78 12.60
N THR D 448 0.60 33.43 13.60
CA THR D 448 -0.86 33.49 13.43
C THR D 448 -1.29 34.84 12.91
N GLY D 449 -2.24 34.83 11.99
CA GLY D 449 -2.80 36.06 11.45
C GLY D 449 -2.11 36.55 10.19
N GLN D 450 -0.81 36.29 10.11
CA GLN D 450 -0.04 36.64 8.93
C GLN D 450 -0.39 35.69 7.77
N PRO D 451 -0.21 36.17 6.53
CA PRO D 451 -0.55 35.32 5.37
C PRO D 451 0.52 34.29 5.09
N ARG D 452 0.11 33.15 4.54
CA ARG D 452 1.02 32.10 4.12
C ARG D 452 2.14 32.69 3.24
N PRO D 453 3.41 32.52 3.65
CA PRO D 453 4.55 33.06 2.90
C PRO D 453 4.73 32.40 1.52
N SER D 454 5.14 33.18 0.52
CA SER D 454 5.34 32.66 -0.83
C SER D 454 6.35 31.50 -0.93
N HIS D 455 6.01 30.51 -1.77
CA HIS D 455 6.89 29.41 -2.15
C HIS D 455 7.94 29.89 -3.17
N HIS D 456 7.62 30.99 -3.83
CA HIS D 456 8.38 31.41 -5.01
C HIS D 456 9.67 32.16 -4.67
N GLY D 457 10.79 31.69 -5.22
CA GLY D 457 12.03 32.42 -5.12
C GLY D 457 12.28 33.32 -6.32
N VAL D 458 12.78 34.52 -6.08
CA VAL D 458 13.09 35.40 -7.20
C VAL D 458 14.33 34.89 -7.94
N PHE D 459 14.22 34.75 -9.25
CA PHE D 459 15.33 34.22 -10.01
C PHE D 459 16.55 35.13 -9.92
N ALA D 460 17.70 34.50 -9.74
CA ALA D 460 18.98 35.15 -9.61
C ALA D 460 20.03 34.06 -9.75
N PHE D 461 21.31 34.42 -9.63
CA PHE D 461 22.36 33.43 -9.71
C PHE D 461 22.35 32.61 -8.45
N LEU D 462 22.05 33.28 -7.34
CA LEU D 462 21.79 32.60 -6.08
C LEU D 462 20.32 32.87 -5.82
N VAL D 463 19.50 31.82 -5.70
CA VAL D 463 18.07 31.98 -5.51
C VAL D 463 17.68 31.71 -4.07
N SER D 464 17.14 32.73 -3.41
CA SER D 464 16.78 32.58 -2.01
C SER D 464 15.30 32.79 -1.82
N PRO D 465 14.75 32.26 -0.72
CA PRO D 465 13.32 32.45 -0.48
C PRO D 465 12.97 33.89 -0.22
N SER D 466 11.73 34.25 -0.49
CA SER D 466 11.26 35.60 -0.25
C SER D 466 11.23 35.84 1.24
N PRO D 467 11.48 37.08 1.65
CA PRO D 467 11.49 37.43 3.08
C PRO D 467 10.26 36.88 3.79
N TYR D 468 10.46 36.26 4.95
CA TYR D 468 9.36 35.64 5.71
C TYR D 468 9.72 35.64 7.18
N GLU D 469 8.72 35.65 8.04
CA GLU D 469 8.99 35.56 9.47
C GLU D 469 8.52 34.21 9.96
N LEU D 470 9.07 33.74 11.07
CA LEU D 470 8.53 32.52 11.68
C LEU D 470 8.49 32.63 13.19
N CYS D 471 7.64 31.82 13.82
CA CYS D 471 7.67 31.65 15.26
C CYS D 471 8.36 30.33 15.58
N ALA D 472 9.18 30.34 16.61
CA ALA D 472 9.90 29.15 17.02
C ALA D 472 9.62 28.89 18.49
N VAL D 473 8.86 27.82 18.76
CA VAL D 473 8.49 27.53 20.14
C VAL D 473 9.07 26.19 20.59
N PRO D 474 9.65 26.18 21.79
CA PRO D 474 10.26 24.98 22.39
C PRO D 474 9.26 23.81 22.51
N ARG D 475 9.72 22.62 22.15
CA ARG D 475 8.87 21.43 22.20
C ARG D 475 8.84 20.76 23.57
#